data_8CV6
# 
_entry.id   8CV6 
# 
_audit_conform.dict_name       mmcif_pdbx.dic 
_audit_conform.dict_version    5.382 
_audit_conform.dict_location   http://mmcif.pdb.org/dictionaries/ascii/mmcif_pdbx.dic 
# 
loop_
_database_2.database_id 
_database_2.database_code 
_database_2.pdbx_database_accession 
_database_2.pdbx_DOI 
PDB   8CV6         pdb_00008cv6 10.2210/pdb8cv6/pdb 
WWPDB D_1000264330 ?            ?                   
# 
_pdbx_database_status.status_code                     REL 
_pdbx_database_status.status_code_sf                  REL 
_pdbx_database_status.status_code_mr                  ? 
_pdbx_database_status.entry_id                        8CV6 
_pdbx_database_status.recvd_initial_deposition_date   2022-05-18 
_pdbx_database_status.SG_entry                        N 
_pdbx_database_status.deposit_site                    RCSB 
_pdbx_database_status.process_site                    RCSB 
_pdbx_database_status.status_code_cs                  ? 
_pdbx_database_status.status_code_nmr_data            ? 
_pdbx_database_status.methods_development_category    ? 
_pdbx_database_status.pdb_format_compatible           Y 
# 
loop_
_audit_author.name 
_audit_author.pdbx_ordinal 
_audit_author.identifier_ORCID 
'Franck, C.'   1 ? 
'Mackay, J.P.' 2 ? 
# 
_citation.abstract                  ? 
_citation.abstract_id_CAS           ? 
_citation.book_id_ISBN              ? 
_citation.book_publisher            ? 
_citation.book_publisher_city       ? 
_citation.book_title                ? 
_citation.coordinate_linkage        ? 
_citation.country                   UK 
_citation.database_id_Medline       ? 
_citation.details                   ? 
_citation.id                        primary 
_citation.journal_abbrev            Structure 
_citation.journal_id_ASTM           STRUE6 
_citation.journal_id_CSD            2005 
_citation.journal_id_ISSN           0969-2126 
_citation.journal_full              ? 
_citation.journal_issue             ? 
_citation.journal_volume            31 
_citation.language                  ? 
_citation.page_first                912 
_citation.page_last                 923.e4 
_citation.title                     
'Discovery and characterization of cyclic peptides selective for the C-terminal bromodomains of BET family proteins.' 
_citation.year                      2023 
_citation.database_id_CSD           ? 
_citation.pdbx_database_id_DOI      10.1016/j.str.2023.05.009 
_citation.pdbx_database_id_PubMed   37269828 
_citation.pdbx_database_id_patent   ? 
_citation.unpublished_flag          ? 
# 
loop_
_citation_author.citation_id 
_citation_author.name 
_citation_author.ordinal 
_citation_author.identifier_ORCID 
primary 'Franck, C.'    1 ? 
primary 'Patel, K.'     2 ? 
primary 'Walport, L.J.' 3 ? 
primary 'Christie, M.'  4 ? 
primary 'Norman, A.'    5 ? 
primary 'Passioura, T.' 6 ? 
primary 'Suga, H.'      7 ? 
primary 'Payne, R.J.'   8 ? 
primary 'Mackay, J.P.'  9 ? 
# 
_cell.angle_alpha                  90.000 
_cell.angle_alpha_esd              ? 
_cell.angle_beta                   100.606 
_cell.angle_beta_esd               ? 
_cell.angle_gamma                  90.000 
_cell.angle_gamma_esd              ? 
_cell.entry_id                     8CV6 
_cell.details                      ? 
_cell.formula_units_Z              ? 
_cell.length_a                     29.442 
_cell.length_a_esd                 ? 
_cell.length_b                     59.636 
_cell.length_b_esd                 ? 
_cell.length_c                     36.269 
_cell.length_c_esd                 ? 
_cell.volume                       62593.298 
_cell.volume_esd                   ? 
_cell.Z_PDB                        2 
_cell.reciprocal_angle_alpha       ? 
_cell.reciprocal_angle_beta        ? 
_cell.reciprocal_angle_gamma       ? 
_cell.reciprocal_angle_alpha_esd   ? 
_cell.reciprocal_angle_beta_esd    ? 
_cell.reciprocal_angle_gamma_esd   ? 
_cell.reciprocal_length_a          ? 
_cell.reciprocal_length_b          ? 
_cell.reciprocal_length_c          ? 
_cell.reciprocal_length_a_esd      ? 
_cell.reciprocal_length_b_esd      ? 
_cell.reciprocal_length_c_esd      ? 
_cell.pdbx_unique_axis             ? 
_cell.pdbx_esd_method              ? 
# 
_symmetry.entry_id                         8CV6 
_symmetry.cell_setting                     ? 
_symmetry.Int_Tables_number                4 
_symmetry.space_group_name_Hall            'P 2yb' 
_symmetry.space_group_name_H-M             'P 1 21 1' 
_symmetry.pdbx_full_space_group_name_H-M   ? 
# 
loop_
_entity.id 
_entity.type 
_entity.src_method 
_entity.pdbx_description 
_entity.formula_weight 
_entity.pdbx_number_of_molecules 
_entity.pdbx_ec 
_entity.pdbx_mutation 
_entity.pdbx_fragment 
_entity.details 
1 polymer     man 'BRD4 protein' 14058.205 1   ? ? 'BD2 (UNP residues 347-464)' ? 
2 polymer     syn 'Peptide 4.2E' 2233.630  1   ? ? ?                            ? 
3 non-polymer syn 'ACETYL GROUP' 44.053    1   ? ? ?                            ? 
4 non-polymer syn 'AMINO GROUP'  16.023    1   ? ? ?                            ? 
5 water       nat water          18.015    102 ? ? ?                            ? 
# 
loop_
_entity_poly.entity_id 
_entity_poly.type 
_entity_poly.nstd_linkage 
_entity_poly.nstd_monomer 
_entity_poly.pdbx_seq_one_letter_code 
_entity_poly.pdbx_seq_one_letter_code_can 
_entity_poly.pdbx_strand_id 
_entity_poly.pdbx_target_identifier 
1 'polypeptide(L)' no no  
;GPLGSSKVSEQLKCCSGILKEMFAKKHAAYAWPFYKPVDVEALGLHDYCDIIKHPMDMSTIKSKLEAREYRDAQEFGADV
RLMFSNCYKYNPPDHEVVAMARKLQDVFEMRFAKMPDEPEEP
;
;GPLGSSKVSEQLKCCSGILKEMFAKKHAAYAWPFYKPVDVEALGLHDYCDIIKHPMDMSTIKSKLEAREYRDAQEFGADV
RLMFSNCYKYNPPDHEVVAMARKLQDVFEMRFAKMPDEPEEP
;
A ? 
2 'polypeptide(L)' no yes 'WYDVFLTR(ALY)YG(ALY)(ALY)KVAC' WYDVFLTRKYGKKKVAC B ? 
# 
loop_
_entity_poly_seq.entity_id 
_entity_poly_seq.num 
_entity_poly_seq.mon_id 
_entity_poly_seq.hetero 
1 1   GLY n 
1 2   PRO n 
1 3   LEU n 
1 4   GLY n 
1 5   SER n 
1 6   SER n 
1 7   LYS n 
1 8   VAL n 
1 9   SER n 
1 10  GLU n 
1 11  GLN n 
1 12  LEU n 
1 13  LYS n 
1 14  CYS n 
1 15  CYS n 
1 16  SER n 
1 17  GLY n 
1 18  ILE n 
1 19  LEU n 
1 20  LYS n 
1 21  GLU n 
1 22  MET n 
1 23  PHE n 
1 24  ALA n 
1 25  LYS n 
1 26  LYS n 
1 27  HIS n 
1 28  ALA n 
1 29  ALA n 
1 30  TYR n 
1 31  ALA n 
1 32  TRP n 
1 33  PRO n 
1 34  PHE n 
1 35  TYR n 
1 36  LYS n 
1 37  PRO n 
1 38  VAL n 
1 39  ASP n 
1 40  VAL n 
1 41  GLU n 
1 42  ALA n 
1 43  LEU n 
1 44  GLY n 
1 45  LEU n 
1 46  HIS n 
1 47  ASP n 
1 48  TYR n 
1 49  CYS n 
1 50  ASP n 
1 51  ILE n 
1 52  ILE n 
1 53  LYS n 
1 54  HIS n 
1 55  PRO n 
1 56  MET n 
1 57  ASP n 
1 58  MET n 
1 59  SER n 
1 60  THR n 
1 61  ILE n 
1 62  LYS n 
1 63  SER n 
1 64  LYS n 
1 65  LEU n 
1 66  GLU n 
1 67  ALA n 
1 68  ARG n 
1 69  GLU n 
1 70  TYR n 
1 71  ARG n 
1 72  ASP n 
1 73  ALA n 
1 74  GLN n 
1 75  GLU n 
1 76  PHE n 
1 77  GLY n 
1 78  ALA n 
1 79  ASP n 
1 80  VAL n 
1 81  ARG n 
1 82  LEU n 
1 83  MET n 
1 84  PHE n 
1 85  SER n 
1 86  ASN n 
1 87  CYS n 
1 88  TYR n 
1 89  LYS n 
1 90  TYR n 
1 91  ASN n 
1 92  PRO n 
1 93  PRO n 
1 94  ASP n 
1 95  HIS n 
1 96  GLU n 
1 97  VAL n 
1 98  VAL n 
1 99  ALA n 
1 100 MET n 
1 101 ALA n 
1 102 ARG n 
1 103 LYS n 
1 104 LEU n 
1 105 GLN n 
1 106 ASP n 
1 107 VAL n 
1 108 PHE n 
1 109 GLU n 
1 110 MET n 
1 111 ARG n 
1 112 PHE n 
1 113 ALA n 
1 114 LYS n 
1 115 MET n 
1 116 PRO n 
1 117 ASP n 
1 118 GLU n 
1 119 PRO n 
1 120 GLU n 
1 121 GLU n 
1 122 PRO n 
2 1   TRP n 
2 2   TYR n 
2 3   ASP n 
2 4   VAL n 
2 5   PHE n 
2 6   LEU n 
2 7   THR n 
2 8   ARG n 
2 9   ALY n 
2 10  TYR n 
2 11  GLY n 
2 12  ALY n 
2 13  ALY n 
2 14  LYS n 
2 15  VAL n 
2 16  ALA n 
2 17  CYS n 
# 
_entity_src_gen.entity_id                          1 
_entity_src_gen.pdbx_src_id                        1 
_entity_src_gen.pdbx_alt_source_flag               sample 
_entity_src_gen.pdbx_seq_type                      'Biological sequence' 
_entity_src_gen.pdbx_beg_seq_num                   1 
_entity_src_gen.pdbx_end_seq_num                   122 
_entity_src_gen.gene_src_common_name               human 
_entity_src_gen.gene_src_genus                     ? 
_entity_src_gen.pdbx_gene_src_gene                 BRD4 
_entity_src_gen.gene_src_species                   ? 
_entity_src_gen.gene_src_strain                    ? 
_entity_src_gen.gene_src_tissue                    ? 
_entity_src_gen.gene_src_tissue_fraction           ? 
_entity_src_gen.gene_src_details                   ? 
_entity_src_gen.pdbx_gene_src_fragment             ? 
_entity_src_gen.pdbx_gene_src_scientific_name      'Homo sapiens' 
_entity_src_gen.pdbx_gene_src_ncbi_taxonomy_id     9606 
_entity_src_gen.pdbx_gene_src_variant              ? 
_entity_src_gen.pdbx_gene_src_cell_line            ? 
_entity_src_gen.pdbx_gene_src_atcc                 ? 
_entity_src_gen.pdbx_gene_src_organ                ? 
_entity_src_gen.pdbx_gene_src_organelle            ? 
_entity_src_gen.pdbx_gene_src_cell                 ? 
_entity_src_gen.pdbx_gene_src_cellular_location    ? 
_entity_src_gen.host_org_common_name               ? 
_entity_src_gen.pdbx_host_org_scientific_name      'Escherichia coli' 
_entity_src_gen.pdbx_host_org_ncbi_taxonomy_id     562 
_entity_src_gen.host_org_genus                     ? 
_entity_src_gen.pdbx_host_org_gene                 ? 
_entity_src_gen.pdbx_host_org_organ                ? 
_entity_src_gen.host_org_species                   ? 
_entity_src_gen.pdbx_host_org_tissue               ? 
_entity_src_gen.pdbx_host_org_tissue_fraction      ? 
_entity_src_gen.pdbx_host_org_strain               ? 
_entity_src_gen.pdbx_host_org_variant              ? 
_entity_src_gen.pdbx_host_org_cell_line            ? 
_entity_src_gen.pdbx_host_org_atcc                 ? 
_entity_src_gen.pdbx_host_org_culture_collection   ? 
_entity_src_gen.pdbx_host_org_cell                 ? 
_entity_src_gen.pdbx_host_org_organelle            ? 
_entity_src_gen.pdbx_host_org_cellular_location    ? 
_entity_src_gen.pdbx_host_org_vector_type          ? 
_entity_src_gen.pdbx_host_org_vector               ? 
_entity_src_gen.host_org_details                   ? 
_entity_src_gen.expression_system_id               ? 
_entity_src_gen.plasmid_name                       ? 
_entity_src_gen.plasmid_details                    ? 
_entity_src_gen.pdbx_description                   ? 
# 
_pdbx_entity_src_syn.entity_id              2 
_pdbx_entity_src_syn.pdbx_src_id            1 
_pdbx_entity_src_syn.pdbx_alt_source_flag   sample 
_pdbx_entity_src_syn.pdbx_beg_seq_num       1 
_pdbx_entity_src_syn.pdbx_end_seq_num       17 
_pdbx_entity_src_syn.organism_scientific    'synthetic construct' 
_pdbx_entity_src_syn.organism_common_name   ? 
_pdbx_entity_src_syn.ncbi_taxonomy_id       32630 
_pdbx_entity_src_syn.details                ? 
# 
loop_
_struct_ref.id 
_struct_ref.db_name 
_struct_ref.db_code 
_struct_ref.pdbx_db_accession 
_struct_ref.pdbx_db_isoform 
_struct_ref.entity_id 
_struct_ref.pdbx_seq_one_letter_code 
_struct_ref.pdbx_align_begin 
1 UNP Q5BJ26_HUMAN Q5BJ26 ? 1 
;SSKVSEQLKCCSGILKEMFAKKHAAYAWPFYKPVDVEALGLHDYCDIIKHPMDMSTIKSKLEAREYRDAQEFGADVRLMF
SNCYKYNPPDHEVVAMARKLQDVFEMRFAKMPDEPEEP
;
347 
2 PDB 8CV6         8CV6   ? 2 ? 1   
# 
loop_
_struct_ref_seq.align_id 
_struct_ref_seq.ref_id 
_struct_ref_seq.pdbx_PDB_id_code 
_struct_ref_seq.pdbx_strand_id 
_struct_ref_seq.seq_align_beg 
_struct_ref_seq.pdbx_seq_align_beg_ins_code 
_struct_ref_seq.seq_align_end 
_struct_ref_seq.pdbx_seq_align_end_ins_code 
_struct_ref_seq.pdbx_db_accession 
_struct_ref_seq.db_align_beg 
_struct_ref_seq.pdbx_db_align_beg_ins_code 
_struct_ref_seq.db_align_end 
_struct_ref_seq.pdbx_db_align_end_ins_code 
_struct_ref_seq.pdbx_auth_seq_align_beg 
_struct_ref_seq.pdbx_auth_seq_align_end 
1 1 8CV6 A 5 ? 122 ? Q5BJ26 347 ? 464 ? 347 464 
2 2 8CV6 B 1 ? 17  ? 8CV6   1   ? 17  ? 1   17  
# 
loop_
_struct_ref_seq_dif.align_id 
_struct_ref_seq_dif.pdbx_pdb_id_code 
_struct_ref_seq_dif.mon_id 
_struct_ref_seq_dif.pdbx_pdb_strand_id 
_struct_ref_seq_dif.seq_num 
_struct_ref_seq_dif.pdbx_pdb_ins_code 
_struct_ref_seq_dif.pdbx_seq_db_name 
_struct_ref_seq_dif.pdbx_seq_db_accession_code 
_struct_ref_seq_dif.db_mon_id 
_struct_ref_seq_dif.pdbx_seq_db_seq_num 
_struct_ref_seq_dif.details 
_struct_ref_seq_dif.pdbx_auth_seq_num 
_struct_ref_seq_dif.pdbx_ordinal 
1 8CV6 GLY A 1 ? UNP Q5BJ26 ? ? 'expression tag' 343 1 
1 8CV6 PRO A 2 ? UNP Q5BJ26 ? ? 'expression tag' 344 2 
1 8CV6 LEU A 3 ? UNP Q5BJ26 ? ? 'expression tag' 345 3 
1 8CV6 GLY A 4 ? UNP Q5BJ26 ? ? 'expression tag' 346 4 
# 
loop_
_chem_comp.id 
_chem_comp.type 
_chem_comp.mon_nstd_flag 
_chem_comp.name 
_chem_comp.pdbx_synonyms 
_chem_comp.formula 
_chem_comp.formula_weight 
ACE non-polymer         . 'ACETYL GROUP'      ? 'C2 H4 O'        44.053  
ALA 'L-peptide linking' y ALANINE             ? 'C3 H7 N O2'     89.093  
ALY 'L-peptide linking' n 'N(6)-ACETYLLYSINE' ? 'C8 H16 N2 O3'   188.224 
ARG 'L-peptide linking' y ARGININE            ? 'C6 H15 N4 O2 1' 175.209 
ASN 'L-peptide linking' y ASPARAGINE          ? 'C4 H8 N2 O3'    132.118 
ASP 'L-peptide linking' y 'ASPARTIC ACID'     ? 'C4 H7 N O4'     133.103 
CYS 'L-peptide linking' y CYSTEINE            ? 'C3 H7 N O2 S'   121.158 
GLN 'L-peptide linking' y GLUTAMINE           ? 'C5 H10 N2 O3'   146.144 
GLU 'L-peptide linking' y 'GLUTAMIC ACID'     ? 'C5 H9 N O4'     147.129 
GLY 'peptide linking'   y GLYCINE             ? 'C2 H5 N O2'     75.067  
HIS 'L-peptide linking' y HISTIDINE           ? 'C6 H10 N3 O2 1' 156.162 
HOH non-polymer         . WATER               ? 'H2 O'           18.015  
ILE 'L-peptide linking' y ISOLEUCINE          ? 'C6 H13 N O2'    131.173 
LEU 'L-peptide linking' y LEUCINE             ? 'C6 H13 N O2'    131.173 
LYS 'L-peptide linking' y LYSINE              ? 'C6 H15 N2 O2 1' 147.195 
MET 'L-peptide linking' y METHIONINE          ? 'C5 H11 N O2 S'  149.211 
NH2 non-polymer         . 'AMINO GROUP'       ? 'H2 N'           16.023  
PHE 'L-peptide linking' y PHENYLALANINE       ? 'C9 H11 N O2'    165.189 
PRO 'L-peptide linking' y PROLINE             ? 'C5 H9 N O2'     115.130 
SER 'L-peptide linking' y SERINE              ? 'C3 H7 N O3'     105.093 
THR 'L-peptide linking' y THREONINE           ? 'C4 H9 N O3'     119.119 
TRP 'L-peptide linking' y TRYPTOPHAN          ? 'C11 H12 N2 O2'  204.225 
TYR 'L-peptide linking' y TYROSINE            ? 'C9 H11 N O3'    181.189 
VAL 'L-peptide linking' y VALINE              ? 'C5 H11 N O2'    117.146 
# 
_exptl.absorpt_coefficient_mu     ? 
_exptl.absorpt_correction_T_max   ? 
_exptl.absorpt_correction_T_min   ? 
_exptl.absorpt_correction_type    ? 
_exptl.absorpt_process_details    ? 
_exptl.entry_id                   8CV6 
_exptl.crystals_number            1 
_exptl.details                    ? 
_exptl.method                     'X-RAY DIFFRACTION' 
_exptl.method_details             ? 
# 
_exptl_crystal.colour                       ? 
_exptl_crystal.density_diffrn               ? 
_exptl_crystal.density_Matthews             1.91 
_exptl_crystal.density_method               ? 
_exptl_crystal.density_percent_sol          35.47 
_exptl_crystal.description                  ? 
_exptl_crystal.F_000                        ? 
_exptl_crystal.id                           1 
_exptl_crystal.preparation                  ? 
_exptl_crystal.size_max                     ? 
_exptl_crystal.size_mid                     ? 
_exptl_crystal.size_min                     ? 
_exptl_crystal.size_rad                     ? 
_exptl_crystal.colour_lustre                ? 
_exptl_crystal.colour_modifier              ? 
_exptl_crystal.colour_primary               ? 
_exptl_crystal.density_meas                 ? 
_exptl_crystal.density_meas_esd             ? 
_exptl_crystal.density_meas_gt              ? 
_exptl_crystal.density_meas_lt              ? 
_exptl_crystal.density_meas_temp            ? 
_exptl_crystal.density_meas_temp_esd        ? 
_exptl_crystal.density_meas_temp_gt         ? 
_exptl_crystal.density_meas_temp_lt         ? 
_exptl_crystal.pdbx_crystal_image_url       ? 
_exptl_crystal.pdbx_crystal_image_format    ? 
_exptl_crystal.pdbx_mosaicity               ? 
_exptl_crystal.pdbx_mosaicity_esd           ? 
_exptl_crystal.pdbx_mosaic_method           ? 
_exptl_crystal.pdbx_mosaic_block_size       ? 
_exptl_crystal.pdbx_mosaic_block_size_esd   ? 
# 
_exptl_crystal_grow.apparatus       ? 
_exptl_crystal_grow.atmosphere      ? 
_exptl_crystal_grow.crystal_id      1 
_exptl_crystal_grow.details         ? 
_exptl_crystal_grow.method          'VAPOR DIFFUSION, SITTING DROP' 
_exptl_crystal_grow.method_ref      ? 
_exptl_crystal_grow.pH              ? 
_exptl_crystal_grow.pressure        ? 
_exptl_crystal_grow.pressure_esd    ? 
_exptl_crystal_grow.seeding         ? 
_exptl_crystal_grow.seeding_ref     ? 
_exptl_crystal_grow.temp            291 
_exptl_crystal_grow.temp_details    ? 
_exptl_crystal_grow.temp_esd        ? 
_exptl_crystal_grow.time            ? 
_exptl_crystal_grow.pdbx_details    '0.1 M HEPES, pH 7.5, 30% w/v PEG1000' 
_exptl_crystal_grow.pdbx_pH_range   ? 
# 
_diffrn.ambient_environment              ? 
_diffrn.ambient_temp                     100 
_diffrn.ambient_temp_details             ? 
_diffrn.ambient_temp_esd                 ? 
_diffrn.crystal_id                       1 
_diffrn.crystal_support                  ? 
_diffrn.crystal_treatment                ? 
_diffrn.details                          ? 
_diffrn.id                               1 
_diffrn.ambient_pressure                 ? 
_diffrn.ambient_pressure_esd             ? 
_diffrn.ambient_pressure_gt              ? 
_diffrn.ambient_pressure_lt              ? 
_diffrn.ambient_temp_gt                  ? 
_diffrn.ambient_temp_lt                  ? 
_diffrn.pdbx_serial_crystal_experiment   N 
# 
_diffrn_detector.details                      ? 
_diffrn_detector.detector                     PIXEL 
_diffrn_detector.diffrn_id                    1 
_diffrn_detector.type                         'DECTRIS EIGER X 16M' 
_diffrn_detector.area_resol_mean              ? 
_diffrn_detector.dtime                        ? 
_diffrn_detector.pdbx_frames_total            ? 
_diffrn_detector.pdbx_collection_time_total   ? 
_diffrn_detector.pdbx_collection_date         2019-11-28 
_diffrn_detector.pdbx_frequency               ? 
# 
_diffrn_radiation.collimation                      ? 
_diffrn_radiation.diffrn_id                        1 
_diffrn_radiation.filter_edge                      ? 
_diffrn_radiation.inhomogeneity                    ? 
_diffrn_radiation.monochromator                    ? 
_diffrn_radiation.polarisn_norm                    ? 
_diffrn_radiation.polarisn_ratio                   ? 
_diffrn_radiation.probe                            ? 
_diffrn_radiation.type                             ? 
_diffrn_radiation.xray_symbol                      ? 
_diffrn_radiation.wavelength_id                    1 
_diffrn_radiation.pdbx_monochromatic_or_laue_m_l   M 
_diffrn_radiation.pdbx_wavelength_list             ? 
_diffrn_radiation.pdbx_wavelength                  ? 
_diffrn_radiation.pdbx_diffrn_protocol             'SINGLE WAVELENGTH' 
_diffrn_radiation.pdbx_analyzer                    ? 
_diffrn_radiation.pdbx_scattering_type             x-ray 
# 
_diffrn_radiation_wavelength.id           1 
_diffrn_radiation_wavelength.wavelength   0.953736 
_diffrn_radiation_wavelength.wt           1.0 
# 
_diffrn_source.current                     ? 
_diffrn_source.details                     ? 
_diffrn_source.diffrn_id                   1 
_diffrn_source.power                       ? 
_diffrn_source.size                        ? 
_diffrn_source.source                      SYNCHROTRON 
_diffrn_source.target                      ? 
_diffrn_source.type                        'AUSTRALIAN SYNCHROTRON BEAMLINE MX2' 
_diffrn_source.voltage                     ? 
_diffrn_source.take-off_angle              ? 
_diffrn_source.pdbx_wavelength_list        0.953736 
_diffrn_source.pdbx_wavelength             ? 
_diffrn_source.pdbx_synchrotron_beamline   MX2 
_diffrn_source.pdbx_synchrotron_site       'Australian Synchrotron' 
# 
_reflns.B_iso_Wilson_estimate                          16.68 
_reflns.entry_id                                       8CV6 
_reflns.data_reduction_details                         ? 
_reflns.data_reduction_method                          ? 
_reflns.d_resolution_high                              1.7 
_reflns.d_resolution_low                               35.65 
_reflns.details                                        ? 
_reflns.limit_h_max                                    ? 
_reflns.limit_h_min                                    ? 
_reflns.limit_k_max                                    ? 
_reflns.limit_k_min                                    ? 
_reflns.limit_l_max                                    ? 
_reflns.limit_l_min                                    ? 
_reflns.number_all                                     ? 
_reflns.number_obs                                     13420 
_reflns.observed_criterion                             ? 
_reflns.observed_criterion_F_max                       ? 
_reflns.observed_criterion_F_min                       ? 
_reflns.observed_criterion_I_max                       ? 
_reflns.observed_criterion_I_min                       ? 
_reflns.observed_criterion_sigma_F                     ? 
_reflns.observed_criterion_sigma_I                     ? 
_reflns.percent_possible_obs                           97.8 
_reflns.R_free_details                                 ? 
_reflns.Rmerge_F_all                                   ? 
_reflns.Rmerge_F_obs                                   ? 
_reflns.Friedel_coverage                               ? 
_reflns.number_gt                                      ? 
_reflns.threshold_expression                           ? 
_reflns.pdbx_redundancy                                7.1 
_reflns.pdbx_Rmerge_I_obs                              0.073 
_reflns.pdbx_Rmerge_I_all                              ? 
_reflns.pdbx_Rsym_value                                ? 
_reflns.pdbx_netI_over_av_sigmaI                       ? 
_reflns.pdbx_netI_over_sigmaI                          15.9 
_reflns.pdbx_res_netI_over_av_sigmaI_2                 ? 
_reflns.pdbx_res_netI_over_sigmaI_2                    ? 
_reflns.pdbx_chi_squared                               1.02 
_reflns.pdbx_scaling_rejects                           ? 
_reflns.pdbx_d_res_high_opt                            ? 
_reflns.pdbx_d_res_low_opt                             ? 
_reflns.pdbx_d_res_opt_method                          ? 
_reflns.phase_calculation_details                      ? 
_reflns.pdbx_Rrim_I_all                                0.085 
_reflns.pdbx_Rpim_I_all                                0.044 
_reflns.pdbx_d_opt                                     ? 
_reflns.pdbx_number_measured_all                       ? 
_reflns.pdbx_diffrn_id                                 1 
_reflns.pdbx_ordinal                                   1 
_reflns.pdbx_CC_half                                   0.999 
_reflns.pdbx_CC_star                                   ? 
_reflns.pdbx_R_split                                   ? 
_reflns.pdbx_aniso_diffraction_limit_axis_1_ortho[1]   ? 
_reflns.pdbx_aniso_diffraction_limit_axis_1_ortho[2]   ? 
_reflns.pdbx_aniso_diffraction_limit_axis_1_ortho[3]   ? 
_reflns.pdbx_aniso_diffraction_limit_axis_2_ortho[1]   ? 
_reflns.pdbx_aniso_diffraction_limit_axis_2_ortho[2]   ? 
_reflns.pdbx_aniso_diffraction_limit_axis_2_ortho[3]   ? 
_reflns.pdbx_aniso_diffraction_limit_axis_3_ortho[1]   ? 
_reflns.pdbx_aniso_diffraction_limit_axis_3_ortho[2]   ? 
_reflns.pdbx_aniso_diffraction_limit_axis_3_ortho[3]   ? 
_reflns.pdbx_aniso_diffraction_limit_1                 ? 
_reflns.pdbx_aniso_diffraction_limit_2                 ? 
_reflns.pdbx_aniso_diffraction_limit_3                 ? 
_reflns.pdbx_aniso_B_tensor_eigenvector_1_ortho[1]     ? 
_reflns.pdbx_aniso_B_tensor_eigenvector_1_ortho[2]     ? 
_reflns.pdbx_aniso_B_tensor_eigenvector_1_ortho[3]     ? 
_reflns.pdbx_aniso_B_tensor_eigenvector_2_ortho[1]     ? 
_reflns.pdbx_aniso_B_tensor_eigenvector_2_ortho[2]     ? 
_reflns.pdbx_aniso_B_tensor_eigenvector_2_ortho[3]     ? 
_reflns.pdbx_aniso_B_tensor_eigenvector_3_ortho[1]     ? 
_reflns.pdbx_aniso_B_tensor_eigenvector_3_ortho[2]     ? 
_reflns.pdbx_aniso_B_tensor_eigenvector_3_ortho[3]     ? 
_reflns.pdbx_aniso_B_tensor_eigenvalue_1               ? 
_reflns.pdbx_aniso_B_tensor_eigenvalue_2               ? 
_reflns.pdbx_aniso_B_tensor_eigenvalue_3               ? 
_reflns.pdbx_orthogonalization_convention              ? 
_reflns.pdbx_percent_possible_ellipsoidal              ? 
_reflns.pdbx_percent_possible_spherical                ? 
_reflns.pdbx_percent_possible_ellipsoidal_anomalous    ? 
_reflns.pdbx_percent_possible_spherical_anomalous      ? 
_reflns.pdbx_redundancy_anomalous                      ? 
_reflns.pdbx_CC_half_anomalous                         ? 
_reflns.pdbx_absDiff_over_sigma_anomalous              ? 
_reflns.pdbx_percent_possible_anomalous                ? 
_reflns.pdbx_observed_signal_threshold                 ? 
_reflns.pdbx_signal_type                               ? 
_reflns.pdbx_signal_details                            ? 
_reflns.pdbx_signal_software_id                        ? 
_reflns.pdbx_CC_split_method                           ? 
# 
_reflns_shell.d_res_high                                    1.70 
_reflns_shell.d_res_low                                     1.73 
_reflns_shell.meanI_over_sigI_all                           ? 
_reflns_shell.meanI_over_sigI_obs                           3.0 
_reflns_shell.number_measured_all                           ? 
_reflns_shell.number_measured_obs                           ? 
_reflns_shell.number_possible                               ? 
_reflns_shell.number_unique_all                             ? 
_reflns_shell.number_unique_obs                             4431 
_reflns_shell.percent_possible_all                          93.0 
_reflns_shell.percent_possible_obs                          ? 
_reflns_shell.Rmerge_F_all                                  ? 
_reflns_shell.Rmerge_F_obs                                  ? 
_reflns_shell.Rmerge_I_all                                  ? 
_reflns_shell.Rmerge_I_obs                                  0.566 
_reflns_shell.meanI_over_sigI_gt                            ? 
_reflns_shell.meanI_over_uI_all                             ? 
_reflns_shell.meanI_over_uI_gt                              ? 
_reflns_shell.number_measured_gt                            ? 
_reflns_shell.number_unique_gt                              ? 
_reflns_shell.percent_possible_gt                           ? 
_reflns_shell.Rmerge_F_gt                                   ? 
_reflns_shell.Rmerge_I_gt                                   ? 
_reflns_shell.pdbx_redundancy                               6.6 
_reflns_shell.pdbx_Rsym_value                               ? 
_reflns_shell.pdbx_chi_squared                              ? 
_reflns_shell.pdbx_netI_over_sigmaI_all                     ? 
_reflns_shell.pdbx_netI_over_sigmaI_obs                     ? 
_reflns_shell.pdbx_Rrim_I_all                               0.670 
_reflns_shell.pdbx_Rpim_I_all                               0.355 
_reflns_shell.pdbx_rejects                                  ? 
_reflns_shell.pdbx_ordinal                                  1 
_reflns_shell.pdbx_diffrn_id                                1 
_reflns_shell.pdbx_CC_half                                  0.851 
_reflns_shell.pdbx_CC_star                                  ? 
_reflns_shell.pdbx_R_split                                  ? 
_reflns_shell.pdbx_percent_possible_ellipsoidal             ? 
_reflns_shell.pdbx_percent_possible_spherical               ? 
_reflns_shell.pdbx_percent_possible_ellipsoidal_anomalous   ? 
_reflns_shell.pdbx_percent_possible_spherical_anomalous     ? 
_reflns_shell.pdbx_redundancy_anomalous                     ? 
_reflns_shell.pdbx_CC_half_anomalous                        ? 
_reflns_shell.pdbx_absDiff_over_sigma_anomalous             ? 
_reflns_shell.pdbx_percent_possible_anomalous               ? 
# 
_refine.aniso_B[1][1]                            ? 
_refine.aniso_B[1][2]                            ? 
_refine.aniso_B[1][3]                            ? 
_refine.aniso_B[2][2]                            ? 
_refine.aniso_B[2][3]                            ? 
_refine.aniso_B[3][3]                            ? 
_refine.B_iso_max                                ? 
_refine.B_iso_mean                               19.23 
_refine.B_iso_min                                ? 
_refine.correlation_coeff_Fo_to_Fc               ? 
_refine.correlation_coeff_Fo_to_Fc_free          ? 
_refine.details                                  ? 
_refine.diff_density_max                         ? 
_refine.diff_density_max_esd                     ? 
_refine.diff_density_min                         ? 
_refine.diff_density_min_esd                     ? 
_refine.diff_density_rms                         ? 
_refine.diff_density_rms_esd                     ? 
_refine.entry_id                                 8CV6 
_refine.pdbx_refine_id                           'X-RAY DIFFRACTION' 
_refine.ls_abs_structure_details                 ? 
_refine.ls_abs_structure_Flack                   ? 
_refine.ls_abs_structure_Flack_esd               ? 
_refine.ls_abs_structure_Rogers                  ? 
_refine.ls_abs_structure_Rogers_esd              ? 
_refine.ls_d_res_high                            1.70 
_refine.ls_d_res_low                             35.65 
_refine.ls_extinction_coef                       ? 
_refine.ls_extinction_coef_esd                   ? 
_refine.ls_extinction_expression                 ? 
_refine.ls_extinction_method                     ? 
_refine.ls_goodness_of_fit_all                   ? 
_refine.ls_goodness_of_fit_all_esd               ? 
_refine.ls_goodness_of_fit_obs                   ? 
_refine.ls_goodness_of_fit_obs_esd               ? 
_refine.ls_hydrogen_treatment                    ? 
_refine.ls_matrix_type                           ? 
_refine.ls_number_constraints                    ? 
_refine.ls_number_parameters                     ? 
_refine.ls_number_reflns_all                     ? 
_refine.ls_number_reflns_obs                     13402 
_refine.ls_number_reflns_R_free                  625 
_refine.ls_number_reflns_R_work                  12777 
_refine.ls_number_restraints                     ? 
_refine.ls_percent_reflns_obs                    97.61 
_refine.ls_percent_reflns_R_free                 4.66 
_refine.ls_R_factor_all                          ? 
_refine.ls_R_factor_obs                          0.1832 
_refine.ls_R_factor_R_free                       0.2222 
_refine.ls_R_factor_R_free_error                 ? 
_refine.ls_R_factor_R_free_error_details         ? 
_refine.ls_R_factor_R_work                       0.1813 
_refine.ls_R_Fsqd_factor_obs                     ? 
_refine.ls_R_I_factor_obs                        ? 
_refine.ls_redundancy_reflns_all                 ? 
_refine.ls_redundancy_reflns_obs                 ? 
_refine.ls_restrained_S_all                      ? 
_refine.ls_restrained_S_obs                      ? 
_refine.ls_shift_over_esd_max                    ? 
_refine.ls_shift_over_esd_mean                   ? 
_refine.ls_structure_factor_coef                 ? 
_refine.ls_weighting_details                     ? 
_refine.ls_weighting_scheme                      ? 
_refine.ls_wR_factor_all                         ? 
_refine.ls_wR_factor_obs                         ? 
_refine.ls_wR_factor_R_free                      ? 
_refine.ls_wR_factor_R_work                      ? 
_refine.occupancy_max                            ? 
_refine.occupancy_min                            ? 
_refine.solvent_model_details                    'FLAT BULK SOLVENT MODEL' 
_refine.solvent_model_param_bsol                 ? 
_refine.solvent_model_param_ksol                 ? 
_refine.pdbx_R_complete                          ? 
_refine.ls_R_factor_gt                           ? 
_refine.ls_goodness_of_fit_gt                    ? 
_refine.ls_goodness_of_fit_ref                   ? 
_refine.ls_shift_over_su_max                     ? 
_refine.ls_shift_over_su_max_lt                  ? 
_refine.ls_shift_over_su_mean                    ? 
_refine.ls_shift_over_su_mean_lt                 ? 
_refine.pdbx_ls_sigma_I                          ? 
_refine.pdbx_ls_sigma_F                          1.35 
_refine.pdbx_ls_sigma_Fsqd                       ? 
_refine.pdbx_data_cutoff_high_absF               ? 
_refine.pdbx_data_cutoff_high_rms_absF           ? 
_refine.pdbx_data_cutoff_low_absF                ? 
_refine.pdbx_isotropic_thermal_model             ? 
_refine.pdbx_ls_cross_valid_method               'FREE R-VALUE' 
_refine.pdbx_method_to_determine_struct          'MOLECULAR REPLACEMENT' 
_refine.pdbx_starting_model                      'PDB entry 3UVV' 
_refine.pdbx_stereochemistry_target_values       'GeoStd + Monomer Library + CDL v1.2' 
_refine.pdbx_R_Free_selection_details            ? 
_refine.pdbx_stereochem_target_val_spec_case     ? 
_refine.pdbx_overall_ESU_R                       ? 
_refine.pdbx_overall_ESU_R_Free                  ? 
_refine.pdbx_solvent_vdw_probe_radii             1.1100 
_refine.pdbx_solvent_ion_probe_radii             ? 
_refine.pdbx_solvent_shrinkage_radii             0.9000 
_refine.pdbx_real_space_R                        ? 
_refine.pdbx_density_correlation                 ? 
_refine.pdbx_pd_number_of_powder_patterns        ? 
_refine.pdbx_pd_number_of_points                 ? 
_refine.pdbx_pd_meas_number_of_points            ? 
_refine.pdbx_pd_proc_ls_prof_R_factor            ? 
_refine.pdbx_pd_proc_ls_prof_wR_factor           ? 
_refine.pdbx_pd_Marquardt_correlation_coeff      ? 
_refine.pdbx_pd_Fsqrd_R_factor                   ? 
_refine.pdbx_pd_ls_matrix_band_width             ? 
_refine.pdbx_overall_phase_error                 25.1758 
_refine.pdbx_overall_SU_R_free_Cruickshank_DPI   ? 
_refine.pdbx_overall_SU_R_free_Blow_DPI          ? 
_refine.pdbx_overall_SU_R_Blow_DPI               ? 
_refine.pdbx_TLS_residual_ADP_flag               ? 
_refine.pdbx_diffrn_id                           1 
_refine.overall_SU_B                             ? 
_refine.overall_SU_ML                            0.1807 
_refine.overall_SU_R_Cruickshank_DPI             ? 
_refine.overall_SU_R_free                        ? 
_refine.overall_FOM_free_R_set                   ? 
_refine.overall_FOM_work_R_set                   ? 
_refine.pdbx_average_fsc_overall                 ? 
_refine.pdbx_average_fsc_work                    ? 
_refine.pdbx_average_fsc_free                    ? 
# 
_refine_hist.pdbx_refine_id                   'X-RAY DIFFRACTION' 
_refine_hist.cycle_id                         LAST 
_refine_hist.details                          ? 
_refine_hist.d_res_high                       1.70 
_refine_hist.d_res_low                        35.65 
_refine_hist.number_atoms_solvent             102 
_refine_hist.number_atoms_total               1195 
_refine_hist.number_reflns_all                ? 
_refine_hist.number_reflns_obs                ? 
_refine_hist.number_reflns_R_free             ? 
_refine_hist.number_reflns_R_work             ? 
_refine_hist.R_factor_all                     ? 
_refine_hist.R_factor_obs                     ? 
_refine_hist.R_factor_R_free                  ? 
_refine_hist.R_factor_R_work                  ? 
_refine_hist.pdbx_number_residues_total       ? 
_refine_hist.pdbx_B_iso_mean_ligand           ? 
_refine_hist.pdbx_B_iso_mean_solvent          ? 
_refine_hist.pdbx_number_atoms_protein        1089 
_refine_hist.pdbx_number_atoms_nucleic_acid   0 
_refine_hist.pdbx_number_atoms_ligand         4 
_refine_hist.pdbx_number_atoms_lipid          ? 
_refine_hist.pdbx_number_atoms_carb           ? 
_refine_hist.pdbx_pseudo_atom_details         ? 
# 
loop_
_refine_ls_restr.pdbx_refine_id 
_refine_ls_restr.criterion 
_refine_ls_restr.dev_ideal 
_refine_ls_restr.dev_ideal_target 
_refine_ls_restr.number 
_refine_ls_restr.rejects 
_refine_ls_restr.type 
_refine_ls_restr.weight 
_refine_ls_restr.pdbx_restraint_function 
'X-RAY DIFFRACTION' ? 0.0066  ? 1120 ? f_bond_d           ? ? 
'X-RAY DIFFRACTION' ? 1.0369  ? 1501 ? f_angle_d          ? ? 
'X-RAY DIFFRACTION' ? 0.0558  ? 151  ? f_chiral_restr     ? ? 
'X-RAY DIFFRACTION' ? 0.0055  ? 190  ? f_plane_restr      ? ? 
'X-RAY DIFFRACTION' ? 16.4737 ? 162  ? f_dihedral_angle_d ? ? 
# 
loop_
_refine_ls_shell.pdbx_refine_id 
_refine_ls_shell.d_res_high 
_refine_ls_shell.d_res_low 
_refine_ls_shell.number_reflns_all 
_refine_ls_shell.number_reflns_obs 
_refine_ls_shell.number_reflns_R_free 
_refine_ls_shell.number_reflns_R_work 
_refine_ls_shell.percent_reflns_obs 
_refine_ls_shell.percent_reflns_R_free 
_refine_ls_shell.R_factor_all 
_refine_ls_shell.R_factor_obs 
_refine_ls_shell.R_factor_R_free 
_refine_ls_shell.R_factor_R_free_error 
_refine_ls_shell.R_factor_R_work 
_refine_ls_shell.redundancy_reflns_all 
_refine_ls_shell.redundancy_reflns_obs 
_refine_ls_shell.wR_factor_all 
_refine_ls_shell.wR_factor_obs 
_refine_ls_shell.wR_factor_R_free 
_refine_ls_shell.wR_factor_R_work 
_refine_ls_shell.pdbx_R_complete 
_refine_ls_shell.pdbx_total_number_of_bins_used 
_refine_ls_shell.pdbx_phase_error 
_refine_ls_shell.pdbx_fsc_work 
_refine_ls_shell.pdbx_fsc_free 
'X-RAY DIFFRACTION' 1.70 1.87  . . 142 3141 96.13 . . . 0.2866 . 0.2084 . . . . . . . . . . . 
'X-RAY DIFFRACTION' 1.87 2.14  . . 151 3181 97.40 . . . 0.2310 . 0.1855 . . . . . . . . . . . 
'X-RAY DIFFRACTION' 2.14 2.69  . . 159 3203 97.99 . . . 0.2443 . 0.1859 . . . . . . . . . . . 
'X-RAY DIFFRACTION' 2.69 35.65 . . 173 3252 98.90 . . . 0.1995 . 0.1719 . . . . . . . . . . . 
# 
_struct.entry_id                     8CV6 
_struct.title                        'Peptide 4.2B in complex with BRD4.2' 
_struct.pdbx_model_details           ? 
_struct.pdbx_formula_weight          ? 
_struct.pdbx_formula_weight_method   ? 
_struct.pdbx_model_type_details      ? 
_struct.pdbx_CASP_flag               N 
# 
_struct_keywords.entry_id        8CV6 
_struct_keywords.text            'Cyclic Peptide Inhibitor Bromodomain, TRANSCRIPTION' 
_struct_keywords.pdbx_keywords   TRANSCRIPTION 
# 
loop_
_struct_asym.id 
_struct_asym.pdbx_blank_PDB_chainid_flag 
_struct_asym.pdbx_modified 
_struct_asym.entity_id 
_struct_asym.details 
A N N 1 ? 
B N N 2 ? 
C N N 3 ? 
D N N 4 ? 
E N N 5 ? 
F N N 5 ? 
# 
loop_
_struct_conf.conf_type_id 
_struct_conf.id 
_struct_conf.pdbx_PDB_helix_id 
_struct_conf.beg_label_comp_id 
_struct_conf.beg_label_asym_id 
_struct_conf.beg_label_seq_id 
_struct_conf.pdbx_beg_PDB_ins_code 
_struct_conf.end_label_comp_id 
_struct_conf.end_label_asym_id 
_struct_conf.end_label_seq_id 
_struct_conf.pdbx_end_PDB_ins_code 
_struct_conf.beg_auth_comp_id 
_struct_conf.beg_auth_asym_id 
_struct_conf.beg_auth_seq_id 
_struct_conf.end_auth_comp_id 
_struct_conf.end_auth_asym_id 
_struct_conf.end_auth_seq_id 
_struct_conf.pdbx_PDB_helix_class 
_struct_conf.details 
_struct_conf.pdbx_PDB_helix_length 
HELX_P HELX_P1 AA1 SER A 6  ? PHE A 23  ? SER A 348 PHE A 365 1 ? 18 
HELX_P HELX_P2 AA2 ALA A 24 ? LYS A 26  ? ALA A 366 LYS A 368 5 ? 3  
HELX_P HELX_P3 AA3 HIS A 27 ? TRP A 32  ? HIS A 369 TRP A 374 1 ? 6  
HELX_P HELX_P4 AA4 PRO A 33 ? TYR A 35  ? PRO A 375 TYR A 377 5 ? 3  
HELX_P HELX_P5 AA5 ASP A 47 ? ILE A 52  ? ASP A 389 ILE A 394 1 ? 6  
HELX_P HELX_P6 AA6 ASP A 57 ? ALA A 67  ? ASP A 399 ALA A 409 1 ? 11 
HELX_P HELX_P7 AA7 ASP A 72 ? ASN A 91  ? ASP A 414 ASN A 433 1 ? 20 
HELX_P HELX_P8 AA8 HIS A 95 ? ALA A 113 ? HIS A 437 ALA A 455 1 ? 19 
HELX_P HELX_P9 AA9 ASP B 3  ? GLY B 11  ? ASP B 3   GLY B 11  1 ? 9  
# 
_struct_conf_type.id          HELX_P 
_struct_conf_type.criteria    ? 
_struct_conf_type.reference   ? 
# 
loop_
_struct_conn.id 
_struct_conn.conn_type_id 
_struct_conn.pdbx_leaving_atom_flag 
_struct_conn.pdbx_PDB_id 
_struct_conn.ptnr1_label_asym_id 
_struct_conn.ptnr1_label_comp_id 
_struct_conn.ptnr1_label_seq_id 
_struct_conn.ptnr1_label_atom_id 
_struct_conn.pdbx_ptnr1_label_alt_id 
_struct_conn.pdbx_ptnr1_PDB_ins_code 
_struct_conn.pdbx_ptnr1_standard_comp_id 
_struct_conn.ptnr1_symmetry 
_struct_conn.ptnr2_label_asym_id 
_struct_conn.ptnr2_label_comp_id 
_struct_conn.ptnr2_label_seq_id 
_struct_conn.ptnr2_label_atom_id 
_struct_conn.pdbx_ptnr2_label_alt_id 
_struct_conn.pdbx_ptnr2_PDB_ins_code 
_struct_conn.ptnr1_auth_asym_id 
_struct_conn.ptnr1_auth_comp_id 
_struct_conn.ptnr1_auth_seq_id 
_struct_conn.ptnr2_auth_asym_id 
_struct_conn.ptnr2_auth_comp_id 
_struct_conn.ptnr2_auth_seq_id 
_struct_conn.ptnr2_symmetry 
_struct_conn.pdbx_ptnr3_label_atom_id 
_struct_conn.pdbx_ptnr3_label_seq_id 
_struct_conn.pdbx_ptnr3_label_comp_id 
_struct_conn.pdbx_ptnr3_label_asym_id 
_struct_conn.pdbx_ptnr3_label_alt_id 
_struct_conn.pdbx_ptnr3_PDB_ins_code 
_struct_conn.details 
_struct_conn.pdbx_dist_value 
_struct_conn.pdbx_value_order 
_struct_conn.pdbx_role 
covale1 covale both ? B TRP 1  N  ? ? ? 1_555 C ACE .  C   ? ? B TRP 1  B ACE 101 1_555 ? ? ? ? ? ? ? 1.331 ? ? 
covale2 covale both ? B ARG 8  C  ? ? ? 1_555 B ALY 9  N   ? ? B ARG 8  B ALY 9   1_555 ? ? ? ? ? ? ? 1.332 ? ? 
covale3 covale both ? B ALY 9  C  ? ? ? 1_555 B TYR 10 N   ? ? B ALY 9  B TYR 10  1_555 ? ? ? ? ? ? ? 1.321 ? ? 
covale4 covale both ? B GLY 11 C  ? ? ? 1_555 B ALY 12 N   ? ? B GLY 11 B ALY 12  1_555 ? ? ? ? ? ? ? 1.329 ? ? 
covale5 covale both ? B ALY 12 C  ? ? ? 1_555 B ALY 13 N   ? ? B ALY 12 B ALY 13  1_555 ? ? ? ? ? ? ? 1.328 ? ? 
covale6 covale both ? B ALY 13 C  ? ? ? 1_555 B LYS 14 N   ? ? B ALY 13 B LYS 14  1_555 ? ? ? ? ? ? ? 1.333 ? ? 
covale7 covale none ? B CYS 17 SG ? ? ? 1_555 C ACE .  CH3 ? ? B CYS 17 B ACE 101 1_555 ? ? ? ? ? ? ? 1.765 ? ? 
covale8 covale both ? B CYS 17 C  ? ? ? 1_555 D NH2 .  N   ? ? B CYS 17 B NH2 102 1_555 ? ? ? ? ? ? ? 1.425 ? ? 
# 
_struct_conn_type.id          covale 
_struct_conn_type.criteria    ? 
_struct_conn_type.reference   ? 
# 
_atom_sites.entry_id                    8CV6 
_atom_sites.Cartn_transf_matrix[1][1]   ? 
_atom_sites.Cartn_transf_matrix[1][2]   ? 
_atom_sites.Cartn_transf_matrix[1][3]   ? 
_atom_sites.Cartn_transf_matrix[2][1]   ? 
_atom_sites.Cartn_transf_matrix[2][2]   ? 
_atom_sites.Cartn_transf_matrix[2][3]   ? 
_atom_sites.Cartn_transf_matrix[3][1]   ? 
_atom_sites.Cartn_transf_matrix[3][2]   ? 
_atom_sites.Cartn_transf_matrix[3][3]   ? 
_atom_sites.Cartn_transf_vector[1]      ? 
_atom_sites.Cartn_transf_vector[2]      ? 
_atom_sites.Cartn_transf_vector[3]      ? 
_atom_sites.fract_transf_matrix[1][1]   -0.01717887 
_atom_sites.fract_transf_matrix[1][2]   -0.00043892 
_atom_sites.fract_transf_matrix[1][3]   -0.02997940 
_atom_sites.fract_transf_matrix[2][1]   -0.01314632 
_atom_sites.fract_transf_matrix[2][2]   0.00729310 
_atom_sites.fract_transf_matrix[2][3]   0.00742636 
_atom_sites.fract_transf_matrix[3][1]   0.00768230 
_atom_sites.fract_transf_matrix[3][2]   0.02475921 
_atom_sites.fract_transf_matrix[3][3]   -0.01071552 
_atom_sites.fract_transf_vector[1]      0.440028 
_atom_sites.fract_transf_vector[2]      0.072373 
_atom_sites.fract_transf_vector[3]      0.225613 
_atom_sites.solution_primary            ? 
_atom_sites.solution_secondary          ? 
_atom_sites.solution_hydrogens          ? 
_atom_sites.special_details             ? 
# 
loop_
_atom_type.symbol 
_atom_type.scat_dispersion_real 
_atom_type.scat_dispersion_imag 
_atom_type.scat_Cromer_Mann_a1 
_atom_type.scat_Cromer_Mann_a2 
_atom_type.scat_Cromer_Mann_a3 
_atom_type.scat_Cromer_Mann_a4 
_atom_type.scat_Cromer_Mann_b1 
_atom_type.scat_Cromer_Mann_b2 
_atom_type.scat_Cromer_Mann_b3 
_atom_type.scat_Cromer_Mann_b4 
_atom_type.scat_Cromer_Mann_c 
_atom_type.scat_source 
_atom_type.scat_dispersion_source 
C ? ? 3.54356 2.42580 ? ? 25.62398 1.50364  ? ? 0.0 
;2-Gaussian fit: Grosse-Kunstleve RW, Sauter NK, Adams PD: Newsletter of the IUCr Commission on Crystallographic Computing 2004, 3, 22-31.
;
? 
N ? ? 4.01032 2.96436 ? ? 19.97189 1.75589  ? ? 0.0 
;2-Gaussian fit: Grosse-Kunstleve RW, Sauter NK, Adams PD: Newsletter of the IUCr Commission on Crystallographic Computing 2004, 3, 22-31.
;
? 
O ? ? 4.49882 3.47563 ? ? 15.80542 1.70748  ? ? 0.0 
;2-Gaussian fit: Grosse-Kunstleve RW, Sauter NK, Adams PD: Newsletter of the IUCr Commission on Crystallographic Computing 2004, 3, 22-31.
;
? 
S ? ? 9.55732 6.39887 ? ? 1.23737  29.19336 ? ? 0.0 
;2-Gaussian fit: Grosse-Kunstleve RW, Sauter NK, Adams PD: Newsletter of the IUCr Commission on Crystallographic Computing 2004, 3, 22-31.
;
? 
# 
loop_
_atom_site.group_PDB 
_atom_site.id 
_atom_site.type_symbol 
_atom_site.label_atom_id 
_atom_site.label_alt_id 
_atom_site.label_comp_id 
_atom_site.label_asym_id 
_atom_site.label_entity_id 
_atom_site.label_seq_id 
_atom_site.pdbx_PDB_ins_code 
_atom_site.Cartn_x 
_atom_site.Cartn_y 
_atom_site.Cartn_z 
_atom_site.occupancy 
_atom_site.B_iso_or_equiv 
_atom_site.pdbx_formal_charge 
_atom_site.auth_seq_id 
_atom_site.auth_comp_id 
_atom_site.auth_asym_id 
_atom_site.auth_atom_id 
_atom_site.pdbx_PDB_model_num 
ATOM   1    N N   . GLY A 1 1   ? -20.93970 14.61251  -31.77504 1.000 30.61384 ? 343 GLY A N   1 
ATOM   2    C CA  . GLY A 1 1   ? -21.09092 15.42589  -30.57919 1.000 28.53023 ? 343 GLY A CA  1 
ATOM   3    C C   . GLY A 1 1   ? -19.80607 16.08485  -30.13222 1.000 25.67423 ? 343 GLY A C   1 
ATOM   4    O O   . GLY A 1 1   ? -18.75458 15.87033  -30.73986 1.000 29.35966 ? 343 GLY A O   1 
ATOM   5    N N   . PRO A 1 2   ? -19.88368 16.88385  -29.07190 1.000 25.72480 ? 344 PRO A N   1 
ATOM   6    C CA  . PRO A 1 2   ? -18.69846 17.61556  -28.60963 1.000 25.41158 ? 344 PRO A CA  1 
ATOM   7    C C   . PRO A 1 2   ? -17.64359 16.68297  -28.03808 1.000 25.64252 ? 344 PRO A C   1 
ATOM   8    O O   . PRO A 1 2   ? -17.93765 15.58567  -27.55853 1.000 27.02379 ? 344 PRO A O   1 
ATOM   9    C CB  . PRO A 1 2   ? -19.24234 18.56310  -27.53067 1.000 25.75823 ? 344 PRO A CB  1 
ATOM   10   C CG  . PRO A 1 2   ? -20.72868 18.38350  -27.50637 1.000 25.16537 ? 344 PRO A CG  1 
ATOM   11   C CD  . PRO A 1 2   ? -21.09588 17.17684  -28.29138 1.000 24.58631 ? 344 PRO A CD  1 
ATOM   12   N N   . LEU A 1 3   ? -16.39424 17.12983  -28.12020 1.000 24.99327 ? 345 LEU A N   1 
ATOM   13   C CA  . LEU A 1 3   ? -15.26756 16.42448  -27.52981 1.000 28.49933 ? 345 LEU A CA  1 
ATOM   14   C C   . LEU A 1 3   ? -15.08070 16.85975  -26.07523 1.000 30.65277 ? 345 LEU A C   1 
ATOM   15   O O   . LEU A 1 3   ? -15.49248 17.95316  -25.67438 1.000 31.38097 ? 345 LEU A O   1 
ATOM   16   C CB  . LEU A 1 3   ? -13.98988 16.70584  -28.32501 1.000 22.09043 ? 345 LEU A CB  1 
ATOM   17   C CG  . LEU A 1 3   ? -13.91393 16.29934  -29.80271 1.000 20.22728 ? 345 LEU A CG  1 
ATOM   18   C CD1 . LEU A 1 3   ? -12.71700 16.98271  -30.45767 1.000 19.03983 ? 345 LEU A CD1 1 
ATOM   19   C CD2 . LEU A 1 3   ? -13.83558 14.78576  -29.99287 1.000 25.06990 ? 345 LEU A CD2 1 
ATOM   20   N N   . GLY A 1 4   ? -14.41758 16.00262  -25.29264 1.000 30.91114 ? 346 GLY A N   1 
ATOM   21   C CA  . GLY A 1 4   ? -14.07151 16.30188  -23.91936 1.000 33.45121 ? 346 GLY A CA  1 
ATOM   22   C C   . GLY A 1 4   ? -12.56174 16.39977  -23.73034 1.000 34.83695 ? 346 GLY A C   1 
ATOM   23   O O   . GLY A 1 4   ? -11.77691 16.10857  -24.63259 1.000 33.63408 ? 346 GLY A O   1 
ATOM   24   N N   . SER A 1 5   ? -12.15897 16.81381  -22.51818 1.000 37.20236 ? 347 SER A N   1 
ATOM   25   C CA  . SER A 1 5   ? -10.73094 16.98733  -22.26556 1.000 39.78856 ? 347 SER A CA  1 
ATOM   26   C C   . SER A 1 5   ? -10.30141 16.74122  -20.82192 1.000 47.75208 ? 347 SER A C   1 
ATOM   27   O O   . SER A 1 5   ? -9.17277  17.11691  -20.47235 1.000 47.04229 ? 347 SER A O   1 
ATOM   28   C CB  . SER A 1 5   ? -10.27669 18.40464  -22.65701 1.000 32.03924 ? 347 SER A CB  1 
ATOM   29   O OG  . SER A 1 5   ? -11.06826 19.38451  -22.00033 1.000 35.01056 ? 347 SER A OG  1 
ATOM   30   N N   . SER A 1 6   ? -11.12387 16.12441  -19.97094 1.000 46.61978 ? 348 SER A N   1 
ATOM   31   C CA  . SER A 1 6   ? -10.80094 16.07715  -18.54934 1.000 46.15151 ? 348 SER A CA  1 
ATOM   32   C C   . SER A 1 6   ? -10.84763 14.66783  -17.96783 1.000 44.99763 ? 348 SER A C   1 
ATOM   33   O O   . SER A 1 6   ? -11.06476 14.51672  -16.76114 1.000 44.27764 ? 348 SER A O   1 
ATOM   34   C CB  . SER A 1 6   ? -11.73649 16.99515  -17.75674 1.000 49.19871 ? 348 SER A CB  1 
ATOM   35   O OG  . SER A 1 6   ? -13.08976 16.77152  -18.10399 1.000 49.06258 ? 348 SER A OG  1 
ATOM   36   N N   . LYS A 1 7   ? -10.64451 13.63091  -18.78226 0.000 46.93454 ? 349 LYS A N   1 
ATOM   37   C CA  . LYS A 1 7   ? -10.64867 12.27800  -18.23391 1.000 46.40140 ? 349 LYS A CA  1 
ATOM   38   C C   . LYS A 1 7   ? -9.55375  12.10094  -17.18684 1.000 43.65337 ? 349 LYS A C   1 
ATOM   39   O O   . LYS A 1 7   ? -9.78927  11.51200  -16.12342 1.000 44.32983 ? 349 LYS A O   1 
ATOM   40   C CB  . LYS A 1 7   ? -10.48929 11.24243  -19.34616 1.000 47.72455 ? 349 LYS A CB  1 
ATOM   41   C CG  . LYS A 1 7   ? -11.15496 9.91625   -19.00655 1.000 48.47885 ? 349 LYS A CG  1 
ATOM   42   C CD  . LYS A 1 7   ? -10.51820 8.73796   -19.72974 1.000 48.61853 ? 349 LYS A CD  1 
ATOM   43   C CE  . LYS A 1 7   ? -11.30035 7.45262   -19.46359 1.000 47.29525 ? 349 LYS A CE  1 
ATOM   44   N NZ  . LYS A 1 7   ? -10.62786 6.23166   -19.99841 1.000 46.47983 ? 349 LYS A NZ  1 
ATOM   45   N N   . VAL A 1 8   ? -8.35435  12.61938  -17.46332 1.000 41.41644 ? 350 VAL A N   1 
ATOM   46   C CA  . VAL A 1 8   ? -7.22701  12.42977  -16.55364 1.000 37.63498 ? 350 VAL A CA  1 
ATOM   47   C C   . VAL A 1 8   ? -7.47961  13.13594  -15.22582 1.000 37.30686 ? 350 VAL A C   1 
ATOM   48   O O   . VAL A 1 8   ? -7.21439  12.57978  -14.15358 1.000 35.71484 ? 350 VAL A O   1 
ATOM   49   C CB  . VAL A 1 8   ? -5.92307  12.91376  -17.22124 1.000 34.72921 ? 350 VAL A CB  1 
ATOM   50   C CG1 . VAL A 1 8   ? -4.89447  13.34590  -16.17701 1.000 34.23921 ? 350 VAL A CG1 1 
ATOM   51   C CG2 . VAL A 1 8   ? -5.35788  11.83561  -18.14051 1.000 36.05478 ? 350 VAL A CG2 1 
ATOM   52   N N   . SER A 1 9   ? -8.00665  14.36263  -15.26846 1.000 35.76170 ? 351 SER A N   1 
ATOM   53   C CA  . SER A 1 9   ? -8.17798  15.12653  -14.03512 1.000 35.01987 ? 351 SER A CA  1 
ATOM   54   C C   . SER A 1 9   ? -9.22197  14.50460  -13.11714 1.000 36.31578 ? 351 SER A C   1 
ATOM   55   O O   . SER A 1 9   ? -9.06600  14.54176  -11.89118 1.000 35.36283 ? 351 SER A O   1 
ATOM   56   C CB  . SER A 1 9   ? -8.55265  16.57153  -14.35288 1.000 40.34735 ? 351 SER A CB  1 
ATOM   57   O OG  . SER A 1 9   ? -7.53087  17.20377  -15.10507 1.000 46.42010 ? 351 SER A OG  1 
ATOM   58   N N   . GLU A 1 10  ? -10.29039 13.93815  -13.67596 1.000 36.67588 ? 352 GLU A N   1 
ATOM   59   C CA  . GLU A 1 10  ? -11.27996 13.28953  -12.82522 1.000 35.89091 ? 352 GLU A CA  1 
ATOM   60   C C   . GLU A 1 10  ? -10.77345 11.95119  -12.30984 1.000 33.90987 ? 352 GLU A C   1 
ATOM   61   O O   . GLU A 1 10  ? -11.14464 11.52596  -11.21119 1.000 34.95345 ? 352 GLU A O   1 
ATOM   62   C CB  . GLU A 1 10  ? -12.59204 13.10061  -13.58308 1.000 39.70719 ? 352 GLU A CB  1 
ATOM   63   C CG  . GLU A 1 10  ? -13.80604 12.98100  -12.67179 1.000 43.67080 ? 352 GLU A CG  1 
ATOM   64   C CD  . GLU A 1 10  ? -14.24631 14.32411  -12.10495 1.000 42.26764 ? 352 GLU A CD  1 
ATOM   65   O OE1 . GLU A 1 10  ? -13.67937 15.36715  -12.50688 1.000 44.17480 ? 352 GLU A OE1 1 
ATOM   66   O OE2 . GLU A 1 10  ? -15.16292 14.34050  -11.25555 1.000 46.27474 ? 352 GLU A OE2 1 
ATOM   67   N N   . GLN A 1 11  ? -9.92329  11.28565  -13.08572 1.000 32.19422 ? 353 GLN A N   1 
ATOM   68   C CA  . GLN A 1 11  ? -9.32982  10.03557  -12.63419 1.000 31.35532 ? 353 GLN A CA  1 
ATOM   69   C C   . GLN A 1 11  ? -8.52171  10.26229  -11.35977 1.000 30.20695 ? 353 GLN A C   1 
ATOM   70   O O   . GLN A 1 11  ? -8.69254  9.54839   -10.36519 1.000 26.79593 ? 353 GLN A O   1 
ATOM   71   C CB  . GLN A 1 11  ? -8.46101  9.45932   -13.75420 1.000 30.52118 ? 353 GLN A CB  1 
ATOM   72   C CG  . GLN A 1 11  ? -9.13959  8.35883   -14.56025 1.000 33.31700 ? 353 GLN A CG  1 
ATOM   73   C CD  . GLN A 1 11  ? -8.21930  7.73593   -15.58831 1.000 34.20014 ? 353 GLN A CD  1 
ATOM   74   O OE1 . GLN A 1 11  ? -6.99308  7.78860   -15.45550 1.000 28.33288 ? 353 GLN A OE1 1 
ATOM   75   N NE2 . GLN A 1 11  ? -8.80496  7.13745   -16.62201 0.000 34.61105 ? 353 GLN A NE2 1 
ATOM   76   N N   . LEU A 1 12  ? -7.66826  11.29291  -11.35670 1.000 30.01672 ? 354 LEU A N   1 
ATOM   77   C CA  . LEU A 1 12  ? -6.79518  11.53309  -10.21060 1.000 26.91940 ? 354 LEU A CA  1 
ATOM   78   C C   . LEU A 1 12  ? -7.57521  12.03430  -9.00159  1.000 26.64832 ? 354 LEU A C   1 
ATOM   79   O O   . LEU A 1 12  ? -7.21314  11.72126  -7.86194  1.000 24.74533 ? 354 LEU A O   1 
ATOM   80   C CB  . LEU A 1 12  ? -5.69567  12.52454  -10.58578 1.000 29.12802 ? 354 LEU A CB  1 
ATOM   81   C CG  . LEU A 1 12  ? -4.69614  12.01504  -11.62266 1.000 24.29364 ? 354 LEU A CG  1 
ATOM   82   C CD1 . LEU A 1 12  ? -3.78229  13.13452  -12.08247 1.000 27.67666 ? 354 LEU A CD1 1 
ATOM   83   C CD2 . LEU A 1 12  ? -3.88335  10.83388  -11.08657 1.000 24.30466 ? 354 LEU A CD2 1 
ATOM   84   N N   . LYS A 1 13  ? -8.64392  12.80806  -9.21971  1.000 28.71451 ? 355 LYS A N   1 
ATOM   85   C CA  . LYS A 1 13  ? -9.52530  13.16371  -8.11002  1.000 27.72733 ? 355 LYS A CA  1 
ATOM   86   C C   . LYS A 1 13  ? -10.10731 11.91239  -7.46325  1.000 25.93406 ? 355 LYS A C   1 
ATOM   87   O O   . LYS A 1 13  ? -10.12800 11.78640  -6.23165  1.000 27.51125 ? 355 LYS A O   1 
ATOM   88   C CB  . LYS A 1 13  ? -10.64313 14.09514  -8.58920  1.000 30.66438 ? 355 LYS A CB  1 
ATOM   89   C CG  . LYS A 1 13  ? -10.31639 15.57988  -8.43607  1.000 35.14511 ? 355 LYS A CG  1 
ATOM   90   C CD  . LYS A 1 13  ? -11.46819 16.48830  -8.85899  1.000 35.14164 ? 355 LYS A CD  1 
ATOM   91   C CE  . LYS A 1 13  ? -12.81942 15.82048  -8.67780  1.000 38.22818 ? 355 LYS A CE  1 
ATOM   92   N NZ  . LYS A 1 13  ? -13.79518 16.26179  -9.71103  1.000 43.39342 ? 355 LYS A NZ  1 
ATOM   93   N N   . CYS A 1 14  ? -10.57298 10.96938  -8.28421  1.000 26.36537 ? 356 CYS A N   1 
ATOM   94   C CA  . CYS A 1 14  ? -11.03999 9.68925   -7.76130  1.000 27.72800 ? 356 CYS A CA  1 
ATOM   95   C C   . CYS A 1 14  ? -9.95175  9.00407   -6.94539  1.000 24.22704 ? 356 CYS A C   1 
ATOM   96   O O   . CYS A 1 14  ? -10.22885 8.43695   -5.88279  1.000 21.82311 ? 356 CYS A O   1 
ATOM   97   C CB  . CYS A 1 14  ? -11.49680 8.78770   -8.91209  1.000 29.52627 ? 356 CYS A CB  1 
ATOM   98   S SG  . CYS A 1 14  ? -12.20400 7.17517   -8.43130  1.000 41.09886 ? 356 CYS A SG  1 
ATOM   99   N N   . CYS A 1 15  ? -8.70219  9.07628   -7.41057  1.000 23.96208 ? 357 CYS A N   1 
ATOM   100  C CA  . CYS A 1 15  ? -7.61705  8.37019   -6.73301  1.000 21.71867 ? 357 CYS A CA  1 
ATOM   101  C C   . CYS A 1 15  ? -7.34986  8.93798   -5.34758  1.000 20.73166 ? 357 CYS A C   1 
ATOM   102  O O   . CYS A 1 15  ? -7.08118  8.17940   -4.40706  1.000 20.77130 ? 357 CYS A O   1 
ATOM   103  C CB  . CYS A 1 15  ? -6.34911  8.41512   -7.58283  1.000 19.45278 ? 357 CYS A CB  1 
ATOM   104  S SG  . CYS A 1 15  ? -6.44659  7.43595   -9.08108  1.000 22.84521 ? 357 CYS A SG  1 
ATOM   105  N N   . SER A 1 16  ? -7.41018  10.26682  -5.19394  1.000 21.17745 ? 358 SER A N   1 
ATOM   106  C CA  . SER A 1 16  ? -7.21745  10.84468  -3.87007  1.000 20.81265 ? 358 SER A CA  1 
ATOM   107  C C   . SER A 1 16  ? -8.30000  10.38739  -2.91115  1.000 19.56136 ? 358 SER A C   1 
ATOM   108  O O   . SER A 1 16  ? -8.02137  10.12727  -1.73541  1.000 22.19435 ? 358 SER A O   1 
ATOM   109  C CB  . SER A 1 16  ? -7.17818  12.37315  -3.93635  1.000 26.27284 ? 358 SER A CB  1 
ATOM   110  O OG  . SER A 1 16  ? -6.43145  12.80800  -5.05394  1.000 29.82764 ? 358 SER A OG  1 
ATOM   111  N N   . GLY A 1 17  ? -9.53774  10.26870  -3.39936  1.000 20.48851 ? 359 GLY A N   1 
ATOM   112  C CA  . GLY A 1 17  ? -10.61375 9.78454   -2.55028  1.000 20.08946 ? 359 GLY A CA  1 
ATOM   113  C C   . GLY A 1 17  ? -10.40419 8.35004   -2.10742  1.000 18.37810 ? 359 GLY A C   1 
ATOM   114  O O   . GLY A 1 17  ? -10.70968 7.99062   -0.96671  1.000 17.35161 ? 359 GLY A O   1 
ATOM   115  N N   . ILE A 1 18  ? -9.87932  7.50785   -3.00261  1.000 20.37830 ? 360 ILE A N   1 
ATOM   116  C CA  . ILE A 1 18  ? -9.59586  6.12473   -2.63201  1.000 16.91526 ? 360 ILE A CA  1 
ATOM   117  C C   . ILE A 1 18  ? -8.47895  6.08125   -1.59738  1.000 18.43961 ? 360 ILE A C   1 
ATOM   118  O O   . ILE A 1 18  ? -8.57561  5.38658   -0.58229  1.000 17.06021 ? 360 ILE A O   1 
ATOM   119  C CB  . ILE A 1 18  ? -9.25152  5.28624   -3.87922  1.000 18.58545 ? 360 ILE A CB  1 
ATOM   120  C CG1 . ILE A 1 18  ? -10.44505 5.24406   -4.84306  1.000 21.54930 ? 360 ILE A CG1 1 
ATOM   121  C CG2 . ILE A 1 18  ? -8.78585  3.88084   -3.47695  1.000 20.77301 ? 360 ILE A CG2 1 
ATOM   122  C CD1 . ILE A 1 18  ? -10.19417 4.45820   -6.12875  1.000 21.11678 ? 360 ILE A CD1 1 
ATOM   123  N N   . LEU A 1 19  ? -7.41103  6.84624   -1.82801  1.000 18.65300 ? 361 LEU A N   1 
ATOM   124  C CA  . LEU A 1 19  ? -6.31784  6.87613   -0.86150  1.000 18.09055 ? 361 LEU A CA  1 
ATOM   125  C C   . LEU A 1 19  ? -6.78598  7.42858   0.48367   1.000 18.96617 ? 361 LEU A C   1 
ATOM   126  O O   . LEU A 1 19  ? -6.39783  6.91560   1.54130   1.000 18.95540 ? 361 LEU A O   1 
ATOM   127  C CB  . LEU A 1 19  ? -5.15466  7.69817   -1.42406  1.000 17.25377 ? 361 LEU A CB  1 
ATOM   128  C CG  . LEU A 1 19  ? -3.82051  7.66527   -0.67988  1.000 19.39853 ? 361 LEU A CG  1 
ATOM   129  C CD1 . LEU A 1 19  ? -3.24286  6.26365   -0.68477  1.000 19.47777 ? 361 LEU A CD1 1 
ATOM   130  C CD2 . LEU A 1 19  ? -2.88351  8.62957   -1.35023  1.000 17.75234 ? 361 LEU A CD2 1 
ATOM   131  N N   . LYS A 1 20  ? -7.64584  8.45516   0.46475   1.000 19.49989 ? 362 LYS A N   1 
ATOM   132  C CA  . LYS A 1 20  ? -8.16932  8.99956   1.71587   1.000 20.66145 ? 362 LYS A CA  1 
ATOM   133  C C   . LYS A 1 20  ? -8.93198  7.92979   2.48941   1.000 19.78862 ? 362 LYS A C   1 
ATOM   134  O O   . LYS A 1 20  ? -8.77198  7.79862   3.70946   1.000 18.88204 ? 362 LYS A O   1 
ATOM   135  C CB  . LYS A 1 20  ? -9.06922  10.20915  1.42819   1.000 22.21576 ? 362 LYS A CB  1 
ATOM   136  C CG  . LYS A 1 20  ? -9.86991  10.70885  2.62035   1.000 23.58902 ? 362 LYS A CG  1 
ATOM   137  C CD  . LYS A 1 20  ? -10.47772 12.09656  2.33832   1.000 24.49560 ? 362 LYS A CD  1 
ATOM   138  C CE  . LYS A 1 20  ? -11.97098 12.13242  2.59953   0.000 22.01665 ? 362 LYS A CE  1 
ATOM   139  N NZ  . LYS A 1 20  ? -12.26464 12.10691  4.06146   0.000 21.43440 ? 362 LYS A NZ  1 
ATOM   140  N N   . GLU A 1 21  ? -9.74945  7.14091   1.78542   1.000 19.30056 ? 363 GLU A N   1 
ATOM   141  C CA  . GLU A 1 21  ? -10.48882 6.05983   2.42738   1.000 19.85201 ? 363 GLU A CA  1 
ATOM   142  C C   . GLU A 1 21  ? -9.53598  5.03337   3.02530   1.000 18.43191 ? 363 GLU A C   1 
ATOM   143  O O   . GLU A 1 21  ? -9.71185  4.59443   4.16449   1.000 18.32722 ? 363 GLU A O   1 
ATOM   144  C CB  . GLU A 1 21  ? -11.42060 5.39247   1.41191   1.000 20.13207 ? 363 GLU A CB  1 
ATOM   145  C CG  . GLU A 1 21  ? -12.08708 4.11175   1.89149   1.000 21.58668 ? 363 GLU A CG  1 
ATOM   146  C CD  . GLU A 1 21  ? -13.18989 4.34990   2.91876   1.000 25.21304 ? 363 GLU A CD  1 
ATOM   147  O OE1 . GLU A 1 21  ? -13.62568 5.51015   3.07770   1.000 26.42980 ? 363 GLU A OE1 1 
ATOM   148  O OE2 . GLU A 1 21  ? -13.62747 3.37991   3.56719   1.000 24.28405 ? 363 GLU A OE2 1 
ATOM   149  N N   . MET A 1 22  ? -8.48951  4.68459   2.27802   1.000 17.44688 ? 364 MET A N   1 
ATOM   150  C CA  . MET A 1 22  ? -7.49809  3.70617   2.71440   1.000 14.97931 ? 364 MET A CA  1 
ATOM   151  C C   . MET A 1 22  ? -6.78726  4.16139   3.98756   1.000 17.18256 ? 364 MET A C   1 
ATOM   152  O O   . MET A 1 22  ? -6.41859  3.33229   4.83336   1.000 17.09335 ? 364 MET A O   1 
ATOM   153  C CB  . MET A 1 22  ? -6.51325  3.53610   1.56368   1.000 15.66132 ? 364 MET A CB  1 
ATOM   154  C CG  . MET A 1 22  ? -7.09166  2.72546   0.42500   1.000 16.06985 ? 364 MET A CG  1 
ATOM   155  S SD  . MET A 1 22  ? -5.89749  2.32252   -0.83670  1.000 15.34332 ? 364 MET A SD  1 
ATOM   156  C CE  . MET A 1 22  ? -4.61260  1.42398   0.02262   1.000 16.27485 ? 364 MET A CE  1 
ATOM   157  N N   . PHE A 1 23  ? -6.58805  5.46989   4.13298   1.000 17.61295 ? 365 PHE A N   1 
ATOM   158  C CA  . PHE A 1 23  ? -5.97219  6.08005   5.30438   1.000 18.19858 ? 365 PHE A CA  1 
ATOM   159  C C   . PHE A 1 23  ? -6.95853  6.37159   6.42623   1.000 18.71545 ? 365 PHE A C   1 
ATOM   160  O O   . PHE A 1 23  ? -6.54365  6.85122   7.49041   1.000 20.13947 ? 365 PHE A O   1 
ATOM   161  C CB  . PHE A 1 23  ? -5.29288  7.38756   4.90443   1.000 18.59962 ? 365 PHE A CB  1 
ATOM   162  C CG  . PHE A 1 23  ? -3.83932  7.24575   4.59386   1.000 16.01550 ? 365 PHE A CG  1 
ATOM   163  C CD1 . PHE A 1 23  ? -2.94411  6.83006   5.57258   1.000 16.73441 ? 365 PHE A CD1 1 
ATOM   164  C CD2 . PHE A 1 23  ? -3.36620  7.53278   3.31894   1.000 17.65472 ? 365 PHE A CD2 1 
ATOM   165  C CE1 . PHE A 1 23  ? -1.59506  6.71448   5.29397   1.000 18.35128 ? 365 PHE A CE1 1 
ATOM   166  C CE2 . PHE A 1 23  ? -2.02251  7.41478   3.02361   1.000 17.23378 ? 365 PHE A CE2 1 
ATOM   167  C CZ  . PHE A 1 23  ? -1.12835  7.00633   4.01143   1.000 17.14255 ? 365 PHE A CZ  1 
ATOM   168  N N   . ALA A 1 24  ? -8.24675  6.12676   6.21877   1.000 18.82809 ? 366 ALA A N   1 
ATOM   169  C CA  . ALA A 1 24  ? -9.22766  6.48328   7.23462   1.000 21.13553 ? 366 ALA A CA  1 
ATOM   170  C C   . ALA A 1 24  ? -9.01383  5.67125   8.50589   1.000 19.14897 ? 366 ALA A C   1 
ATOM   171  O O   . ALA A 1 24  ? -8.60796  4.50530   8.47064   1.000 19.83633 ? 366 ALA A O   1 
ATOM   172  C CB  . ALA A 1 24  ? -10.64504 6.27666   6.70215   1.000 20.78799 ? 366 ALA A CB  1 
ATOM   173  N N   . LYS A 1 25  ? -9.30552  6.30030   9.64902   1.000 19.49093 ? 367 LYS A N   1 
ATOM   174  C CA  . LYS A 1 25  ? -9.10198  5.61457   10.91386  1.000 18.65916 ? 367 LYS A CA  1 
ATOM   175  C C   . LYS A 1 25  ? -9.94878  4.35720   11.01613  1.000 19.92862 ? 367 LYS A C   1 
ATOM   176  O O   . LYS A 1 25  ? -9.57279  3.43226   11.74041  1.000 21.22198 ? 367 LYS A O   1 
ATOM   177  C CB  . LYS A 1 25  ? -9.40106  6.55342   12.08997  1.000 20.84288 ? 367 LYS A CB  1 
ATOM   178  C CG  . LYS A 1 25  ? -8.36008  7.64011   12.29360  1.000 22.93293 ? 367 LYS A CG  1 
ATOM   179  C CD  . LYS A 1 25  ? -7.59955  7.46060   13.61431  0.000 20.93052 ? 367 LYS A CD  1 
ATOM   180  C CE  . LYS A 1 25  ? -7.14773  6.02032   13.83564  0.000 21.10113 ? 367 LYS A CE  1 
ATOM   181  N NZ  . LYS A 1 25  ? -6.46925  5.83171   15.14865  0.000 21.47741 ? 367 LYS A NZ  1 
ATOM   182  N N   . LYS A 1 26  ? -11.05944 4.28795   10.26898  1.000 19.45750 ? 368 LYS A N   1 
ATOM   183  C CA  . LYS A 1 26  ? -11.92081 3.10842   10.30029  1.000 18.46906 ? 368 LYS A CA  1 
ATOM   184  C C   . LYS A 1 26  ? -11.17081 1.83320   9.92159   1.000 19.83329 ? 368 LYS A C   1 
ATOM   185  O O   . LYS A 1 26  ? -11.55026 0.74740   10.36020  1.000 19.82673 ? 368 LYS A O   1 
ATOM   186  C CB  . LYS A 1 26  ? -13.11293 3.29099   9.34937   1.000 23.53430 ? 368 LYS A CB  1 
ATOM   187  C CG  . LYS A 1 26  ? -12.76474 3.94717   8.03413   0.000 20.17907 ? 368 LYS A CG  1 
ATOM   188  C CD  . LYS A 1 26  ? -13.88061 3.80822   7.01370   0.000 20.93648 ? 368 LYS A CD  1 
ATOM   189  C CE  . LYS A 1 26  ? -14.11123 5.12409   6.28690   0.000 21.53093 ? 368 LYS A CE  1 
ATOM   190  N NZ  . LYS A 1 26  ? -15.37830 5.12885   5.50697   0.000 22.40213 ? 368 LYS A NZ  1 
ATOM   191  N N   . HIS A 1 27  ? -10.12040 1.93184   9.10259   1.000 17.96404 ? 369 HIS A N   1 
ATOM   192  C CA  . HIS A 1 27  ? -9.38563  0.76233   8.63256   1.000 15.17559 ? 369 HIS A CA  1 
ATOM   193  C C   . HIS A 1 27  ? -8.08543  0.53850   9.37695   1.000 16.96775 ? 369 HIS A C   1 
ATOM   194  O O   . HIS A 1 27  ? -7.31511  -0.34952  8.99555   1.000 16.79790 ? 369 HIS A O   1 
ATOM   195  C CB  . HIS A 1 27  ? -9.07287  0.87855   7.13637   1.000 16.21263 ? 369 HIS A CB  1 
ATOM   196  C CG  . HIS A 1 27  ? -10.27822 1.09554   6.29330   1.000 16.86736 ? 369 HIS A CG  1 
ATOM   197  N ND1 . HIS A 1 27  ? -11.21314 0.10818   6.08290   1.000 17.72102 ? 369 HIS A ND1 1 
ATOM   198  C CD2 . HIS A 1 27  ? -10.70615 2.17813   5.60474   1.000 18.99324 ? 369 HIS A CD2 1 
ATOM   199  C CE1 . HIS A 1 27  ? -12.17334 0.57571   5.30534   1.000 19.71984 ? 369 HIS A CE1 1 
ATOM   200  N NE2 . HIS A 1 27  ? -11.88579 1.82940   4.99446   1.000 19.08957 ? 369 HIS A NE2 1 
ATOM   201  N N   . ALA A 1 28  ? -7.82203  1.32224   10.42059  1.000 17.36624 ? 370 ALA A N   1 
ATOM   202  C CA  . ALA A 1 28  ? -6.47958  1.36750   10.98388  1.000 17.91921 ? 370 ALA A CA  1 
ATOM   203  C C   . ALA A 1 28  ? -6.05196  0.02439   11.55496  1.000 17.70432 ? 370 ALA A C   1 
ATOM   204  O O   . ALA A 1 28  ? -4.84804  -0.27122  11.60650  1.000 16.99584 ? 370 ALA A O   1 
ATOM   205  C CB  . ALA A 1 28  ? -6.40775  2.45816   12.05709  1.000 18.96664 ? 370 ALA A CB  1 
ATOM   206  N N   . ALA A 1 29  ? -7.00170  -0.81363  11.98205  1.000 18.33606 ? 371 ALA A N   1 
ATOM   207  C CA  . ALA A 1 29  ? -6.60177  -2.06706  12.61716  1.000 18.65380 ? 371 ALA A CA  1 
ATOM   208  C C   . ALA A 1 29  ? -5.92238  -3.02758  11.64845  1.000 17.27705 ? 371 ALA A C   1 
ATOM   209  O O   . ALA A 1 29  ? -5.20350  -3.91883  12.10371  1.000 19.16033 ? 371 ALA A O   1 
ATOM   210  C CB  . ALA A 1 29  ? -7.80322  -2.75398  13.27510  1.000 19.16317 ? 371 ALA A CB  1 
ATOM   211  N N   . TYR A 1 30  ? -6.13009  -2.88044  10.33416  1.000 15.88044 ? 372 TYR A N   1 
ATOM   212  C CA  . TYR A 1 30  ? -5.43181  -3.69850  9.35130   1.000 16.70503 ? 372 TYR A CA  1 
ATOM   213  C C   . TYR A 1 30  ? -4.64072  -2.88443  8.34124   1.000 15.19135 ? 372 TYR A C   1 
ATOM   214  O O   . TYR A 1 30  ? -3.88542  -3.47007  7.55768   1.000 15.84278 ? 372 TYR A O   1 
ATOM   215  C CB  . TYR A 1 30  ? -6.41213  -4.61607  8.58673   1.000 18.22909 ? 372 TYR A CB  1 
ATOM   216  C CG  . TYR A 1 30  ? -7.72170  -3.98589  8.16078   1.000 17.85420 ? 372 TYR A CG  1 
ATOM   217  C CD1 . TYR A 1 30  ? -8.78227  -3.88892  9.05259   1.000 19.64992 ? 372 TYR A CD1 1 
ATOM   218  C CD2 . TYR A 1 30  ? -7.91288  -3.51612  6.85543   1.000 17.91555 ? 372 TYR A CD2 1 
ATOM   219  C CE1 . TYR A 1 30  ? -9.98074  -3.31667  8.68270   1.000 20.92154 ? 372 TYR A CE1 1 
ATOM   220  C CE2 . TYR A 1 30  ? -9.12966  -2.95124  6.46832   1.000 17.56768 ? 372 TYR A CE2 1 
ATOM   221  C CZ  . TYR A 1 30  ? -10.15796 -2.85495  7.39382   1.000 21.87745 ? 372 TYR A CZ  1 
ATOM   222  O OH  . TYR A 1 30  ? -11.37364 -2.29885  7.04317   1.000 21.05101 ? 372 TYR A OH  1 
ATOM   223  N N   . ALA A 1 31  ? -4.77809  -1.56250  8.33329   1.000 14.92629 ? 373 ALA A N   1 
ATOM   224  C CA  . ALA A 1 31  ? -4.03451  -0.75990  7.37346   1.000 13.24055 ? 373 ALA A CA  1 
ATOM   225  C C   . ALA A 1 31  ? -2.67111  -0.32595  7.88382   1.000 13.17376 ? 373 ALA A C   1 
ATOM   226  O O   . ALA A 1 31  ? -1.79922  -0.00527  7.07065   1.000 13.52072 ? 373 ALA A O   1 
ATOM   227  C CB  . ALA A 1 31  ? -4.84566  0.48165   6.97487   1.000 14.84837 ? 373 ALA A CB  1 
ATOM   228  N N   . TRP A 1 32  ? -2.45012  -0.33202  9.19993   1.000 13.54876 ? 374 TRP A N   1 
ATOM   229  C CA  . TRP A 1 32  ? -1.23822  0.27923   9.73522   1.000 12.46073 ? 374 TRP A CA  1 
ATOM   230  C C   . TRP A 1 32  ? 0.07759   -0.29715  9.20108   1.000 11.73272 ? 374 TRP A C   1 
ATOM   231  O O   . TRP A 1 32  ? 1.03387   0.48908   9.09619   1.000 12.91190 ? 374 TRP A O   1 
ATOM   232  C CB  . TRP A 1 32  ? -1.26963  0.24389   11.27945  1.000 12.09780 ? 374 TRP A CB  1 
ATOM   233  C CG  . TRP A 1 32  ? -1.16544  -1.13297  11.86070  1.000 12.99403 ? 374 TRP A CG  1 
ATOM   234  C CD1 . TRP A 1 32  ? -2.18841  -1.91571  12.29292  1.000 12.80126 ? 374 TRP A CD1 1 
ATOM   235  C CD2 . TRP A 1 32  ? 0.03489   -1.88607  12.06572  1.000 11.80199 ? 374 TRP A CD2 1 
ATOM   236  N NE1 . TRP A 1 32  ? -1.70640  -3.11482  12.74962  1.000 12.62734 ? 374 TRP A NE1 1 
ATOM   237  C CE2 . TRP A 1 32  ? -0.34149  -3.12021  12.62048  1.000 12.58723 ? 374 TRP A CE2 1 
ATOM   238  C CE3 . TRP A 1 32  ? 1.38334   -1.64088  11.81920  1.000 12.94102 ? 374 TRP A CE3 1 
ATOM   239  C CZ2 . TRP A 1 32  ? 0.58626   -4.12598  12.91734  1.000 12.39559 ? 374 TRP A CZ2 1 
ATOM   240  C CZ3 . TRP A 1 32  ? 2.31090   -2.63109  12.13816  1.000 12.29269 ? 374 TRP A CZ3 1 
ATOM   241  C CH2 . TRP A 1 32  ? 1.90361   -3.85330  12.67967  1.000 12.39898 ? 374 TRP A CH2 1 
ATOM   242  N N   . PRO A 1 33  ? 0.21351   -1.58353  8.83006   1.000 11.30577 ? 375 PRO A N   1 
ATOM   243  C CA  . PRO A 1 33  ? 1.50848   -2.02316  8.28360   1.000 10.82441 ? 375 PRO A CA  1 
ATOM   244  C C   . PRO A 1 33  ? 1.85178   -1.37808  6.96306   1.000 12.02838 ? 375 PRO A C   1 
ATOM   245  O O   . PRO A 1 33  ? 3.01139   -1.46573  6.54024   1.000 14.36860 ? 375 PRO A O   1 
ATOM   246  C CB  . PRO A 1 33  ? 1.34681   -3.53939  8.12087   1.000 11.43365 ? 375 PRO A CB  1 
ATOM   247  C CG  . PRO A 1 33  ? 0.20525   -3.92571  9.00588   1.000 12.11737 ? 375 PRO A CG  1 
ATOM   248  C CD  . PRO A 1 33  ? -0.71561  -2.72569  8.95531   1.000 10.88136 ? 375 PRO A CD  1 
ATOM   249  N N   . PHE A 1 34  ? 0.89476   -0.73249  6.30152   1.000 11.98006 ? 376 PHE A N   1 
ATOM   250  C CA  . PHE A 1 34  ? 1.13984   -0.19379  4.97672   1.000 11.47750 ? 376 PHE A CA  1 
ATOM   251  C C   . PHE A 1 34  ? 1.27900   1.31889   4.97850   1.000 12.79359 ? 376 PHE A C   1 
ATOM   252  O O   . PHE A 1 34  ? 1.49475   1.90924   3.91599   1.000 12.90971 ? 376 PHE A O   1 
ATOM   253  C CB  . PHE A 1 34  ? 0.04156   -0.68701  4.03283   1.000 10.73544 ? 376 PHE A CB  1 
ATOM   254  C CG  . PHE A 1 34  ? -0.17028  -2.13780  4.19868   1.000 11.01933 ? 376 PHE A CG  1 
ATOM   255  C CD1 . PHE A 1 34  ? 0.58367   -3.01746  3.47463   1.000 13.70347 ? 376 PHE A CD1 1 
ATOM   256  C CD2 . PHE A 1 34  ? -1.16684  -2.62328  5.04409   1.000 11.65187 ? 376 PHE A CD2 1 
ATOM   257  C CE1 . PHE A 1 34  ? 0.43504   -4.39768  3.66168   1.000 17.24803 ? 376 PHE A CE1 1 
ATOM   258  C CE2 . PHE A 1 34  ? -1.33642  -3.99087  5.23790   1.000 11.70603 ? 376 PHE A CE2 1 
ATOM   259  C CZ  . PHE A 1 34  ? -0.52701  -4.87663  4.55067   1.000 14.14516 ? 376 PHE A CZ  1 
ATOM   260  N N   . TYR A 1 35  ? 1.24622   1.95182   6.15668   1.000 12.71085 ? 377 TYR A N   1 
ATOM   261  C CA  . TYR A 1 35  ? 1.28602   3.40735   6.20502   1.000 12.56498 ? 377 TYR A CA  1 
ATOM   262  C C   . TYR A 1 35  ? 2.64045   3.96214   5.78950   1.000 14.45597 ? 377 TYR A C   1 
ATOM   263  O O   . TYR A 1 35  ? 2.69754   5.05412   5.21566   1.000 16.08662 ? 377 TYR A O   1 
ATOM   264  C CB  . TYR A 1 35  ? 0.95266   3.90270   7.61044   1.000 13.16587 ? 377 TYR A CB  1 
ATOM   265  C CG  . TYR A 1 35  ? -0.50259  3.81157   8.00236   1.000 14.22235 ? 377 TYR A CG  1 
ATOM   266  C CD1 . TYR A 1 35  ? -1.50242  3.49346   7.07305   1.000 14.84405 ? 377 TYR A CD1 1 
ATOM   267  C CD2 . TYR A 1 35  ? -0.88208  4.06961   9.30128   1.000 15.92155 ? 377 TYR A CD2 1 
ATOM   268  C CE1 . TYR A 1 35  ? -2.84811  3.43321   7.46578   1.000 15.29981 ? 377 TYR A CE1 1 
ATOM   269  C CE2 . TYR A 1 35  ? -2.18973  4.00186   9.70011   1.000 15.93480 ? 377 TYR A CE2 1 
ATOM   270  C CZ  . TYR A 1 35  ? -3.17411  3.68238   8.79482   1.000 15.50333 ? 377 TYR A CZ  1 
ATOM   271  O OH  . TYR A 1 35  ? -4.48647  3.63142   9.24712   1.000 15.99341 ? 377 TYR A OH  1 
ATOM   272  N N   . LYS A 1 36  ? 3.72866   3.26219   6.09176   1.000 13.77078 ? 378 LYS A N   1 
ATOM   273  C CA  . LYS A 1 36  ? 5.07574   3.81001   6.01955   1.000 16.01909 ? 378 LYS A CA  1 
ATOM   274  C C   . LYS A 1 36  ? 6.00281   2.78495   5.38064   1.000 14.09365 ? 378 LYS A C   1 
ATOM   275  O O   . LYS A 1 36  ? 5.68850   1.59215   5.35627   1.000 14.59367 ? 378 LYS A O   1 
ATOM   276  C CB  . LYS A 1 36  ? 5.58722   4.18446   7.41990   1.000 17.68194 ? 378 LYS A CB  1 
ATOM   277  C CG  . LYS A 1 36  ? 4.72703   5.22428   8.12289   1.000 21.59175 ? 378 LYS A CG  1 
ATOM   278  C CD  . LYS A 1 36  ? 4.92151   5.18552   9.61364   1.000 26.75781 ? 378 LYS A CD  1 
ATOM   279  C CE  . LYS A 1 36  ? 6.36998   4.94635   10.01358  1.000 28.07142 ? 378 LYS A CE  1 
ATOM   280  N NZ  . LYS A 1 36  ? 6.78642   5.87985   11.10156  1.000 24.92079 ? 378 LYS A NZ  1 
ATOM   281  N N   . PRO A 1 37  ? 7.14011   3.22490   4.83807   1.000 14.87959 ? 379 PRO A N   1 
ATOM   282  C CA  . PRO A 1 37  ? 8.05278   2.26268   4.20272   1.000 13.39366 ? 379 PRO A CA  1 
ATOM   283  C C   . PRO A 1 37  ? 8.48581   1.20640   5.20967   1.000 17.08937 ? 379 PRO A C   1 
ATOM   284  O O   . PRO A 1 37  ? 8.63771   1.49818   6.39744   1.000 15.37704 ? 379 PRO A O   1 
ATOM   285  C CB  . PRO A 1 37  ? 9.24012   3.12696   3.75509   1.000 15.83180 ? 379 PRO A CB  1 
ATOM   286  C CG  . PRO A 1 37  ? 8.72244   4.53878   3.72629   1.000 17.36523 ? 379 PRO A CG  1 
ATOM   287  C CD  . PRO A 1 37  ? 7.64345   4.61116   4.76597   1.000 17.21209 ? 379 PRO A CD  1 
ATOM   288  N N   . VAL A 1 38  ? 8.63741   -0.03490  4.73332   1.000 14.92304 ? 380 VAL A N   1 
ATOM   289  C CA  . VAL A 1 38  ? 9.22223   -1.08397  5.56795   1.000 16.36249 ? 380 VAL A CA  1 
ATOM   290  C C   . VAL A 1 38  ? 10.61170  -0.62940  6.00633   1.000 16.37217 ? 380 VAL A C   1 
ATOM   291  O O   . VAL A 1 38  ? 11.46816  -0.32432  5.17194   1.000 16.99256 ? 380 VAL A O   1 
ATOM   292  C CB  . VAL A 1 38  ? 9.27467   -2.41678  4.80315   1.000 16.51802 ? 380 VAL A CB  1 
ATOM   293  C CG1 . VAL A 1 38  ? 10.03494  -3.47227  5.59186   1.000 18.37360 ? 380 VAL A CG1 1 
ATOM   294  C CG2 . VAL A 1 38  ? 7.87633   -2.92963  4.48900   1.000 15.39809 ? 380 VAL A CG2 1 
ATOM   295  N N   . ASP A 1 39  ? 10.84121  -0.55571  7.32034   1.000 18.19196 ? 381 ASP A N   1 
ATOM   296  C CA  . ASP A 1 39  ? 12.16114  -0.17009  7.83815   1.000 17.54741 ? 381 ASP A CA  1 
ATOM   297  C C   . ASP A 1 39  ? 13.02613  -1.41977  7.94306   1.000 17.21665 ? 381 ASP A C   1 
ATOM   298  O O   . ASP A 1 39  ? 13.17843  -2.03064  9.00327   1.000 17.80157 ? 381 ASP A O   1 
ATOM   299  C CB  . ASP A 1 39  ? 12.04783  0.55466   9.17247   1.000 18.54050 ? 381 ASP A CB  1 
ATOM   300  C CG  . ASP A 1 39  ? 11.35197  1.89651   9.05129   1.000 23.30922 ? 381 ASP A CG  1 
ATOM   301  O OD1 . ASP A 1 39  ? 11.57652  2.58908   8.02449   1.000 25.97723 ? 381 ASP A OD1 1 
ATOM   302  O OD2 . ASP A 1 39  ? 10.58282  2.26025   9.96456   1.000 23.22326 ? 381 ASP A OD2 1 
ATOM   303  N N   . VAL A 1 40  ? 13.63365  -1.76560  6.80630   1.000 16.66199 ? 382 VAL A N   1 
ATOM   304  C CA  . VAL A 1 40  ? 14.28612  -3.06093  6.64355   1.000 18.57132 ? 382 VAL A CA  1 
ATOM   305  C C   . VAL A 1 40  ? 15.40760  -3.23796  7.66477   1.000 15.96702 ? 382 VAL A C   1 
ATOM   306  O O   . VAL A 1 40  ? 15.51385  -4.28386  8.31932   1.000 18.17679 ? 382 VAL A O   1 
ATOM   307  C CB  . VAL A 1 40  ? 14.80830  -3.20411  5.20069   1.000 16.60228 ? 382 VAL A CB  1 
ATOM   308  C CG1 . VAL A 1 40  ? 15.62571  -4.45005  5.06364   1.000 19.64693 ? 382 VAL A CG1 1 
ATOM   309  C CG2 . VAL A 1 40  ? 13.65244  -3.18132  4.20732   1.000 17.67165 ? 382 VAL A CG2 1 
ATOM   310  N N   . GLU A 1 41  ? 16.27572  -2.23146  7.80847   1.000 16.06012 ? 383 GLU A N   1 
ATOM   311  C CA  . GLU A 1 41  ? 17.43498  -2.40727  8.68259   1.000 17.36124 ? 383 GLU A CA  1 
ATOM   312  C C   . GLU A 1 41  ? 17.02497  -2.41135  10.14831  1.000 15.36000 ? 383 GLU A C   1 
ATOM   313  O O   . GLU A 1 41  ? 17.50410  -3.24036  10.93155  1.000 18.40338 ? 383 GLU A O   1 
ATOM   314  C CB  . GLU A 1 41  ? 18.47649  -1.31873  8.41720   1.000 22.21727 ? 383 GLU A CB  1 
ATOM   315  C CG  . GLU A 1 41  ? 18.88606  -1.18388  6.94780   1.000 25.25732 ? 383 GLU A CG  1 
ATOM   316  C CD  . GLU A 1 41  ? 19.83884  -0.03256  6.70996   0.000 22.02137 ? 383 GLU A CD  1 
ATOM   317  O OE1 . GLU A 1 41  ? 20.47220  0.42306   7.68344   0.000 21.60372 ? 383 GLU A OE1 1 
ATOM   318  O OE2 . GLU A 1 41  ? 19.95700  0.41510   5.55044   0.000 23.41764 ? 383 GLU A OE2 1 
ATOM   319  N N   . ALA A 1 42  ? 16.14421  -1.48383  10.54151  1.000 17.05069 ? 384 ALA A N   1 
ATOM   320  C CA  . ALA A 1 42  ? 15.71506  -1.40316  11.93833  1.000 17.27539 ? 384 ALA A CA  1 
ATOM   321  C C   . ALA A 1 42  ? 14.99101  -2.66889  12.38260  1.000 16.78097 ? 384 ALA A C   1 
ATOM   322  O O   . ALA A 1 42  ? 15.12707  -3.09456  13.53750  1.000 16.45374 ? 384 ALA A O   1 
ATOM   323  C CB  . ALA A 1 42  ? 14.81878  -0.17902  12.14925  1.000 20.37267 ? 384 ALA A CB  1 
ATOM   324  N N   . LEU A 1 43  ? 14.20064  -3.26978  11.49626  1.000 14.39765 ? 385 LEU A N   1 
ATOM   325  C CA  . LEU A 1 43  ? 13.44291  -4.46885  11.82496  1.000 12.95821 ? 385 LEU A CA  1 
ATOM   326  C C   . LEU A 1 43  ? 14.25805  -5.74276  11.68180  1.000 13.27521 ? 385 LEU A C   1 
ATOM   327  O O   . LEU A 1 43  ? 13.73942  -6.82248  11.98135  1.000 13.97923 ? 385 LEU A O   1 
ATOM   328  C CB  . LEU A 1 43  ? 12.19391  -4.56451  10.93483  1.000 14.44910 ? 385 LEU A CB  1 
ATOM   329  C CG  . LEU A 1 43  ? 11.10331  -3.50878  11.16063  1.000 15.48192 ? 385 LEU A CG  1 
ATOM   330  C CD1 . LEU A 1 43  ? 9.96610   -3.68807  10.17885  1.000 17.47328 ? 385 LEU A CD1 1 
ATOM   331  C CD2 . LEU A 1 43  ? 10.56816  -3.57397  12.57661  1.000 17.13552 ? 385 LEU A CD2 1 
ATOM   332  N N   . GLY A 1 44  ? 15.50009  -5.64742  11.20761  1.000 15.57798 ? 386 GLY A N   1 
ATOM   333  C CA  . GLY A 1 44  ? 16.32443  -6.83156  11.02672  1.000 17.18140 ? 386 GLY A CA  1 
ATOM   334  C C   . GLY A 1 44  ? 15.81757  -7.78120  9.96901   1.000 17.73188 ? 386 GLY A C   1 
ATOM   335  O O   . GLY A 1 44  ? 16.02823  -8.99645  10.08082  1.000 16.31440 ? 386 GLY A O   1 
ATOM   336  N N   . LEU A 1 45  ? 15.12470  -7.26129  8.95276   1.000 14.79803 ? 387 LEU A N   1 
ATOM   337  C CA  . LEU A 1 45  ? 14.64341  -8.07584  7.84434   1.000 16.09101 ? 387 LEU A CA  1 
ATOM   338  C C   . LEU A 1 45  ? 15.70981  -8.09336  6.75251   1.000 18.52795 ? 387 LEU A C   1 
ATOM   339  O O   . LEU A 1 45  ? 15.56432  -7.51608  5.67693   1.000 17.72664 ? 387 LEU A O   1 
ATOM   340  C CB  . LEU A 1 45  ? 13.31608  -7.53904  7.32496   1.000 15.20220 ? 387 LEU A CB  1 
ATOM   341  C CG  . LEU A 1 45  ? 12.24087  -7.39617  8.39114   1.000 14.83867 ? 387 LEU A CG  1 
ATOM   342  C CD1 . LEU A 1 45  ? 10.98609  -6.83501  7.76332   1.000 17.90192 ? 387 LEU A CD1 1 
ATOM   343  C CD2 . LEU A 1 45  ? 11.96212  -8.76389  9.01380   1.000 15.84083 ? 387 LEU A CD2 1 
ATOM   344  N N   . HIS A 1 46  ? 16.80655  -8.78858  7.05553   1.000 18.44715 ? 388 HIS A N   1 
ATOM   345  C CA  . HIS A 1 46  ? 17.96989  -8.75072  6.17883   1.000 19.19383 ? 388 HIS A CA  1 
ATOM   346  C C   . HIS A 1 46  ? 17.72726  -9.38058  4.81586   1.000 20.01577 ? 388 HIS A C   1 
ATOM   347  O O   . HIS A 1 46  ? 18.54954  -9.17629  3.91306   1.000 22.47100 ? 388 HIS A O   1 
ATOM   348  C CB  . HIS A 1 46  ? 19.15983  -9.44590  6.84548   1.000 21.09608 ? 388 HIS A CB  1 
ATOM   349  C CG  . HIS A 1 46  ? 19.45092  -8.95329  8.22795   1.000 25.56554 ? 388 HIS A CG  1 
ATOM   350  N ND1 . HIS A 1 46  ? 19.77749  -7.63946  8.49688   1.000 30.09837 ? 388 HIS A ND1 1 
ATOM   351  C CD2 . HIS A 1 46  ? 19.48691  -9.60214  9.41689   1.000 28.24932 ? 388 HIS A CD2 1 
ATOM   352  C CE1 . HIS A 1 46  ? 19.98837  -7.49945  9.79458   1.000 27.39217 ? 388 HIS A CE1 1 
ATOM   353  N NE2 . HIS A 1 46  ? 19.82141  -8.67543  10.37415  1.000 30.78865 ? 388 HIS A NE2 1 
ATOM   354  N N   . ASP A 1 47  ? 16.64285  -10.13124 4.63730   1.000 18.18026 ? 389 ASP A N   1 
ATOM   355  C CA  . ASP A 1 47  ? 16.33128  -10.73920 3.35061   1.000 18.47922 ? 389 ASP A CA  1 
ATOM   356  C C   . ASP A 1 47  ? 15.34025  -9.91780  2.53037   1.000 17.33805 ? 389 ASP A C   1 
ATOM   357  O O   . ASP A 1 47  ? 15.04629  -10.29066 1.39232   1.000 17.86886 ? 389 ASP A O   1 
ATOM   358  C CB  . ASP A 1 47  ? 15.78198  -12.16280 3.53976   1.000 19.71093 ? 389 ASP A CB  1 
ATOM   359  C CG  . ASP A 1 47  ? 14.55832  -12.21945 4.44355   1.000 21.75200 ? 389 ASP A CG  1 
ATOM   360  O OD1 . ASP A 1 47  ? 14.37783  -11.30246 5.27421   1.000 17.83868 ? 389 ASP A OD1 1 
ATOM   361  O OD2 . ASP A 1 47  ? 13.77311  -13.19604 4.31752   1.000 24.42413 ? 389 ASP A OD2 1 
ATOM   362  N N   . TYR A 1 48  ? 14.82266  -8.81049  3.07229   1.000 15.12352 ? 390 TYR A N   1 
ATOM   363  C CA  . TYR A 1 48  ? 13.74881  -8.09334  2.38028   1.000 13.63068 ? 390 TYR A CA  1 
ATOM   364  C C   . TYR A 1 48  ? 14.19752  -7.61570  1.00121   1.000 14.19625 ? 390 TYR A C   1 
ATOM   365  O O   . TYR A 1 48  ? 13.48880  -7.80717  0.00239   1.000 14.86379 ? 390 TYR A O   1 
ATOM   366  C CB  . TYR A 1 48  ? 13.25550  -6.92071  3.23942   1.000 14.19839 ? 390 TYR A CB  1 
ATOM   367  C CG  . TYR A 1 48  ? 11.96149  -6.31890  2.73963   1.000 14.13134 ? 390 TYR A CG  1 
ATOM   368  C CD1 . TYR A 1 48  ? 10.73800  -6.83798  3.13680   1.000 13.14600 ? 390 TYR A CD1 1 
ATOM   369  C CD2 . TYR A 1 48  ? 11.96644  -5.24574  1.86654   1.000 13.57569 ? 390 TYR A CD2 1 
ATOM   370  C CE1 . TYR A 1 48  ? 9.54441   -6.29968  2.67355   1.000 13.43905 ? 390 TYR A CE1 1 
ATOM   371  C CE2 . TYR A 1 48  ? 10.78010  -4.70054  1.39518   1.000 12.86156 ? 390 TYR A CE2 1 
ATOM   372  C CZ  . TYR A 1 48  ? 9.58112   -5.23881  1.79777   1.000 11.84982 ? 390 TYR A CZ  1 
ATOM   373  O OH  . TYR A 1 48  ? 8.40410   -4.68771  1.32614   1.000 13.33132 ? 390 TYR A OH  1 
ATOM   374  N N   . CYS A 1 49  ? 15.37782  -7.00077  0.91946   1.000 14.37510 ? 391 CYS A N   1 
ATOM   375  C CA  . CYS A 1 49  ? 15.83816  -6.48565  -0.36332  1.000 15.70608 ? 391 CYS A CA  1 
ATOM   376  C C   . CYS A 1 49  ? 16.34276  -7.58326  -1.28383  1.000 18.66334 ? 391 CYS A C   1 
ATOM   377  O O   . CYS A 1 49  ? 16.60083  -7.30527  -2.45527  1.000 20.07279 ? 391 CYS A O   1 
ATOM   378  C CB  . CYS A 1 49  ? 16.92688  -5.43707  -0.16291  1.000 20.27225 ? 391 CYS A CB  1 
ATOM   379  S SG  . CYS A 1 49  ? 16.37903  -4.01324  0.81985   1.000 19.37769 ? 391 CYS A SG  1 
ATOM   380  N N   . ASP A 1 50  ? 16.48127  -8.81926  -0.79296  1.000 19.09494 ? 392 ASP A N   1 
ATOM   381  C CA  . ASP A 1 50  ? 16.75474  -9.94179  -1.68654  1.000 19.34721 ? 392 ASP A CA  1 
ATOM   382  C C   . ASP A 1 50  ? 15.50779  -10.40932 -2.41654  1.000 20.56979 ? 392 ASP A C   1 
ATOM   383  O O   . ASP A 1 50  ? 15.61781  -11.01989 -3.48897  1.000 23.83641 ? 392 ASP A O   1 
ATOM   384  C CB  . ASP A 1 50  ? 17.36226  -11.10118 -0.89405  1.000 18.17721 ? 392 ASP A CB  1 
ATOM   385  C CG  . ASP A 1 50  ? 18.70028  -10.74764 -0.32706  1.000 21.20434 ? 392 ASP A CG  1 
ATOM   386  O OD1 . ASP A 1 50  ? 19.49201  -10.15292 -1.08776  1.000 25.31115 ? 392 ASP A OD1 1 
ATOM   387  O OD2 . ASP A 1 50  ? 18.94784  -11.01375 0.87196   1.000 21.28743 ? 392 ASP A OD2 1 
ATOM   388  N N   . ILE A 1 51  ? 14.33417  -10.09506 -1.88191  1.000 16.79456 ? 393 ILE A N   1 
ATOM   389  C CA  . ILE A 1 51  ? 13.05385  -10.54972 -2.41390  1.000 18.36920 ? 393 ILE A CA  1 
ATOM   390  C C   . ILE A 1 51  ? 12.30209  -9.43094  -3.12287  1.000 17.49937 ? 393 ILE A C   1 
ATOM   391  O O   . ILE A 1 51  ? 11.63227  -9.66691  -4.12862  1.000 17.93761 ? 393 ILE A O   1 
ATOM   392  C CB  . ILE A 1 51  ? 12.22109  -11.14655 -1.25634  1.000 15.33020 ? 393 ILE A CB  1 
ATOM   393  C CG1 . ILE A 1 51  ? 13.06446  -12.17801 -0.48408  1.000 19.64019 ? 393 ILE A CG1 1 
ATOM   394  C CG2 . ILE A 1 51  ? 10.82247  -11.60814 -1.70392  1.000 16.51030 ? 393 ILE A CG2 1 
ATOM   395  C CD1 . ILE A 1 51  ? 12.28837  -13.03949 0.48060   1.000 25.71633 ? 393 ILE A CD1 1 
ATOM   396  N N   . ILE A 1 52  ? 12.42737  -8.20536  -2.61998  1.000 15.37188 ? 394 ILE A N   1 
ATOM   397  C CA  . ILE A 1 52  ? 11.63255  -7.06440  -3.05860  1.000 14.95211 ? 394 ILE A CA  1 
ATOM   398  C C   . ILE A 1 52  ? 12.54194  -6.10897  -3.82098  1.000 14.62092 ? 394 ILE A C   1 
ATOM   399  O O   . ILE A 1 52  ? 13.48963  -5.56075  -3.24967  1.000 17.65303 ? 394 ILE A O   1 
ATOM   400  C CB  . ILE A 1 52  ? 10.98063  -6.35632  -1.85810  1.000 11.83087 ? 394 ILE A CB  1 
ATOM   401  C CG1 . ILE A 1 52  ? 10.05609  -7.31874  -1.09045  1.000 14.82311 ? 394 ILE A CG1 1 
ATOM   402  C CG2 . ILE A 1 52  ? 10.24590  -5.09474  -2.30788  1.000 13.19692 ? 394 ILE A CG2 1 
ATOM   403  C CD1 . ILE A 1 52  ? 9.10604   -8.10733  -1.98720  1.000 17.09712 ? 394 ILE A CD1 1 
ATOM   404  N N   . LYS A 1 53  ? 12.24579  -5.89030  -5.10555  1.000 15.34774 ? 395 LYS A N   1 
ATOM   405  C CA  . LYS A 1 53  ? 13.04892  -4.95785  -5.88959  1.000 16.15574 ? 395 LYS A CA  1 
ATOM   406  C C   . LYS A 1 53  ? 12.62305  -3.50766  -5.67363  1.000 16.02938 ? 395 LYS A C   1 
ATOM   407  O O   . LYS A 1 53  ? 13.47163  -2.60936  -5.61605  1.000 17.18204 ? 395 LYS A O   1 
ATOM   408  C CB  . LYS A 1 53  ? 12.95947  -5.32098  -7.37191  1.000 18.59392 ? 395 LYS A CB  1 
ATOM   409  C CG  . LYS A 1 53  ? 13.83579  -4.44471  -8.26575  1.000 24.25583 ? 395 LYS A CG  1 
ATOM   410  C CD  . LYS A 1 53  ? 13.40759  -4.51414  -9.71854  0.000 22.18322 ? 395 LYS A CD  1 
ATOM   411  C CE  . LYS A 1 53  ? 14.58106  -4.25525  -10.64879 0.000 24.32557 ? 395 LYS A CE  1 
ATOM   412  N NZ  . LYS A 1 53  ? 15.64908  -5.29075  -10.51385 0.000 25.60674 ? 395 LYS A NZ  1 
ATOM   413  N N   . HIS A 1 54  ? 11.32118  -3.25206  -5.55047  1.000 14.45017 ? 396 HIS A N   1 
ATOM   414  C CA  . HIS A 1 54  ? 10.78804  -1.88974  -5.50848  1.000 14.22474 ? 396 HIS A CA  1 
ATOM   415  C C   . HIS A 1 54  ? 9.84078   -1.74950  -4.32706  1.000 14.39019 ? 396 HIS A C   1 
ATOM   416  O O   . HIS A 1 54  ? 8.63571   -1.99342  -4.46435  1.000 13.56775 ? 396 HIS A O   1 
ATOM   417  C CB  . HIS A 1 54  ? 10.03892  -1.54186  -6.79302  1.000 17.14023 ? 396 HIS A CB  1 
ATOM   418  C CG  . HIS A 1 54  ? 10.90716  -1.47578  -8.00736  1.000 21.24263 ? 396 HIS A CG  1 
ATOM   419  N ND1 . HIS A 1 54  ? 12.04215  -0.69575  -8.07304  1.000 23.52280 ? 396 HIS A ND1 1 
ATOM   420  C CD2 . HIS A 1 54  ? 10.80368  -2.09481  -9.20829  1.000 23.20690 ? 396 HIS A CD2 1 
ATOM   421  C CE1 . HIS A 1 54  ? 12.60364  -0.83918  -9.26107  1.000 22.89318 ? 396 HIS A CE1 1 
ATOM   422  N NE2 . HIS A 1 54  ? 11.86959  -1.67831  -9.97036  1.000 25.72595 ? 396 HIS A NE2 1 
ATOM   423  N N   . PRO A 1 55  ? 10.34139  -1.36082  -3.15558  1.000 12.89391 ? 397 PRO A N   1 
ATOM   424  C CA  . PRO A 1 55  ? 9.43669   -1.14517  -2.01617  1.000 13.44278 ? 397 PRO A CA  1 
ATOM   425  C C   . PRO A 1 55  ? 8.44526   -0.02796  -2.30241  1.000 15.20504 ? 397 PRO A C   1 
ATOM   426  O O   . PRO A 1 55  ? 8.74266   0.92484   -3.02843  1.000 13.14900 ? 397 PRO A O   1 
ATOM   427  C CB  . PRO A 1 55  ? 10.37765  -0.76897  -0.86832  1.000 16.05456 ? 397 PRO A CB  1 
ATOM   428  C CG  . PRO A 1 55  ? 11.72120  -1.31620  -1.28645  1.000 16.34621 ? 397 PRO A CG  1 
ATOM   429  C CD  . PRO A 1 55  ? 11.75610  -1.18740  -2.78847  1.000 14.72551 ? 397 PRO A CD  1 
ATOM   430  N N   . MET A 1 56  ? 7.25757   -0.15768  -1.70935  1.000 11.72942 ? 398 MET A N   1 
ATOM   431  C CA  . MET A 1 56  ? 6.20693   0.84607   -1.81390  1.000 13.97014 ? 398 MET A CA  1 
ATOM   432  C C   . MET A 1 56  ? 5.29551   0.76451   -0.59850  1.000 13.54410 ? 398 MET A C   1 
ATOM   433  O O   . MET A 1 56  ? 5.16242   -0.28807  0.03382   1.000 13.22076 ? 398 MET A O   1 
ATOM   434  C CB  . MET A 1 56  ? 5.42439   0.72457   -3.13575  1.000 12.40220 ? 398 MET A CB  1 
ATOM   435  C CG  . MET A 1 56  ? 4.36307   1.77765   -3.26877  1.000 13.45057 ? 398 MET A CG  1 
ATOM   436  S SD  . MET A 1 56  ? 5.09501   3.40876   -3.52761  1.000 15.01743 ? 398 MET A SD  1 
ATOM   437  C CE  . MET A 1 56  ? 6.41706   3.06545   -4.68603  1.000 14.91338 ? 398 MET A CE  1 
ATOM   438  N N   . ASP A 1 57  ? 4.69652   1.90982   -0.27074  1.000 13.93092 ? 399 ASP A N   1 
ATOM   439  C CA  . ASP A 1 57  ? 3.87874   2.08888   0.92048   1.000 13.09544 ? 399 ASP A CA  1 
ATOM   440  C C   . ASP A 1 57  ? 2.93789   3.25805   0.67824   1.000 13.67175 ? 399 ASP A C   1 
ATOM   441  O O   . ASP A 1 57  ? 3.11470   4.02534   -0.27468  1.000 12.99241 ? 399 ASP A O   1 
ATOM   442  C CB  . ASP A 1 57  ? 4.76294   2.37006   2.12488   1.000 13.90729 ? 399 ASP A CB  1 
ATOM   443  C CG  . ASP A 1 57  ? 5.44248   3.71254   1.99963   1.000 15.31763 ? 399 ASP A CG  1 
ATOM   444  O OD1 . ASP A 1 57  ? 6.45901   3.78820   1.25689   1.000 14.83184 ? 399 ASP A OD1 1 
ATOM   445  O OD2 . ASP A 1 57  ? 4.89474   4.70319   2.55817   1.000 14.95494 ? 399 ASP A OD2 1 
ATOM   446  N N   . MET A 1 58  ? 1.94377   3.40929   1.56596   1.000 12.43759 ? 400 MET A N   1 
ATOM   447  C CA  . MET A 1 58  ? 0.93119   4.44232   1.31476   1.000 13.81944 ? 400 MET A CA  1 
ATOM   448  C C   . MET A 1 58  ? 1.41864   5.85774   1.56487   1.000 15.29582 ? 400 MET A C   1 
ATOM   449  O O   . MET A 1 58  ? 0.90564   6.78474   0.93302   1.000 13.41285 ? 400 MET A O   1 
ATOM   450  C CB  . MET A 1 58  ? -0.36309  4.20991   2.09802   1.000 16.46061 ? 400 MET A CB  1 
ATOM   451  C CG  . MET A 1 58  ? -1.01173  2.85912   1.94575   1.000 12.44610 ? 400 MET A CG  1 
ATOM   452  S SD  . MET A 1 58  ? -2.14162  2.44496   3.28801   1.000 14.29390 ? 400 MET A SD  1 
ATOM   453  C CE  . MET A 1 58  ? -3.35282  3.73296   3.09431   1.000 16.58345 ? 400 MET A CE  1 
ATOM   454  N N   . SER A 1 59  ? 2.36979   6.07098   2.47483   1.000 13.83846 ? 401 SER A N   1 
ATOM   455  C CA  . SER A 1 59  ? 2.88814   7.42949   2.62421   1.000 15.74501 ? 401 SER A CA  1 
ATOM   456  C C   . SER A 1 59  ? 3.61662   7.87040   1.36666   1.000 14.52975 ? 401 SER A C   1 
ATOM   457  O O   . SER A 1 59  ? 3.50721   9.02653   0.94640   1.000 16.27244 ? 401 SER A O   1 
ATOM   458  C CB  . SER A 1 59  ? 3.80313   7.53219   3.84334   1.000 16.03184 ? 401 SER A CB  1 
ATOM   459  O OG  . SER A 1 59  ? 3.00556   7.59270   5.01219   1.000 18.22080 ? 401 SER A OG  1 
ATOM   460  N N   . THR A 1 60  ? 4.35267   6.95712   0.74281   1.000 14.09200 ? 402 THR A N   1 
ATOM   461  C CA  . THR A 1 60  ? 5.05280   7.28888   -0.48767  1.000 13.59987 ? 402 THR A CA  1 
ATOM   462  C C   . THR A 1 60  ? 4.05799   7.54637   -1.61005  1.000 13.07254 ? 402 THR A C   1 
ATOM   463  O O   . THR A 1 60  ? 4.21534   8.50042   -2.37972  1.000 14.45869 ? 402 THR A O   1 
ATOM   464  C CB  . THR A 1 60  ? 6.01939   6.15460   -0.85172  1.000 14.18331 ? 402 THR A CB  1 
ATOM   465  O OG1 . THR A 1 60  ? 6.98492   5.99631   0.20072   1.000 15.46943 ? 402 THR A OG1 1 
ATOM   466  C CG2 . THR A 1 60  ? 6.75829   6.44915   -2.15121  1.000 16.69140 ? 402 THR A CG2 1 
ATOM   467  N N   . ILE A 1 61  ? 3.01912   6.71105   -1.70439  1.000 12.26420 ? 403 ILE A N   1 
ATOM   468  C CA  . ILE A 1 61  ? 1.96176   6.90919   -2.70185  1.000 11.66258 ? 403 ILE A CA  1 
ATOM   469  C C   . ILE A 1 61  ? 1.27827   8.26324   -2.49467  1.000 13.46729 ? 403 ILE A C   1 
ATOM   470  O O   . ILE A 1 61  ? 1.00216   9.00344   -3.45043  1.000 13.76460 ? 403 ILE A O   1 
ATOM   471  C CB  . ILE A 1 61  ? 0.95421   5.74385   -2.62196  1.000 12.28148 ? 403 ILE A CB  1 
ATOM   472  C CG1 . ILE A 1 61  ? 1.58940   4.45413   -3.14473  1.000 12.84266 ? 403 ILE A CG1 1 
ATOM   473  C CG2 . ILE A 1 61  ? -0.30713  6.04476   -3.40575  1.000 14.96470 ? 403 ILE A CG2 1 
ATOM   474  C CD1 . ILE A 1 61  ? 0.75176   3.20932   -2.83731  1.000 13.16325 ? 403 ILE A CD1 1 
ATOM   475  N N   . LYS A 1 62  ? 0.96769   8.59646   -1.24346  1.000 12.68196 ? 404 LYS A N   1 
ATOM   476  C CA  . LYS A 1 62  ? 0.36691   9.89764   -0.95365  1.000 14.18738 ? 404 LYS A CA  1 
ATOM   477  C C   . LYS A 1 62  ? 1.27696   11.03747  -1.39599  1.000 15.22693 ? 404 LYS A C   1 
ATOM   478  O O   . LYS A 1 62  ? 0.82031   12.00162  -2.02763  1.000 16.43876 ? 404 LYS A O   1 
ATOM   479  C CB  . LYS A 1 62  ? 0.04829   9.99767   0.53659   1.000 17.20304 ? 404 LYS A CB  1 
ATOM   480  C CG  . LYS A 1 62  ? -0.49518  11.34081  0.99521   1.000 21.04311 ? 404 LYS A CG  1 
ATOM   481  C CD  . LYS A 1 62  ? -0.89096  11.24845  2.46163   1.000 23.06568 ? 404 LYS A CD  1 
ATOM   482  C CE  . LYS A 1 62  ? -1.25992  12.60370  3.05550   1.000 29.63550 ? 404 LYS A CE  1 
ATOM   483  N NZ  . LYS A 1 62  ? -2.58136  13.09499  2.55978   1.000 30.72614 ? 404 LYS A NZ  1 
ATOM   484  N N   . SER A 1 63  ? 2.57324   10.93576  -1.08740  1.000 15.64792 ? 405 SER A N   1 
ATOM   485  C CA  . SER A 1 63  ? 3.51164   11.97633  -1.49225  1.000 17.39488 ? 405 SER A CA  1 
ATOM   486  C C   . SER A 1 63  ? 3.56085   12.10762  -3.00505  1.000 17.40898 ? 405 SER A C   1 
ATOM   487  O O   . SER A 1 63  ? 3.54463   13.22396  -3.54042  1.000 17.45808 ? 405 SER A O   1 
ATOM   488  C CB  . SER A 1 63  ? 4.90454   11.68524  -0.93609  1.000 19.05132 ? 405 SER A CB  1 
ATOM   489  O OG  . SER A 1 63  ? 4.91411   11.83015  0.46868   1.000 24.26437 ? 405 SER A OG  1 
ATOM   490  N N   . LYS A 1 64  ? 3.60319   10.97782  -3.71427  1.000 15.98169 ? 406 LYS A N   1 
ATOM   491  C CA  . LYS A 1 64  ? 3.65815   11.02841  -5.17168  1.000 15.12257 ? 406 LYS A CA  1 
ATOM   492  C C   . LYS A 1 64  ? 2.38611   11.63119  -5.75466  1.000 16.19657 ? 406 LYS A C   1 
ATOM   493  O O   . LYS A 1 64  ? 2.45227   12.46600  -6.66429  1.000 15.84560 ? 406 LYS A O   1 
ATOM   494  C CB  . LYS A 1 64  ? 3.89882   9.62702   -5.73760  1.000 14.13348 ? 406 LYS A CB  1 
ATOM   495  C CG  . LYS A 1 64  ? 5.29722   9.10961   -5.48986  1.000 13.88156 ? 406 LYS A CG  1 
ATOM   496  C CD  . LYS A 1 64  ? 5.47476   7.69142   -5.98167  1.000 14.72588 ? 406 LYS A CD  1 
ATOM   497  C CE  . LYS A 1 64  ? 5.56328   7.60761   -7.49293  1.000 15.38936 ? 406 LYS A CE  1 
ATOM   498  N NZ  . LYS A 1 64  ? 5.92858   6.21805   -7.89267  1.000 18.47544 ? 406 LYS A NZ  1 
ATOM   499  N N   . LEU A 1 65  ? 1.22070   11.22716  -5.25139  1.000 14.07869 ? 407 LEU A N   1 
ATOM   500  C CA  . LEU A 1 65  ? -0.02760  11.76006  -5.78952  1.000 16.05139 ? 407 LEU A CA  1 
ATOM   501  C C   . LEU A 1 65  ? -0.13272  13.25975  -5.53437  1.000 17.57232 ? 407 LEU A C   1 
ATOM   502  O O   . LEU A 1 65  ? -0.51634  14.02884  -6.42309  1.000 15.57844 ? 407 LEU A O   1 
ATOM   503  C CB  . LEU A 1 65  ? -1.21628  11.00560  -5.17561  1.000 16.54351 ? 407 LEU A CB  1 
ATOM   504  C CG  . LEU A 1 65  ? -2.65017  11.31646  -5.62212  1.000 20.77760 ? 407 LEU A CG  1 
ATOM   505  C CD1 . LEU A 1 65  ? -2.92377  10.91930  -7.08346  1.000 19.54516 ? 407 LEU A CD1 1 
ATOM   506  C CD2 . LEU A 1 65  ? -3.64114  10.63696  -4.67315  1.000 20.62616 ? 407 LEU A CD2 1 
ATOM   507  N N   . GLU A 1 66  ? 0.23610   13.70068  -4.33634  1.000 16.26810 ? 408 GLU A N   1 
ATOM   508  C CA  . GLU A 1 66  ? 0.11994   15.11573  -4.02786  1.000 20.57180 ? 408 GLU A CA  1 
ATOM   509  C C   . GLU A 1 66  ? 1.18904   15.94352  -4.73085  1.000 19.79559 ? 408 GLU A C   1 
ATOM   510  O O   . GLU A 1 66  ? 1.02763   17.16714  -4.85646  1.000 21.65686 ? 408 GLU A O   1 
ATOM   511  C CB  . GLU A 1 66  ? 0.16240   15.29154  -2.51076  1.000 20.48025 ? 408 GLU A CB  1 
ATOM   512  C CG  . GLU A 1 66  ? -1.05571  14.65633  -1.85558  1.000 21.33224 ? 408 GLU A CG  1 
ATOM   513  C CD  . GLU A 1 66  ? -1.09448  14.83139  -0.35408  1.000 28.93881 ? 408 GLU A CD  1 
ATOM   514  O OE1 . GLU A 1 66  ? -2.10924  14.42674  0.25994   1.000 31.47799 ? 408 GLU A OE1 1 
ATOM   515  O OE2 . GLU A 1 66  ? -0.12929  15.38765  0.21070   1.000 29.95092 ? 408 GLU A OE2 1 
ATOM   516  N N   . ALA A 1 67  ? 2.25459   15.30126  -5.21423  1.000 16.59559 ? 409 ALA A N   1 
ATOM   517  C CA  . ALA A 1 67  ? 3.28994   15.94876  -6.01313  1.000 18.23013 ? 409 ALA A CA  1 
ATOM   518  C C   . ALA A 1 67  ? 3.06130   15.78153  -7.50720  1.000 16.83269 ? 409 ALA A C   1 
ATOM   519  O O   . ALA A 1 67  ? 3.96812   16.07536  -8.30093  1.000 16.89231 ? 409 ALA A O   1 
ATOM   520  C CB  . ALA A 1 67  ? 4.66519   15.40475  -5.64427  1.000 20.78173 ? 409 ALA A CB  1 
ATOM   521  N N   . ARG A 1 68  ? 1.87119   15.31898  -7.90332  1.000 17.82112 ? 410 ARG A N   1 
ATOM   522  C CA  . ARG A 1 68  ? 1.45540   15.14742  -9.30035  1.000 16.13519 ? 410 ARG A CA  1 
ATOM   523  C C   . ARG A 1 68  ? 2.27250   14.10447  -10.04669 1.000 17.49429 ? 410 ARG A C   1 
ATOM   524  O O   . ARG A 1 68  ? 2.34163   14.13613  -11.28708 1.000 16.50377 ? 410 ARG A O   1 
ATOM   525  C CB  . ARG A 1 68  ? 1.51013   16.47132  -10.06663 1.000 17.13543 ? 410 ARG A CB  1 
ATOM   526  C CG  . ARG A 1 68  ? 0.83907   17.60814  -9.36211  1.000 17.73103 ? 410 ARG A CG  1 
ATOM   527  C CD  . ARG A 1 68  ? 0.99726   18.87812  -10.17029 1.000 18.58707 ? 410 ARG A CD  1 
ATOM   528  N NE  . ARG A 1 68  ? 0.28891   19.96596  -9.52255  1.000 22.85092 ? 410 ARG A NE  1 
ATOM   529  C CZ  . ARG A 1 68  ? 0.77829   21.18596  -9.34498  1.000 19.02684 ? 410 ARG A CZ  1 
ATOM   530  N NH1 . ARG A 1 68  ? 1.99304   21.51553  -9.75745  1.000 15.08561 ? 410 ARG A NH1 1 
ATOM   531  N NH2 . ARG A 1 68  ? 0.02874   22.09486  -8.73102  1.000 19.94241 ? 410 ARG A NH2 1 
ATOM   532  N N   . GLU A 1 69  ? 2.90388   13.16886  -9.33427  1.000 17.39170 ? 411 GLU A N   1 
ATOM   533  C CA  . GLU A 1 69  ? 3.82080   12.23477  -9.96670  1.000 17.12749 ? 411 GLU A CA  1 
ATOM   534  C C   . GLU A 1 69  ? 3.13595   11.03107  -10.62109 1.000 20.63099 ? 411 GLU A C   1 
ATOM   535  O O   . GLU A 1 69  ? 3.83683   10.20407  -11.21787 1.000 22.99298 ? 411 GLU A O   1 
ATOM   536  C CB  . GLU A 1 69  ? 4.88819   11.80297  -8.93975  1.000 18.35363 ? 411 GLU A CB  1 
ATOM   537  C CG  . GLU A 1 69  ? 6.03149   12.84787  -8.86841  1.000 23.45799 ? 411 GLU A CG  1 
ATOM   538  C CD  . GLU A 1 69  ? 6.66548   13.06668  -7.49739  1.000 27.67584 ? 411 GLU A CD  1 
ATOM   539  O OE1 . GLU A 1 69  ? 6.68243   12.14575  -6.66111  1.000 27.03545 ? 411 GLU A OE1 1 
ATOM   540  O OE2 . GLU A 1 69  ? 7.21776   14.17348  -7.27726  1.000 28.09855 ? 411 GLU A OE2 1 
ATOM   541  N N   . TYR A 1 70  ? 1.80269   10.93315  -10.59179 1.000 16.95312 ? 412 TYR A N   1 
ATOM   542  C CA  . TYR A 1 70  ? 1.07001   9.92087   -11.35462 1.000 16.88032 ? 412 TYR A CA  1 
ATOM   543  C C   . TYR A 1 70  ? 0.43459   10.54922  -12.58794 1.000 17.61016 ? 412 TYR A C   1 
ATOM   544  O O   . TYR A 1 70  ? -0.22377  11.58749  -12.48888 1.000 16.39016 ? 412 TYR A O   1 
ATOM   545  C CB  . TYR A 1 70  ? -0.01443  9.25324   -10.50496 1.000 14.30414 ? 412 TYR A CB  1 
ATOM   546  C CG  . TYR A 1 70  ? 0.56895   8.48539   -9.33571  1.000 13.20330 ? 412 TYR A CG  1 
ATOM   547  C CD1 . TYR A 1 70  ? 1.47590   7.46150   -9.55546  1.000 15.14426 ? 412 TYR A CD1 1 
ATOM   548  C CD2 . TYR A 1 70  ? 0.24110   8.80167   -8.02979  1.000 12.78002 ? 412 TYR A CD2 1 
ATOM   549  C CE1 . TYR A 1 70  ? 2.03698   6.75937   -8.51133  1.000 14.29214 ? 412 TYR A CE1 1 
ATOM   550  C CE2 . TYR A 1 70  ? 0.80696   8.08975   -6.95494  1.000 13.18102 ? 412 TYR A CE2 1 
ATOM   551  C CZ  . TYR A 1 70  ? 1.69527   7.07417   -7.22013  1.000 12.50629 ? 412 TYR A CZ  1 
ATOM   552  O OH  . TYR A 1 70  ? 2.27784   6.35865   -6.18611  1.000 14.21807 ? 412 TYR A OH  1 
ATOM   553  N N   . ARG A 1 71  ? 0.62018   9.90273   -13.74048 1.000 16.47122 ? 413 ARG A N   1 
ATOM   554  C CA  . ARG A 1 71  ? 0.05087   10.40549  -14.98567 1.000 19.15755 ? 413 ARG A CA  1 
ATOM   555  C C   . ARG A 1 71  ? -1.45961  10.22064  -15.02796 1.000 20.86812 ? 413 ARG A C   1 
ATOM   556  O O   . ARG A 1 71  ? -2.17101  11.04752  -15.61083 1.000 21.44507 ? 413 ARG A O   1 
ATOM   557  C CB  . ARG A 1 71  ? 0.67524   9.67517   -16.17192 1.000 21.28571 ? 413 ARG A CB  1 
ATOM   558  C CG  . ARG A 1 71  ? 2.01738   10.19286  -16.65547 1.000 29.94829 ? 413 ARG A CG  1 
ATOM   559  C CD  . ARG A 1 71  ? 2.18542   9.70212   -18.09974 1.000 34.24057 ? 413 ARG A CD  1 
ATOM   560  N NE  . ARG A 1 71  ? 3.15006   8.61299   -18.22669 1.000 38.03627 ? 413 ARG A NE  1 
ATOM   561  C CZ  . ARG A 1 71  ? 4.03013   8.48709   -19.21380 1.000 39.95021 ? 413 ARG A CZ  1 
ATOM   562  N NH1 . ARG A 1 71  ? 4.06219   9.33589   -20.22533 1.000 37.36919 ? 413 ARG A NH1 1 
ATOM   563  N NH2 . ARG A 1 71  ? 4.88313   7.46522   -19.19944 1.000 44.73251 ? 413 ARG A NH2 1 
ATOM   564  N N   . ASP A 1 72  ? -1.96536  9.14731   -14.42865 1.000 19.17360 ? 414 ASP A N   1 
ATOM   565  C CA  . ASP A 1 72  ? -3.36834  8.76146   -14.56164 1.000 21.29258 ? 414 ASP A CA  1 
ATOM   566  C C   . ASP A 1 72  ? -3.67616  7.74915   -13.46551 1.000 17.75281 ? 414 ASP A C   1 
ATOM   567  O O   . ASP A 1 72  ? -2.80789  7.41259   -12.65583 1.000 17.42283 ? 414 ASP A O   1 
ATOM   568  C CB  . ASP A 1 72  ? -3.66089  8.19033   -15.95008 1.000 21.19157 ? 414 ASP A CB  1 
ATOM   569  C CG  . ASP A 1 72  ? -2.75809  7.01706   -16.32041 1.000 23.63101 ? 414 ASP A CG  1 
ATOM   570  O OD1 . ASP A 1 72  ? -2.15904  6.38223   -15.42854 1.000 19.95357 ? 414 ASP A OD1 1 
ATOM   571  O OD2 . ASP A 1 72  ? -2.65015  6.72192   -17.52686 1.000 24.82460 ? 414 ASP A OD2 1 
ATOM   572  N N   . ALA A 1 73  ? -4.91668  7.24213   -13.45941 1.000 17.66197 ? 415 ALA A N   1 
ATOM   573  C CA  . ALA A 1 73  ? -5.30846  6.29038   -12.41807 1.000 18.70383 ? 415 ALA A CA  1 
ATOM   574  C C   . ALA A 1 73  ? -4.54667  4.97919   -12.54336 1.000 17.81543 ? 415 ALA A C   1 
ATOM   575  O O   . ALA A 1 73  ? -4.26818  4.32716   -11.53049 1.000 16.32390 ? 415 ALA A O   1 
ATOM   576  C CB  . ALA A 1 73  ? -6.81555  6.02555   -12.46028 1.000 23.67224 ? 415 ALA A CB  1 
ATOM   577  N N   . GLN A 1 74  ? -4.19566  4.57375   -13.76821 1.000 16.82191 ? 416 GLN A N   1 
ATOM   578  C CA  . GLN A 1 74  ? -3.44727  3.33407   -13.93706 1.000 18.37598 ? 416 GLN A CA  1 
ATOM   579  C C   . GLN A 1 74  ? -2.11325  3.39612   -13.20897 1.000 16.91325 ? 416 GLN A C   1 
ATOM   580  O O   . GLN A 1 74  ? -1.70096  2.41425   -12.57897 1.000 16.66349 ? 416 GLN A O   1 
ATOM   581  C CB  . GLN A 1 74  ? -3.24173  3.03149   -15.42570 1.000 20.55213 ? 416 GLN A CB  1 
ATOM   582  C CG  . GLN A 1 74  ? -2.87906  1.57778   -15.69540 1.000 22.97156 ? 416 GLN A CG  1 
ATOM   583  C CD  . GLN A 1 74  ? -1.43631  1.23198   -15.37493 1.000 27.01636 ? 416 GLN A CD  1 
ATOM   584  O OE1 . GLN A 1 74  ? -0.59422  2.11048   -15.19207 0.000 21.08556 ? 416 GLN A OE1 1 
ATOM   585  N NE2 . GLN A 1 74  ? -1.16196  -0.06630  -15.23086 1.000 29.49433 ? 416 GLN A NE2 1 
ATOM   586  N N   . GLU A 1 75  ? -1.42623  4.54214   -13.27199 1.000 15.50761 ? 417 GLU A N   1 
ATOM   587  C CA  . GLU A 1 75  ? -0.12570  4.63265   -12.61869 1.000 14.44981 ? 417 GLU A CA  1 
ATOM   588  C C   . GLU A 1 75  ? -0.27024  4.64555   -11.10140 1.000 15.15742 ? 417 GLU A C   1 
ATOM   589  O O   . GLU A 1 75  ? 0.56474   4.07567   -10.38511 1.000 16.33340 ? 417 GLU A O   1 
ATOM   590  C CB  . GLU A 1 75  ? 0.63990   5.86644   -13.09783 1.000 16.00948 ? 417 GLU A CB  1 
ATOM   591  C CG  . GLU A 1 75  ? 1.00050   5.81638   -14.56748 1.000 21.49233 ? 417 GLU A CG  1 
ATOM   592  C CD  . GLU A 1 75  ? 2.08734   6.81275   -14.93720 1.000 25.09018 ? 417 GLU A CD  1 
ATOM   593  O OE1 . GLU A 1 75  ? 2.71575   6.61958   -16.01141 1.000 36.30019 ? 417 GLU A OE1 1 
ATOM   594  O OE2 . GLU A 1 75  ? 2.34218   7.74711   -14.14491 1.000 26.36749 ? 417 GLU A OE2 1 
ATOM   595  N N   . PHE A 1 76  ? -1.31031  5.30201   -10.59123 1.000 15.22898 ? 418 PHE A N   1 
ATOM   596  C CA  . PHE A 1 76  ? -1.57060  5.27115   -9.15609  1.000 14.87747 ? 418 PHE A CA  1 
ATOM   597  C C   . PHE A 1 76  ? -1.89551  3.84860   -8.71051  1.000 15.04394 ? 418 PHE A C   1 
ATOM   598  O O   . PHE A 1 76  ? -1.33584  3.33785   -7.72829  1.000 14.41738 ? 418 PHE A O   1 
ATOM   599  C CB  . PHE A 1 76  ? -2.71348  6.24564   -8.84632  1.000 15.24087 ? 418 PHE A CB  1 
ATOM   600  C CG  . PHE A 1 76  ? -3.36301  6.04052   -7.51539  1.000 15.20603 ? 418 PHE A CG  1 
ATOM   601  C CD1 . PHE A 1 76  ? -2.83226  6.61862   -6.38486  1.000 15.30338 ? 418 PHE A CD1 1 
ATOM   602  C CD2 . PHE A 1 76  ? -4.53953  5.30658   -7.40249  1.000 16.40861 ? 418 PHE A CD2 1 
ATOM   603  C CE1 . PHE A 1 76  ? -3.43276  6.44771   -5.15111  1.000 14.96528 ? 418 PHE A CE1 1 
ATOM   604  C CE2 . PHE A 1 76  ? -5.14200  5.11725   -6.17090  1.000 15.81413 ? 418 PHE A CE2 1 
ATOM   605  C CZ  . PHE A 1 76  ? -4.58922  5.69567   -5.03789  1.000 15.77040 ? 418 PHE A CZ  1 
ATOM   606  N N   . GLY A 1 77  ? -2.78600  3.17824   -9.44446  1.000 13.58365 ? 419 GLY A N   1 
ATOM   607  C CA  . GLY A 1 77  ? -3.14132  1.81826   -9.09030  1.000 15.17901 ? 419 GLY A CA  1 
ATOM   608  C C   . GLY A 1 77  ? -1.97257  0.85530   -9.11936  1.000 14.96188 ? 419 GLY A C   1 
ATOM   609  O O   . GLY A 1 77  ? -1.91781  -0.07757  -8.31432  1.000 13.65631 ? 419 GLY A O   1 
ATOM   610  N N   . ALA A 1 78  ? -1.02342  1.06169   -10.03618 1.000 12.55456 ? 420 ALA A N   1 
ATOM   611  C CA  . ALA A 1 78  ? 0.13467   0.17349   -10.10188 1.000 14.62722 ? 420 ALA A CA  1 
ATOM   612  C C   . ALA A 1 78  ? 0.98244   0.25366   -8.83048  1.000 13.93007 ? 420 ALA A C   1 
ATOM   613  O O   . ALA A 1 78  ? 1.51116   -0.76277  -8.36578  1.000 13.81559 ? 420 ALA A O   1 
ATOM   614  C CB  . ALA A 1 78  ? 0.98166   0.50641   -11.33522 1.000 15.80735 ? 420 ALA A CB  1 
ATOM   615  N N   . ASP A 1 79  ? 1.14639   1.45059   -8.26057  1.000 15.18955 ? 421 ASP A N   1 
ATOM   616  C CA  . ASP A 1 79  ? 1.90806   1.56158   -7.01460  1.000 11.41765 ? 421 ASP A CA  1 
ATOM   617  C C   . ASP A 1 79  ? 1.14488   0.95142   -5.84191  1.000 12.53336 ? 421 ASP A C   1 
ATOM   618  O O   . ASP A 1 79  ? 1.74759   0.31108   -4.97052  1.000 12.48973 ? 421 ASP A O   1 
ATOM   619  C CB  . ASP A 1 79  ? 2.24201   3.02579   -6.71468  1.000 13.35005 ? 421 ASP A CB  1 
ATOM   620  C CG  . ASP A 1 79  ? 3.63918   3.42545   -7.17265  1.000 15.89263 ? 421 ASP A CG  1 
ATOM   621  O OD1 . ASP A 1 79  ? 4.37006   2.56593   -7.71951  1.000 16.62920 ? 421 ASP A OD1 1 
ATOM   622  O OD2 . ASP A 1 79  ? 4.00070   4.61756   -7.00155  1.000 15.63995 ? 421 ASP A OD2 1 
ATOM   623  N N   . VAL A 1 80  ? -0.17416  1.15051   -5.78817  1.000 12.15416 ? 422 VAL A N   1 
ATOM   624  C CA  . VAL A 1 80  ? -0.95693  0.51642   -4.72630  1.000 11.83146 ? 422 VAL A CA  1 
ATOM   625  C C   . VAL A 1 80  ? -0.79662  -0.99597  -4.80340  1.000 12.19515 ? 422 VAL A C   1 
ATOM   626  O O   . VAL A 1 80  ? -0.51828  -1.66603  -3.79855  1.000 11.70548 ? 422 VAL A O   1 
ATOM   627  C CB  . VAL A 1 80  ? -2.43895  0.92236   -4.81322  1.000 10.78097 ? 422 VAL A CB  1 
ATOM   628  C CG1 . VAL A 1 80  ? -3.24252  0.13308   -3.76612  1.000 11.93707 ? 422 VAL A CG1 1 
ATOM   629  C CG2 . VAL A 1 80  ? -2.58991  2.40018   -4.60508  1.000 11.71190 ? 422 VAL A CG2 1 
ATOM   630  N N   . ARG A 1 81  ? -0.93542  -1.55445  -6.00937  1.000 11.80857 ? 423 ARG A N   1 
ATOM   631  C CA  . ARG A 1 81  ? -0.84351  -3.00338  -6.12696  1.000 13.66702 ? 423 ARG A CA  1 
ATOM   632  C C   . ARG A 1 81  ? 0.57020   -3.49644  -5.88391  1.000 12.61976 ? 423 ARG A C   1 
ATOM   633  O O   . ARG A 1 81  ? 0.75677   -4.60995  -5.37231  1.000 12.38107 ? 423 ARG A O   1 
ATOM   634  C CB  . ARG A 1 81  ? -1.33706  -3.45160  -7.49010  1.000 14.29340 ? 423 ARG A CB  1 
ATOM   635  C CG  . ARG A 1 81  ? -2.80440  -3.22201  -7.64601  1.000 15.58101 ? 423 ARG A CG  1 
ATOM   636  C CD  . ARG A 1 81  ? -3.23153  -3.61977  -9.02312  1.000 17.68668 ? 423 ARG A CD  1 
ATOM   637  N NE  . ARG A 1 81  ? -4.68384  -3.70483  -9.10405  1.000 16.40352 ? 423 ARG A NE  1 
ATOM   638  C CZ  . ARG A 1 81  ? -5.35090  -3.62640  -10.24557 1.000 17.55590 ? 423 ARG A CZ  1 
ATOM   639  N NH1 . ARG A 1 81  ? -4.72324  -3.42734  -11.39655 1.000 17.20715 ? 423 ARG A NH1 1 
ATOM   640  N NH2 . ARG A 1 81  ? -6.67283  -3.76705  -10.23520 1.000 17.37276 ? 423 ARG A NH2 1 
ATOM   641  N N   . LEU A 1 82  ? 1.56983   -2.68787  -6.23122  1.000 12.16316 ? 424 LEU A N   1 
ATOM   642  C CA  . LEU A 1 82  ? 2.95018   -3.05183  -5.93717  1.000 12.40869 ? 424 LEU A CA  1 
ATOM   643  C C   . LEU A 1 82  ? 3.16456   -3.19527  -4.43857  1.000 12.41633 ? 424 LEU A C   1 
ATOM   644  O O   . LEU A 1 82  ? 3.84695   -4.12714  -3.98418  1.000 11.76262 ? 424 LEU A O   1 
ATOM   645  C CB  . LEU A 1 82  ? 3.89520   -2.00823  -6.54100  1.000 13.05956 ? 424 LEU A CB  1 
ATOM   646  C CG  . LEU A 1 82  ? 5.38047   -2.04126  -6.16322  1.000 13.68715 ? 424 LEU A CG  1 
ATOM   647  C CD1 . LEU A 1 82  ? 6.02871   -3.35478  -6.60907  1.000 13.85727 ? 424 LEU A CD1 1 
ATOM   648  C CD2 . LEU A 1 82  ? 6.09188   -0.82468  -6.75933  1.000 12.40101 ? 424 LEU A CD2 1 
ATOM   649  N N   . MET A 1 83  ? 2.57385   -2.30218  -3.64186  1.000 11.47194 ? 425 MET A N   1 
ATOM   650  C CA  . MET A 1 83  ? 2.81359   -2.41367  -2.21060  1.000 12.17886 ? 425 MET A CA  1 
ATOM   651  C C   . MET A 1 83  ? 2.16805   -3.68573  -1.67386  1.000 11.81673 ? 425 MET A C   1 
ATOM   652  O O   . MET A 1 83  ? 2.76039   -4.39411  -0.84345  1.000 11.62750 ? 425 MET A O   1 
ATOM   653  C CB  . MET A 1 83  ? 2.33797   -1.13988  -1.48552  1.000 14.43826 ? 425 MET A CB  1 
ATOM   654  C CG  . MET A 1 83  ? 1.69107   -1.30938  -0.09324  1.000 12.03748 ? 425 MET A CG  1 
ATOM   655  S SD  . MET A 1 83  ? 0.73305   0.15179   0.43210   1.000 13.15096 ? 425 MET A SD  1 
ATOM   656  C CE  . MET A 1 83  ? -0.90363  -0.29687  -0.18060  1.000 13.91480 ? 425 MET A CE  1 
ATOM   657  N N   . PHE A 1 84  ? 0.99068   -4.04132  -2.18954  1.000 11.55533 ? 426 PHE A N   1 
ATOM   658  C CA  . PHE A 1 84  ? 0.36691   -5.27426  -1.72121  1.000 11.94692 ? 426 PHE A CA  1 
ATOM   659  C C   . PHE A 1 84  ? 1.12739   -6.49075  -2.21993  1.000 12.99583 ? 426 PHE A C   1 
ATOM   660  O O   . PHE A 1 84  ? 1.37005   -7.42509  -1.45268  1.000 12.77704 ? 426 PHE A O   1 
ATOM   661  C CB  . PHE A 1 84  ? -1.09655  -5.33451  -2.15771  1.000 12.40003 ? 426 PHE A CB  1 
ATOM   662  C CG  . PHE A 1 84  ? -1.97253  -4.38585  -1.40588  1.000 10.98198 ? 426 PHE A CG  1 
ATOM   663  C CD1 . PHE A 1 84  ? -1.96425  -4.37233  -0.01772  1.000 11.65141 ? 426 PHE A CD1 1 
ATOM   664  C CD2 . PHE A 1 84  ? -2.79143  -3.49672  -2.08146  1.000 11.67000 ? 426 PHE A CD2 1 
ATOM   665  C CE1 . PHE A 1 84  ? -2.77649  -3.48184  0.69275   1.000 12.79679 ? 426 PHE A CE1 1 
ATOM   666  C CE2 . PHE A 1 84  ? -3.60757  -2.60707  -1.39822  1.000 11.14731 ? 426 PHE A CE2 1 
ATOM   667  C CZ  . PHE A 1 84  ? -3.60106  -2.59840  -0.00282  1.000 11.81737 ? 426 PHE A CZ  1 
ATOM   668  N N   . SER A 1 85  ? 1.51982   -6.49951  -3.50077  1.000 11.15027 ? 427 SER A N   1 
ATOM   669  C CA  . SER A 1 85  ? 2.19555   -7.68409  -4.02783  1.000 11.88535 ? 427 SER A CA  1 
ATOM   670  C C   . SER A 1 85  ? 3.57465   -7.87306  -3.41062  1.000 11.96469 ? 427 SER A C   1 
ATOM   671  O O   . SER A 1 85  ? 4.03563   -9.00687  -3.29747  1.000 12.07230 ? 427 SER A O   1 
ATOM   672  C CB  . SER A 1 85  ? 2.29244   -7.62606  -5.55591  1.000 13.40946 ? 427 SER A CB  1 
ATOM   673  O OG  . SER A 1 85  ? 3.08911   -6.53474  -5.98215  1.000 13.60095 ? 427 SER A OG  1 
ATOM   674  N N   . ASN A 1 86  ? 4.24148   -6.78846  -3.00737  1.000 13.09627 ? 428 ASN A N   1 
ATOM   675  C CA  . ASN A 1 86  ? 5.45852   -6.91980  -2.21007  1.000 11.49591 ? 428 ASN A CA  1 
ATOM   676  C C   . ASN A 1 86  ? 5.17884   -7.67283  -0.92182  1.000 12.24346 ? 428 ASN A C   1 
ATOM   677  O O   . ASN A 1 86  ? 5.93453   -8.56849  -0.53192  1.000 12.37294 ? 428 ASN A O   1 
ATOM   678  C CB  . ASN A 1 86  ? 6.03325   -5.53933  -1.87868  1.000 11.51777 ? 428 ASN A CB  1 
ATOM   679  C CG  . ASN A 1 86  ? 6.74614   -4.89865  -3.04639  1.000 13.85648 ? 428 ASN A CG  1 
ATOM   680  O OD1 . ASN A 1 86  ? 7.04032   -5.55071  -4.05202  1.000 12.94388 ? 428 ASN A OD1 1 
ATOM   681  N ND2 . ASN A 1 86  ? 7.02248   -3.59346  -2.92422  1.000 11.97289 ? 428 ASN A ND2 1 
ATOM   682  N N   . CYS A 1 87  ? 4.10760   -7.28698  -0.22445  1.000 11.41625 ? 429 CYS A N   1 
ATOM   683  C CA  . CYS A 1 87  ? 3.73047   -7.97629  1.00366   1.000 11.47496 ? 429 CYS A CA  1 
ATOM   684  C C   . CYS A 1 87  ? 3.54088   -9.47245  0.76466   1.000 12.52757 ? 429 CYS A C   1 
ATOM   685  O O   . CYS A 1 87  ? 4.03139   -10.30437 1.54015   1.000 13.44390 ? 429 CYS A O   1 
ATOM   686  C CB  . CYS A 1 87  ? 2.45524   -7.34574  1.56455   1.000 11.93886 ? 429 CYS A CB  1 
ATOM   687  S SG  . CYS A 1 87  ? 1.97091   -7.95823  3.17829   1.000 13.13635 ? 429 CYS A SG  1 
ATOM   688  N N   . TYR A 1 88  ? 2.82557   -9.83415  -0.31112  1.000 12.44416 ? 430 TYR A N   1 
ATOM   689  C CA  . TYR A 1 88  ? 2.53561   -11.23817 -0.58716  1.000 11.85850 ? 430 TYR A CA  1 
ATOM   690  C C   . TYR A 1 88  ? 3.78937   -12.01543 -0.98028  1.000 13.31143 ? 430 TYR A C   1 
ATOM   691  O O   . TYR A 1 88  ? 3.85847   -13.22601 -0.74508  1.000 14.06583 ? 430 TYR A O   1 
ATOM   692  C CB  . TYR A 1 88  ? 1.47722   -11.36852 -1.70031  1.000 13.19763 ? 430 TYR A CB  1 
ATOM   693  C CG  . TYR A 1 88  ? 0.21285   -10.56985 -1.48475  1.000 13.18603 ? 430 TYR A CG  1 
ATOM   694  C CD1 . TYR A 1 88  ? -0.31933  -10.42567 -0.21676  1.000 12.54619 ? 430 TYR A CD1 1 
ATOM   695  C CD2 . TYR A 1 88  ? -0.46307  -9.98734  -2.55303  1.000 11.68451 ? 430 TYR A CD2 1 
ATOM   696  C CE1 . TYR A 1 88  ? -1.45598  -9.69467  -0.00201  1.000 12.17599 ? 430 TYR A CE1 1 
ATOM   697  C CE2 . TYR A 1 88  ? -1.63101  -9.25213  -2.35072  1.000 11.74715 ? 430 TYR A CE2 1 
ATOM   698  C CZ  . TYR A 1 88  ? -2.12470  -9.12296  -1.06304  1.000 12.88325 ? 430 TYR A CZ  1 
ATOM   699  O OH  . TYR A 1 88  ? -3.27887  -8.40099  -0.80465  1.000 11.77166 ? 430 TYR A OH  1 
ATOM   700  N N   . LYS A 1 89  ? 4.76853   -11.35715 -1.61472  1.000 12.85803 ? 431 LYS A N   1 
ATOM   701  C CA  . LYS A 1 89  ? 6.02479   -12.03123 -1.94611  1.000 13.82190 ? 431 LYS A CA  1 
ATOM   702  C C   . LYS A 1 89  ? 6.87903   -12.25382 -0.71827  1.000 13.86335 ? 431 LYS A C   1 
ATOM   703  O O   . LYS A 1 89  ? 7.54046   -13.29357 -0.60118  1.000 15.70072 ? 431 LYS A O   1 
ATOM   704  C CB  . LYS A 1 89  ? 6.84422   -11.24231 -2.97619  1.000 14.71945 ? 431 LYS A CB  1 
ATOM   705  C CG  . LYS A 1 89  ? 6.12844   -10.78336 -4.20630  1.000 20.92740 ? 431 LYS A CG  1 
ATOM   706  C CD  . LYS A 1 89  ? 7.08828   -10.01600 -5.11595  1.000 20.33951 ? 431 LYS A CD  1 
ATOM   707  C CE  . LYS A 1 89  ? 6.73075   -10.16577 -6.57637  1.000 28.13561 ? 431 LYS A CE  1 
ATOM   708  N NZ  . LYS A 1 89  ? 7.41018   -9.09421  -7.36533  1.000 28.90895 ? 431 LYS A NZ  1 
ATOM   709  N N   . TYR A 1 90  ? 6.89154   -11.28812 0.20176   1.000 12.73335 ? 432 TYR A N   1 
ATOM   710  C CA  . TYR A 1 90  ? 7.85835   -11.34555 1.29187   1.000 12.64251 ? 432 TYR A CA  1 
ATOM   711  C C   . TYR A 1 90  ? 7.37529   -12.22780 2.43889   1.000 16.21279 ? 432 TYR A C   1 
ATOM   712  O O   . TYR A 1 90  ? 8.16725   -12.97793 3.02417   1.000 16.22935 ? 432 TYR A O   1 
ATOM   713  C CB  . TYR A 1 90  ? 8.17582   -9.94188  1.81764   1.000 11.85272 ? 432 TYR A CB  1 
ATOM   714  C CG  . TYR A 1 90  ? 9.18753   -10.03241 2.94181   1.000 13.19725 ? 432 TYR A CG  1 
ATOM   715  C CD1 . TYR A 1 90  ? 10.49241  -10.40738 2.68652   1.000 14.81117 ? 432 TYR A CD1 1 
ATOM   716  C CD2 . TYR A 1 90  ? 8.80895   -9.81979  4.26286   1.000 14.70021 ? 432 TYR A CD2 1 
ATOM   717  C CE1 . TYR A 1 90  ? 11.41009  -10.54191 3.71771   1.000 15.29453 ? 432 TYR A CE1 1 
ATOM   718  C CE2 . TYR A 1 90  ? 9.71159   -9.94447  5.29731   1.000 15.37074 ? 432 TYR A CE2 1 
ATOM   719  C CZ  . TYR A 1 90  ? 11.00832  -10.29935 5.01939   1.000 18.14157 ? 432 TYR A CZ  1 
ATOM   720  O OH  . TYR A 1 90  ? 11.89151  -10.43550 6.07103   1.000 16.31319 ? 432 TYR A OH  1 
ATOM   721  N N   . ASN A 1 91  ? 6.13260   -12.14304 2.77952   1.000 13.81199 ? 433 ASN A N   1 
ATOM   722  C CA  . ASN A 1 91  ? 5.63871   -12.79311 3.98777   1.000 14.42015 ? 433 ASN A CA  1 
ATOM   723  C C   . ASN A 1 91  ? 4.97241   -14.13139 3.66441   1.000 18.52045 ? 433 ASN A C   1 
ATOM   724  O O   . ASN A 1 91  ? 4.43060   -14.31354 2.56842   1.000 17.80254 ? 433 ASN A O   1 
ATOM   725  C CB  . ASN A 1 91  ? 4.63725   -11.87803 4.70320   1.000 15.78061 ? 433 ASN A CB  1 
ATOM   726  C CG  . ASN A 1 91  ? 5.24230   -10.55354 5.11602   1.000 15.16897 ? 433 ASN A CG  1 
ATOM   727  O OD1 . ASN A 1 91  ? 5.90447   -10.44961 6.15604   1.000 14.79137 ? 433 ASN A OD1 1 
ATOM   728  N ND2 . ASN A 1 91  ? 4.99746   -9.50899  4.31665   1.000 14.14553 ? 433 ASN A ND2 1 
ATOM   729  N N   . PRO A 1 92  ? 4.99379   -15.07996 4.60189   1.000 19.03900 ? 434 PRO A N   1 
ATOM   730  C CA  . PRO A 1 92  ? 4.31863   -16.35903 4.36414   1.000 20.09183 ? 434 PRO A CA  1 
ATOM   731  C C   . PRO A 1 92  ? 2.83056   -16.15194 4.15876   1.000 20.64697 ? 434 PRO A C   1 
ATOM   732  O O   . PRO A 1 92  ? 2.23039   -15.21957 4.71982   1.000 19.50937 ? 434 PRO A O   1 
ATOM   733  C CB  . PRO A 1 92  ? 4.59917   -17.15116 5.65106   1.000 23.46760 ? 434 PRO A CB  1 
ATOM   734  C CG  . PRO A 1 92  ? 5.76326   -16.48569 6.28526   1.000 23.30639 ? 434 PRO A CG  1 
ATOM   735  C CD  . PRO A 1 92  ? 5.68788   -15.03870 5.90283   1.000 18.48553 ? 434 PRO A CD  1 
ATOM   736  N N   . PRO A 1 93  ? 2.18538   -17.02121 3.37679   1.000 20.09370 ? 435 PRO A N   1 
ATOM   737  C CA  . PRO A 1 93  ? 0.78013   -16.77098 3.01488   1.000 20.06987 ? 435 PRO A CA  1 
ATOM   738  C C   . PRO A 1 93  ? -0.18531  -16.79181 4.19140   1.000 18.96559 ? 435 PRO A C   1 
ATOM   739  O O   . PRO A 1 93  ? -1.24252  -16.15470 4.11780   1.000 22.29410 ? 435 PRO A O   1 
ATOM   740  C CB  . PRO A 1 93  ? 0.47505   -17.89157 2.00802   1.000 23.91378 ? 435 PRO A CB  1 
ATOM   741  C CG  . PRO A 1 93  ? 1.53315   -18.92880 2.24690   1.000 25.85792 ? 435 PRO A CG  1 
ATOM   742  C CD  . PRO A 1 93  ? 2.74401   -18.20546 2.70694   1.000 23.42215 ? 435 PRO A CD  1 
ATOM   743  N N   . ASP A 1 94  ? 0.13476   -17.49064 5.27480   1.000 21.90989 ? 436 ASP A N   1 
ATOM   744  C CA  . ASP A 1 94  ? -0.71983  -17.49341 6.45361   1.000 20.87995 ? 436 ASP A CA  1 
ATOM   745  C C   . ASP A 1 94  ? -0.30584  -16.45144 7.48819   1.000 18.48136 ? 436 ASP A C   1 
ATOM   746  O O   . ASP A 1 94  ? -0.84448  -16.45098 8.59811   1.000 18.71853 ? 436 ASP A O   1 
ATOM   747  C CB  . ASP A 1 94  ? -0.74612  -18.89457 7.06960   1.000 22.10090 ? 436 ASP A CB  1 
ATOM   748  C CG  . ASP A 1 94  ? 0.61728   -19.34434 7.54489   1.000 30.85267 ? 436 ASP A CG  1 
ATOM   749  O OD1 . ASP A 1 94  ? 1.63198   -18.81228 7.02990   1.000 26.45551 ? 436 ASP A OD1 1 
ATOM   750  O OD2 . ASP A 1 94  ? 0.67286   -20.23489 8.41937   1.000 32.83469 ? 436 ASP A OD2 1 
ATOM   751  N N   . HIS A 1 95  ? 0.61824   -15.55681 7.14323   1.000 17.23751 ? 437 HIS A N   1 
ATOM   752  C CA  . HIS A 1 95  ? 1.04497   -14.52388 8.07685   1.000 15.66079 ? 437 HIS A CA  1 
ATOM   753  C C   . HIS A 1 95  ? -0.07149  -13.52673 8.34211   1.000 16.79252 ? 437 HIS A C   1 
ATOM   754  O O   . HIS A 1 95  ? -0.82983  -13.15077 7.44299   1.000 15.00808 ? 437 HIS A O   1 
ATOM   755  C CB  . HIS A 1 95  ? 2.26200   -13.78243 7.53518   1.000 16.44838 ? 437 HIS A CB  1 
ATOM   756  C CG  . HIS A 1 95  ? 3.02763   -13.02780 8.57896   1.000 16.26420 ? 437 HIS A CG  1 
ATOM   757  N ND1 . HIS A 1 95  ? 2.53265   -11.89727 9.19421   1.000 15.57908 ? 437 HIS A ND1 1 
ATOM   758  C CD2 . HIS A 1 95  ? 4.25714   -13.23514 9.10574   1.000 18.70954 ? 437 HIS A CD2 1 
ATOM   759  C CE1 . HIS A 1 95  ? 3.42408   -11.44309 10.05844  1.000 16.65926 ? 437 HIS A CE1 1 
ATOM   760  N NE2 . HIS A 1 95  ? 4.48142   -12.23370 10.02014  1.000 15.97684 ? 437 HIS A NE2 1 
ATOM   761  N N   . GLU A 1 96  ? -0.13237  -13.06675 9.58871   1.000 15.25515 ? 438 GLU A N   1 
ATOM   762  C CA  . GLU A 1 96  ? -1.12362  -12.08480 10.00272  1.000 14.63667 ? 438 GLU A CA  1 
ATOM   763  C C   . GLU A 1 96  ? -1.11183  -10.85403 9.10478   1.000 15.24116 ? 438 GLU A C   1 
ATOM   764  O O   . GLU A 1 96  ? -2.16854  -10.27288 8.81004   1.000 17.00741 ? 438 GLU A O   1 
ATOM   765  C CB  . GLU A 1 96  ? -0.83851  -11.70241 11.45916  1.000 21.28747 ? 438 GLU A CB  1 
ATOM   766  C CG  . GLU A 1 96  ? -1.85691  -10.81583 12.09517  1.000 25.50201 ? 438 GLU A CG  1 
ATOM   767  C CD  . GLU A 1 96  ? -1.57790  -10.66476 13.57775  1.000 27.68164 ? 438 GLU A CD  1 
ATOM   768  O OE1 . GLU A 1 96  ? -0.56908  -11.24172 14.05298  1.000 29.94022 ? 438 GLU A OE1 1 
ATOM   769  O OE2 . GLU A 1 96  ? -2.38000  -10.00296 14.26045  1.000 31.83818 ? 438 GLU A OE2 1 
ATOM   770  N N   . VAL A 1 97  ? 0.07393   -10.45391 8.64045   1.000 14.50397 ? 439 VAL A N   1 
ATOM   771  C CA  . VAL A 1 97  ? 0.19125   -9.22608  7.85247   1.000 14.36470 ? 439 VAL A CA  1 
ATOM   772  C C   . VAL A 1 97  ? -0.34730  -9.43790  6.44809   1.000 12.50187 ? 439 VAL A C   1 
ATOM   773  O O   . VAL A 1 97  ? -0.84319  -8.49318  5.82171   1.000 13.74434 ? 439 VAL A O   1 
ATOM   774  C CB  . VAL A 1 97  ? 1.65535   -8.74617  7.84958   1.000 15.95016 ? 439 VAL A CB  1 
ATOM   775  C CG1 . VAL A 1 97  ? 1.86084   -7.56370  6.90995   1.000 14.89220 ? 439 VAL A CG1 1 
ATOM   776  C CG2 . VAL A 1 97  ? 2.06576   -8.36532  9.26622   1.000 17.26660 ? 439 VAL A CG2 1 
ATOM   777  N N   . VAL A 1 98  ? -0.27522  -10.66692 5.93560   1.000 13.55990 ? 440 VAL A N   1 
ATOM   778  C CA  . VAL A 1 98  ? -0.85771  -10.95855 4.62378   1.000 14.28022 ? 440 VAL A CA  1 
ATOM   779  C C   . VAL A 1 98  ? -2.37500  -10.88071 4.68603   1.000 15.15367 ? 440 VAL A C   1 
ATOM   780  O O   . VAL A 1 98  ? -3.02524  -10.36265 3.76640   1.000 12.83819 ? 440 VAL A O   1 
ATOM   781  C CB  . VAL A 1 98  ? -0.38109  -12.33364 4.12034   1.000 14.85402 ? 440 VAL A CB  1 
ATOM   782  C CG1 . VAL A 1 98  ? -1.25288  -12.83720 2.94778   1.000 15.03587 ? 440 VAL A CG1 1 
ATOM   783  C CG2 . VAL A 1 98  ? 1.08684   -12.26723 3.73984   1.000 15.59147 ? 440 VAL A CG2 1 
ATOM   784  N N   . ALA A 1 99  ? -2.96669  -11.38476 5.76872   1.000 13.73835 ? 441 ALA A N   1 
ATOM   785  C CA  . ALA A 1 99  ? -4.40896  -11.24950 5.93545   1.000 14.85179 ? 441 ALA A CA  1 
ATOM   786  C C   . ALA A 1 99  ? -4.81611  -9.78480  6.02543   1.000 14.22308 ? 441 ALA A C   1 
ATOM   787  O O   . ALA A 1 99  ? -5.84698  -9.37764  5.46361   1.000 14.08809 ? 441 ALA A O   1 
ATOM   788  C CB  . ALA A 1 99  ? -4.87146  -12.01161 7.17526   1.000 17.75705 ? 441 ALA A CB  1 
ATOM   789  N N   . MET A 1 100 ? -4.02840  -8.97452  6.73726   1.000 12.60848 ? 442 MET A N   1 
ATOM   790  C CA  . MET A 1 100 ? -4.30339  -7.54310  6.77283   1.000 12.72796 ? 442 MET A CA  1 
ATOM   791  C C   . MET A 1 100 ? -4.18564  -6.90894  5.38227   1.000 13.27847 ? 442 MET A C   1 
ATOM   792  O O   . MET A 1 100 ? -4.99287  -6.04643  5.01826   1.000 12.80336 ? 442 MET A O   1 
ATOM   793  C CB  . MET A 1 100 ? -3.35758  -6.85393  7.75456   1.000 14.92826 ? 442 MET A CB  1 
ATOM   794  C CG  . MET A 1 100 ? -3.58303  -7.21308  9.20106   1.000 15.10919 ? 442 MET A CG  1 
ATOM   795  S SD  . MET A 1 100 ? -2.07780  -7.04957  10.17753  1.000 22.40922 ? 442 MET A SD  1 
ATOM   796  C CE  . MET A 1 100 ? -2.54089  -5.49215  10.82277  1.000 18.56813 ? 442 MET A CE  1 
ATOM   797  N N   . ALA A 1 101 ? -3.16798  -7.29977  4.60873   1.000 12.25634 ? 443 ALA A N   1 
ATOM   798  C CA  . ALA A 1 101 ? -3.01216  -6.77179  3.25377   1.000 11.26920 ? 443 ALA A CA  1 
ATOM   799  C C   . ALA A 1 101 ? -4.20105  -7.12868  2.37584   1.000 11.40843 ? 443 ALA A C   1 
ATOM   800  O O   . ALA A 1 101 ? -4.69721  -6.28809  1.61637   1.000 12.64085 ? 443 ALA A O   1 
ATOM   801  C CB  . ALA A 1 101 ? -1.72169  -7.30497  2.62567   1.000 11.50903 ? 443 ALA A CB  1 
ATOM   802  N N   . ARG A 1 102 ? -4.65279  -8.37958  2.43153   1.000 13.50905 ? 444 ARG A N   1 
ATOM   803  C CA  . ARG A 1 102 ? -5.75812  -8.76889  1.55787   1.000 12.32825 ? 444 ARG A CA  1 
ATOM   804  C C   . ARG A 1 102 ? -7.02684  -8.00628  1.92638   1.000 11.88005 ? 444 ARG A C   1 
ATOM   805  O O   . ARG A 1 102 ? -7.80001  -7.60552  1.04623   1.000 12.74097 ? 444 ARG A O   1 
ATOM   806  C CB  . ARG A 1 102 ? -5.97305  -10.28160 1.62397   1.000 12.13478 ? 444 ARG A CB  1 
ATOM   807  C CG  . ARG A 1 102 ? -4.83745  -11.12153 1.03739   1.000 12.38113 ? 444 ARG A CG  1 
ATOM   808  C CD  . ARG A 1 102 ? -5.16385  -12.61177 1.10364   1.000 11.69974 ? 444 ARG A CD  1 
ATOM   809  N NE  . ARG A 1 102 ? -6.29989  -12.96081 0.24864   1.000 12.57485 ? 444 ARG A NE  1 
ATOM   810  C CZ  . ARG A 1 102 ? -6.81792  -14.17870 0.14129   1.000 15.78070 ? 444 ARG A CZ  1 
ATOM   811  N NH1 . ARG A 1 102 ? -6.32148  -15.20475 0.81758   1.000 16.10012 ? 444 ARG A NH1 1 
ATOM   812  N NH2 . ARG A 1 102 ? -7.84729  -14.37605 -0.68011  1.000 15.13599 ? 444 ARG A NH2 1 
ATOM   813  N N   . LYS A 1 103 ? -7.23947  -7.76003  3.22091   1.000 12.45151 ? 445 LYS A N   1 
ATOM   814  C CA  . LYS A 1 103 ? -8.42159  -7.01502  3.65386   1.000 13.10302 ? 445 LYS A CA  1 
ATOM   815  C C   . LYS A 1 103 ? -8.37928  -5.56832  3.17676   1.000 13.26630 ? 445 LYS A C   1 
ATOM   816  O O   . LYS A 1 103 ? -9.37700  -5.04427  2.66063   1.000 12.47257 ? 445 LYS A O   1 
ATOM   817  C CB  . LYS A 1 103 ? -8.54795  -7.06621  5.17868   1.000 15.11763 ? 445 LYS A CB  1 
ATOM   818  C CG  . LYS A 1 103 ? -9.97555  -6.85554  5.65508   1.000 20.48427 ? 445 LYS A CG  1 
ATOM   819  C CD  . LYS A 1 103 ? -10.16035 -7.43123  7.06295   1.000 24.03964 ? 445 LYS A CD  1 
ATOM   820  C CE  . LYS A 1 103 ? -10.96058 -6.49746  7.94949   1.000 27.40305 ? 445 LYS A CE  1 
ATOM   821  N NZ  . LYS A 1 103 ? -12.25503 -6.10342  7.32821   0.000 23.86333 ? 445 LYS A NZ  1 
ATOM   822  N N   . LEU A 1 104 ? -7.23719  -4.89960  3.35227   1.000 11.99170 ? 446 LEU A N   1 
ATOM   823  C CA  . LEU A 1 104 ? -7.11879  -3.53472  2.84816   1.000 11.93548 ? 446 LEU A CA  1 
ATOM   824  C C   . LEU A 1 104 ? -7.17902  -3.49955  1.33081   1.000 12.16697 ? 446 LEU A C   1 
ATOM   825  O O   . LEU A 1 104 ? -7.70238  -2.53867  0.75565   1.000 11.81633 ? 446 LEU A O   1 
ATOM   826  C CB  . LEU A 1 104 ? -5.82772  -2.89107  3.33335   1.000 11.79951 ? 446 LEU A CB  1 
ATOM   827  C CG  . LEU A 1 104 ? -5.72557  -1.39344  3.00542   1.000 12.51798 ? 446 LEU A CG  1 
ATOM   828  C CD1 . LEU A 1 104 ? -6.77768  -0.62180  3.77423   1.000 14.21549 ? 446 LEU A CD1 1 
ATOM   829  C CD2 . LEU A 1 104 ? -4.32269  -0.86018  3.33266   1.000 12.99611 ? 446 LEU A CD2 1 
ATOM   830  N N   . GLN A 1 105 ? -6.65452  -4.52845  0.66280   1.000 11.36785 ? 447 GLN A N   1 
ATOM   831  C CA  . GLN A 1 105 ? -6.70563  -4.50657  -0.79583  1.000 10.97056 ? 447 GLN A CA  1 
ATOM   832  C C   . GLN A 1 105 ? -8.13898  -4.66470  -1.28520  1.000 11.97947 ? 447 GLN A C   1 
ATOM   833  O O   . GLN A 1 105 ? -8.49369  -4.13575  -2.34532  1.000 12.67141 ? 447 GLN A O   1 
ATOM   834  C CB  . GLN A 1 105 ? -5.79895  -5.58487  -1.39797  1.000 11.82583 ? 447 GLN A CB  1 
ATOM   835  C CG  . GLN A 1 105 ? -5.77994  -5.49375  -2.92942  1.000 10.66635 ? 447 GLN A CG  1 
ATOM   836  C CD  . GLN A 1 105 ? -4.55874  -6.11543  -3.56486  1.000 12.72730 ? 447 GLN A CD  1 
ATOM   837  O OE1 . GLN A 1 105 ? -3.90074  -6.96535  -2.96418  1.000 12.20479 ? 447 GLN A OE1 1 
ATOM   838  N NE2 . GLN A 1 105 ? -4.26849  -5.72015  -4.81611  1.000 11.88112 ? 447 GLN A NE2 1 
ATOM   839  N N   . ASP A 1 106 ? -8.99186  -5.35957  -0.51888  1.000 11.35502 ? 448 ASP A N   1 
ATOM   840  C CA  . ASP A 1 106 ? -10.41170 -5.37893  -0.87343  1.000 13.41847 ? 448 ASP A CA  1 
ATOM   841  C C   . ASP A 1 106 ? -10.99886 -3.97280  -0.85390  1.000 14.62282 ? 448 ASP A C   1 
ATOM   842  O O   . ASP A 1 106 ? -11.78823 -3.61795  -1.73575  1.000 14.78366 ? 448 ASP A O   1 
ATOM   843  C CB  . ASP A 1 106 ? -11.20335 -6.28151  0.07034   1.000 13.29740 ? 448 ASP A CB  1 
ATOM   844  C CG  . ASP A 1 106 ? -11.42699 -7.66566  -0.48113  1.000 13.25225 ? 448 ASP A CG  1 
ATOM   845  O OD1 . ASP A 1 106 ? -10.81229 -8.05156  -1.50791  1.000 14.09003 ? 448 ASP A OD1 1 
ATOM   846  O OD2 . ASP A 1 106 ? -12.22485 -8.38847  0.14169   1.000 18.33175 ? 448 ASP A OD2 1 
ATOM   847  N N   . VAL A 1 107 ? -10.63184 -3.15980  0.14724   1.000 12.52663 ? 449 VAL A N   1 
ATOM   848  C CA  . VAL A 1 107 ? -11.09149 -1.76645  0.20440   1.000 14.36353 ? 449 VAL A CA  1 
ATOM   849  C C   . VAL A 1 107 ? -10.68819 -1.01829  -1.05973  1.000 15.89204 ? 449 VAL A C   1 
ATOM   850  O O   . VAL A 1 107 ? -11.48972 -0.29864  -1.67159  1.000 14.93227 ? 449 VAL A O   1 
ATOM   851  C CB  . VAL A 1 107 ? -10.52889 -1.06636  1.45602   1.000 14.64060 ? 449 VAL A CB  1 
ATOM   852  C CG1 . VAL A 1 107 ? -10.90281 0.42792   1.44222   1.000 15.41420 ? 449 VAL A CG1 1 
ATOM   853  C CG2 . VAL A 1 107 ? -11.05225 -1.73181  2.70519   1.000 15.29986 ? 449 VAL A CG2 1 
ATOM   854  N N   . PHE A 1 108 ? -9.42958  -1.17136  -1.45741  1.000 13.57644 ? 450 PHE A N   1 
ATOM   855  C CA  . PHE A 1 108 ? -8.92786  -0.48894  -2.64229  1.000 12.33757 ? 450 PHE A CA  1 
ATOM   856  C C   . PHE A 1 108 ? -9.58831  -1.01272  -3.91342  1.000 12.93599 ? 450 PHE A C   1 
ATOM   857  O O   . PHE A 1 108 ? -10.08877 -0.23056  -4.73957  1.000 14.37396 ? 450 PHE A O   1 
ATOM   858  C CB  . PHE A 1 108 ? -7.41242  -0.65668  -2.72848  1.000 11.40080 ? 450 PHE A CB  1 
ATOM   859  C CG  . PHE A 1 108 ? -6.86168  -0.25741  -4.04698  1.000 11.92115 ? 450 PHE A CG  1 
ATOM   860  C CD1 . PHE A 1 108 ? -6.72723  1.08665   -4.36762  1.000 11.62019 ? 450 PHE A CD1 1 
ATOM   861  C CD2 . PHE A 1 108 ? -6.50530  -1.21314  -4.98080  1.000 13.50851 ? 450 PHE A CD2 1 
ATOM   862  C CE1 . PHE A 1 108 ? -6.23591  1.46980   -5.61614  1.000 12.47036 ? 450 PHE A CE1 1 
ATOM   863  C CE2 . PHE A 1 108 ? -6.00630  -0.84514  -6.22443  1.000 15.12293 ? 450 PHE A CE2 1 
ATOM   864  C CZ  . PHE A 1 108 ? -5.86475  0.49508   -6.54475  1.000 13.55747 ? 450 PHE A CZ  1 
ATOM   865  N N   . GLU A 1 109 ? -9.57397  -2.33409  -4.10695  1.000 11.61410 ? 451 GLU A N   1 
ATOM   866  C CA  . GLU A 1 109 ? -10.00535 -2.87751  -5.39169  1.000 12.30311 ? 451 GLU A CA  1 
ATOM   867  C C   . GLU A 1 109 ? -11.49750 -2.68866  -5.60486  1.000 13.69662 ? 451 GLU A C   1 
ATOM   868  O O   . GLU A 1 109 ? -11.93371 -2.49208  -6.74594  1.000 13.80311 ? 451 GLU A O   1 
ATOM   869  C CB  . GLU A 1 109 ? -9.63738  -4.35652  -5.50047  1.000 12.44236 ? 451 GLU A CB  1 
ATOM   870  C CG  . GLU A 1 109 ? -8.13089  -4.65012  -5.45734  1.000 12.33347 ? 451 GLU A CG  1 
ATOM   871  C CD  . GLU A 1 109 ? -7.37545  -4.27460  -6.72896  1.000 13.92156 ? 451 GLU A CD  1 
ATOM   872  O OE1 . GLU A 1 109 ? -8.02661  -4.04341  -7.76665  1.000 14.88529 ? 451 GLU A OE1 1 
ATOM   873  O OE2 . GLU A 1 109 ? -6.12046  -4.21103  -6.69490  1.000 12.81820 ? 451 GLU A OE2 1 
ATOM   874  N N   . MET A 1 110 ? -12.29594 -2.75911  -4.53247  1.000 12.71329 ? 452 MET A N   1 
ATOM   875  C CA  . MET A 1 110 ? -13.72337 -2.50210  -4.67584  1.000 14.23779 ? 452 MET A CA  1 
ATOM   876  C C   . MET A 1 110 ? -13.96689 -1.13729  -5.29498  1.000 17.61707 ? 452 MET A C   1 
ATOM   877  O O   . MET A 1 110 ? -14.77414 -0.99919  -6.22243  1.000 15.95462 ? 452 MET A O   1 
ATOM   878  C CB  . MET A 1 110 ? -14.43265 -2.60488  -3.32690  1.000 15.85525 ? 452 MET A CB  1 
ATOM   879  C CG  . MET A 1 110 ? -15.94327 -2.52093  -3.46310  1.000 19.25151 ? 452 MET A CG  1 
ATOM   880  S SD  . MET A 1 110 ? -16.78752 -2.46648  -1.86868  1.000 33.42470 ? 452 MET A SD  1 
ATOM   881  C CE  . MET A 1 110 ? -15.43447 -2.85185  -0.74401  1.000 28.04485 ? 452 MET A CE  1 
ATOM   882  N N   . ARG A 1 111 ? -13.26248 -0.11990  -4.80485  1.000 14.24720 ? 453 ARG A N   1 
ATOM   883  C CA  . ARG A 1 111 ? -13.46251 1.24163   -5.29425  1.000 15.48792 ? 453 ARG A CA  1 
ATOM   884  C C   . ARG A 1 111 ? -12.77428 1.46905   -6.63092  1.000 18.87322 ? 453 ARG A C   1 
ATOM   885  O O   . ARG A 1 111 ? -13.29147 2.21302   -7.47056  1.000 17.53444 ? 453 ARG A O   1 
ATOM   886  C CB  . ARG A 1 111 ? -12.96534 2.22440   -4.23950  1.000 16.25419 ? 453 ARG A CB  1 
ATOM   887  C CG  . ARG A 1 111 ? -13.58893 1.92677   -2.90057  1.000 20.59385 ? 453 ARG A CG  1 
ATOM   888  C CD  . ARG A 1 111 ? -13.38090 3.02030   -1.88016  1.000 23.82806 ? 453 ARG A CD  1 
ATOM   889  N NE  . ARG A 1 111 ? -14.33430 2.93454   -0.77907  1.000 27.12856 ? 453 ARG A NE  1 
ATOM   890  C CZ  . ARG A 1 111 ? -14.50655 1.88433   0.01825   1.000 27.36508 ? 453 ARG A CZ  1 
ATOM   891  N NH1 . ARG A 1 111 ? -13.79932 0.77083   -0.12613  1.000 25.87506 ? 453 ARG A NH1 1 
ATOM   892  N NH2 . ARG A 1 111 ? -15.42372 1.94735   0.98080   1.000 27.05882 ? 453 ARG A NH2 1 
ATOM   893  N N   . PHE A 1 112 ? -11.60929 0.83500   -6.84166  1.000 14.73032 ? 454 PHE A N   1 
ATOM   894  C CA  . PHE A 1 112 ? -10.86299 0.98711   -8.09062  1.000 15.56029 ? 454 PHE A CA  1 
ATOM   895  C C   . PHE A 1 112 ? -11.60579 0.36338   -9.27066  1.000 18.00111 ? 454 PHE A C   1 
ATOM   896  O O   . PHE A 1 112 ? -11.39027 0.76461   -10.42677 1.000 16.75272 ? 454 PHE A O   1 
ATOM   897  C CB  . PHE A 1 112 ? -9.46523  0.37400   -7.90810  1.000 15.65308 ? 454 PHE A CB  1 
ATOM   898  C CG  . PHE A 1 112 ? -8.43967  0.83328   -8.91787  1.000 16.11432 ? 454 PHE A CG  1 
ATOM   899  C CD1 . PHE A 1 112 ? -8.10391  2.16671   -9.04439  1.000 15.69176 ? 454 PHE A CD1 1 
ATOM   900  C CD2 . PHE A 1 112 ? -7.77369  -0.09654  -9.69624  1.000 18.25092 ? 454 PHE A CD2 1 
ATOM   901  C CE1 . PHE A 1 112 ? -7.12823  2.57226   -9.96828  1.000 16.48820 ? 454 PHE A CE1 1 
ATOM   902  C CE2 . PHE A 1 112 ? -6.81465  0.29538   -10.62054 1.000 19.03173 ? 454 PHE A CE2 1 
ATOM   903  C CZ  . PHE A 1 112 ? -6.48991  1.63050   -10.75190 1.000 15.44573 ? 454 PHE A CZ  1 
ATOM   904  N N   . ALA A 1 113 ? -12.48670 -0.60494  -8.99851  1.000 14.56442 ? 455 ALA A N   1 
ATOM   905  C CA  . ALA A 1 113 ? -13.27325 -1.24360  -10.04564 1.000 15.97616 ? 455 ALA A CA  1 
ATOM   906  C C   . ALA A 1 113 ? -14.36708 -0.33569  -10.58096 1.000 19.12255 ? 455 ALA A C   1 
ATOM   907  O O   . ALA A 1 113 ? -14.91563 -0.62001  -11.65231 1.000 20.89370 ? 455 ALA A O   1 
ATOM   908  C CB  . ALA A 1 113 ? -13.90386 -2.53787  -9.51870  1.000 15.46338 ? 455 ALA A CB  1 
ATOM   909  N N   . LYS A 1 114 ? -14.68709 0.74680   -9.88310  1.000 19.38858 ? 456 LYS A N   1 
ATOM   910  C CA  . LYS A 1 114 ? -15.83977 1.55325   -10.26054 1.000 20.80338 ? 456 LYS A CA  1 
ATOM   911  C C   . LYS A 1 114 ? -15.46549 2.59729   -11.30715 1.000 23.46340 ? 456 LYS A C   1 
ATOM   912  O O   . LYS A 1 114 ? -14.31720 3.03819   -11.40034 1.000 26.32323 ? 456 LYS A O   1 
ATOM   913  C CB  . LYS A 1 114 ? -16.44993 2.22552   -9.03109  1.000 20.53000 ? 456 LYS A CB  1 
ATOM   914  C CG  . LYS A 1 114 ? -16.87284 1.23376   -7.94346  1.000 25.43301 ? 456 LYS A CG  1 
ATOM   915  C CD  . LYS A 1 114 ? -18.29715 0.73531   -8.11825  1.000 27.01892 ? 456 LYS A CD  1 
ATOM   916  C CE  . LYS A 1 114 ? -18.85417 0.13771   -6.81364  1.000 27.39356 ? 456 LYS A CE  1 
ATOM   917  N NZ  . LYS A 1 114 ? -18.33293 0.80670   -5.59838  0.000 23.95111 ? 456 LYS A NZ  1 
ATOM   918  N N   . MET A 1 115 ? -16.45167 2.96924   -12.10596 1.000 23.76514 ? 457 MET A N   1 
ATOM   919  C CA  . MET A 1 115 ? -16.27037 3.99977   -13.11810 1.000 29.09365 ? 457 MET A CA  1 
ATOM   920  C C   . MET A 1 115 ? -16.24522 5.37134   -12.44593 1.000 31.95536 ? 457 MET A C   1 
ATOM   921  O O   . MET A 1 115 ? -17.08728 5.64160   -11.58324 1.000 34.68656 ? 457 MET A O   1 
ATOM   922  C CB  . MET A 1 115 ? -17.42139 3.90967   -14.11771 1.000 30.66514 ? 457 MET A CB  1 
ATOM   923  C CG  . MET A 1 115 ? -17.24317 2.95647   -15.30504 1.000 27.75156 ? 457 MET A CG  1 
ATOM   924  S SD  . MET A 1 115 ? -15.55623 2.69191   -15.90168 1.000 29.31758 ? 457 MET A SD  1 
ATOM   925  C CE  . MET A 1 115 ? -15.60070 3.75063   -17.35071 1.000 30.43628 ? 457 MET A CE  1 
ATOM   926  N N   . PRO A 1 116 ? -15.30470 6.26638   -12.80435 1.000 34.36029 ? 458 PRO A N   1 
ATOM   927  C CA  . PRO A 1 116 ? -15.25930 7.57099   -12.12892 1.000 34.32457 ? 458 PRO A CA  1 
ATOM   928  C C   . PRO A 1 116 ? -16.36754 8.52097   -12.57689 1.000 34.35605 ? 458 PRO A C   1 
ATOM   929  O O   . PRO A 1 116 ? -17.20589 8.13201   -13.39018 1.000 37.47926 ? 458 PRO A O   1 
ATOM   930  C CB  . PRO A 1 116 ? -13.88877 8.12376   -12.52061 1.000 35.79326 ? 458 PRO A CB  1 
ATOM   931  C CG  . PRO A 1 116 ? -13.58464 7.49749   -13.82985 1.000 35.39000 ? 458 PRO A CG  1 
ATOM   932  C CD  . PRO A 1 116 ? -14.28729 6.15620   -13.86637 1.000 34.60689 ? 458 PRO A CD  1 
ATOM   933  N N   . TRP B 2 1   ? 1.39614   -2.02302  15.72519  1.000 11.75559 ? 1   TRP B N   1 
ATOM   934  C CA  . TRP B 2 1   ? 2.80083   -1.71211  15.51701  1.000 11.37525 ? 1   TRP B CA  1 
ATOM   935  C C   . TRP B 2 1   ? 3.58689   -2.99680  15.58674  1.000 11.79437 ? 1   TRP B C   1 
ATOM   936  O O   . TRP B 2 1   ? 3.05333   -4.01571  16.00913  1.000 11.84556 ? 1   TRP B O   1 
ATOM   937  C CB  . TRP B 2 1   ? 3.32128   -0.69278  16.54651  1.000 12.69226 ? 1   TRP B CB  1 
ATOM   938  C CG  . TRP B 2 1   ? 3.33850   -1.13827  17.97849  1.000 11.92174 ? 1   TRP B CG  1 
ATOM   939  C CD1 . TRP B 2 1   ? 4.39767   -1.67759  18.65559  1.000 12.22314 ? 1   TRP B CD1 1 
ATOM   940  C CD2 . TRP B 2 1   ? 2.26790   -1.03139  18.93467  1.000 11.56375 ? 1   TRP B CD2 1 
ATOM   941  N NE1 . TRP B 2 1   ? 4.04613   -1.93699  19.95950  1.000 12.74144 ? 1   TRP B NE1 1 
ATOM   942  C CE2 . TRP B 2 1   ? 2.74786   -1.54140  20.15852  1.000 13.28277 ? 1   TRP B CE2 1 
ATOM   943  C CE3 . TRP B 2 1   ? 0.94766   -0.56689  18.86784  1.000 13.00232 ? 1   TRP B CE3 1 
ATOM   944  C CZ2 . TRP B 2 1   ? 1.95061   -1.60273  21.30591  1.000 13.69909 ? 1   TRP B CZ2 1 
ATOM   945  C CZ3 . TRP B 2 1   ? 0.15253   -0.64650  20.00130  1.000 16.60812 ? 1   TRP B CZ3 1 
ATOM   946  C CH2 . TRP B 2 1   ? 0.66116   -1.14543  21.20615  1.000 16.10366 ? 1   TRP B CH2 1 
ATOM   947  N N   . TYR B 2 2   ? 4.84234   -2.95619  15.14742  1.000 12.32262 ? 2   TYR B N   1 
ATOM   948  C CA  . TYR B 2 2   ? 5.67992   -4.14523  15.19043  1.000 13.53980 ? 2   TYR B CA  1 
ATOM   949  C C   . TYR B 2 2   ? 6.30404   -4.32123  16.56818  1.000 13.03528 ? 2   TYR B C   1 
ATOM   950  O O   . TYR B 2 2   ? 6.70452   -3.34637  17.22022  1.000 13.35119 ? 2   TYR B O   1 
ATOM   951  C CB  . TYR B 2 2   ? 6.79499   -4.05920  14.14605  1.000 14.61029 ? 2   TYR B CB  1 
ATOM   952  C CG  . TYR B 2 2   ? 6.26657   -4.04278  12.73956  1.000 14.97098 ? 2   TYR B CG  1 
ATOM   953  C CD1 . TYR B 2 2   ? 5.56490   -5.13607  12.22996  1.000 16.91656 ? 2   TYR B CD1 1 
ATOM   954  C CD2 . TYR B 2 2   ? 6.45158   -2.93351  11.92423  1.000 18.11240 ? 2   TYR B CD2 1 
ATOM   955  C CE1 . TYR B 2 2   ? 5.05775   -5.11258  10.93472  1.000 16.76108 ? 2   TYR B CE1 1 
ATOM   956  C CE2 . TYR B 2 2   ? 5.95968   -2.90520  10.63504  1.000 19.05323 ? 2   TYR B CE2 1 
ATOM   957  C CZ  . TYR B 2 2   ? 5.27278   -4.00177  10.14833  1.000 17.18394 ? 2   TYR B CZ  1 
ATOM   958  O OH  . TYR B 2 2   ? 4.76948   -3.96631  8.87123   1.000 20.57421 ? 2   TYR B OH  1 
ATOM   959  N N   . ASP B 2 3   ? 6.38144   -5.57167  17.01383  1.000 11.81287 ? 3   ASP B N   1 
ATOM   960  C CA  . ASP B 2 3   ? 7.28294   -5.92138  18.10601  1.000 13.45161 ? 3   ASP B CA  1 
ATOM   961  C C   . ASP B 2 3   ? 8.67747   -5.97171  17.50277  1.000 12.82340 ? 3   ASP B C   1 
ATOM   962  O O   . ASP B 2 3   ? 9.04166   -6.92682  16.81698  1.000 12.60184 ? 3   ASP B O   1 
ATOM   963  C CB  . ASP B 2 3   ? 6.90577   -7.24801  18.75514  1.000 13.56661 ? 3   ASP B CB  1 
ATOM   964  C CG  . ASP B 2 3   ? 7.65733   -7.47764  20.04900  1.000 14.87836 ? 3   ASP B CG  1 
ATOM   965  O OD1 . ASP B 2 3   ? 8.90007   -7.34202  20.03704  1.000 14.03346 ? 3   ASP B OD1 1 
ATOM   966  O OD2 . ASP B 2 3   ? 7.01446   -7.73511  21.08136  1.000 17.26091 ? 3   ASP B OD2 1 
ATOM   967  N N   . VAL B 2 4   ? 9.45726   -4.92366  17.73930  1.000 12.67076 ? 4   VAL B N   1 
ATOM   968  C CA  . VAL B 2 4   ? 10.73464  -4.81940  17.06264  1.000 12.29625 ? 4   VAL B CA  1 
ATOM   969  C C   . VAL B 2 4   ? 11.71000  -5.83599  17.63441  1.000 10.50556 ? 4   VAL B C   1 
ATOM   970  O O   . VAL B 2 4   ? 12.42794  -6.50366  16.89101  1.000 10.92535 ? 4   VAL B O   1 
ATOM   971  C CB  . VAL B 2 4   ? 11.25415  -3.37490  17.15756  1.000 13.14550 ? 4   VAL B CB  1 
ATOM   972  C CG1 . VAL B 2 4   ? 12.66188  -3.26810  16.55933  1.000 12.48868 ? 4   VAL B CG1 1 
ATOM   973  C CG2 . VAL B 2 4   ? 10.28085  -2.42628  16.44902  1.000 12.77581 ? 4   VAL B CG2 1 
ATOM   974  N N   . PHE B 2 5   ? 11.72502  -5.99287  18.96219  1.000 11.35721 ? 5   PHE B N   1 
ATOM   975  C CA  . PHE B 2 5   ? 12.57087  -7.00110  19.58788  1.000 12.33040 ? 5   PHE B CA  1 
ATOM   976  C C   . PHE B 2 5   ? 12.38881  -8.36043  18.92137  1.000 12.79787 ? 5   PHE B C   1 
ATOM   977  O O   . PHE B 2 5   ? 13.36599  -9.01416  18.52666  1.000 14.46052 ? 5   PHE B O   1 
ATOM   978  C CB  . PHE B 2 5   ? 12.24064  -7.08162  21.07982  1.000 11.91938 ? 5   PHE B CB  1 
ATOM   979  C CG  . PHE B 2 5   ? 12.96771  -8.17065  21.81418  1.000 14.27318 ? 5   PHE B CG  1 
ATOM   980  C CD1 . PHE B 2 5   ? 14.23323  -7.94509  22.33747  1.000 14.38344 ? 5   PHE B CD1 1 
ATOM   981  C CD2 . PHE B 2 5   ? 12.37026  -9.39694  22.02236  1.000 15.20498 ? 5   PHE B CD2 1 
ATOM   982  C CE1 . PHE B 2 5   ? 14.89281  -8.93255  23.02642  1.000 14.61184 ? 5   PHE B CE1 1 
ATOM   983  C CE2 . PHE B 2 5   ? 13.01558  -10.38650 22.71622  1.000 16.50573 ? 5   PHE B CE2 1 
ATOM   984  C CZ  . PHE B 2 5   ? 14.28651  -10.16325 23.21704  1.000 18.89785 ? 5   PHE B CZ  1 
ATOM   985  N N   . LEU B 2 6   ? 11.13524  -8.79570  18.76955  1.000 11.73939 ? 6   LEU B N   1 
ATOM   986  C CA  . LEU B 2 6   ? 10.90336  -10.12686 18.23165  1.000 11.26704 ? 6   LEU B CA  1 
ATOM   987  C C   . LEU B 2 6   ? 11.05735  -10.16542 16.71564  1.000 14.00127 ? 6   LEU B C   1 
ATOM   988  O O   . LEU B 2 6   ? 11.45954  -11.19886 16.16675  1.000 13.52604 ? 6   LEU B O   1 
ATOM   989  C CB  . LEU B 2 6   ? 9.51539   -10.61078 18.63708  1.000 11.94985 ? 6   LEU B CB  1 
ATOM   990  C CG  . LEU B 2 6   ? 9.33623   -10.92490 20.12562  1.000 14.02406 ? 6   LEU B CG  1 
ATOM   991  C CD1 . LEU B 2 6   ? 7.87790   -11.30560 20.38370  1.000 17.42096 ? 6   LEU B CD1 1 
ATOM   992  C CD2 . LEU B 2 6   ? 10.27214  -12.03546 20.58724  1.000 14.93944 ? 6   LEU B CD2 1 
ATOM   993  N N   . THR B 2 7   ? 10.69155  -9.08705  16.01291  1.000 11.39019 ? 7   THR B N   1 
ATOM   994  C CA  . THR B 2 7   ? 10.90472  -9.06694  14.56810  1.000 11.99686 ? 7   THR B CA  1 
ATOM   995  C C   . THR B 2 7   ? 12.38490  -9.23473  14.25096  1.000 14.50888 ? 7   THR B C   1 
ATOM   996  O O   . THR B 2 7   ? 12.75712  -10.02421 13.37639  1.000 14.97305 ? 7   THR B O   1 
ATOM   997  C CB  . THR B 2 7   ? 10.34157  -7.77534  13.96689  1.000 13.12911 ? 7   THR B CB  1 
ATOM   998  O OG1 . THR B 2 7   ? 8.92768   -7.73190  14.21835  1.000 10.51353 ? 7   THR B OG1 1 
ATOM   999  C CG2 . THR B 2 7   ? 10.55920  -7.73535  12.45612  1.000 11.57659 ? 7   THR B CG2 1 
ATOM   1000 N N   . ARG B 2 8   ? 13.24432  -8.54352  14.99288  1.000 13.27764 ? 8   ARG B N   1 
ATOM   1001 C CA  . ARG B 2 8   ? 14.69280  -8.67188  14.81102  1.000 14.03642 ? 8   ARG B CA  1 
ATOM   1002 C C   . ARG B 2 8   ? 15.18531  -10.04794 15.24163  1.000 16.89459 ? 8   ARG B C   1 
ATOM   1003 O O   . ARG B 2 8   ? 16.03908  -10.64951 14.58868  1.000 15.48458 ? 8   ARG B O   1 
ATOM   1004 C CB  . ARG B 2 8   ? 15.43466  -7.59519  15.60233  1.000 13.22422 ? 8   ARG B CB  1 
ATOM   1005 C CG  . ARG B 2 8   ? 15.24007  -6.18844  15.07971  1.000 15.03439 ? 8   ARG B CG  1 
ATOM   1006 C CD  . ARG B 2 8   ? 15.81098  -5.16055  16.06398  1.000 14.27609 ? 8   ARG B CD  1 
ATOM   1007 N NE  . ARG B 2 8   ? 17.25989  -5.29709  16.22236  1.000 16.51580 ? 8   ARG B NE  1 
ATOM   1008 C CZ  . ARG B 2 8   ? 18.14544  -4.77851  15.38201  1.000 19.46779 ? 8   ARG B CZ  1 
ATOM   1009 N NH1 . ARG B 2 8   ? 17.76486  -4.10089  14.31030  1.000 17.70186 ? 8   ARG B NH1 1 
ATOM   1010 N NH2 . ARG B 2 8   ? 19.44701  -4.93134  15.63124  1.000 18.19495 ? 8   ARG B NH2 1 
HETATM 1011 O OH  . ALY B 2 9   ? 16.05898  -15.44968 23.38598  1.000 40.01925 ? 9   ALY B OH  1 
HETATM 1012 C CH  . ALY B 2 9   ? 14.85092  -15.15511 23.48347  1.000 36.06266 ? 9   ALY B CH  1 
HETATM 1013 C CH3 . ALY B 2 9   ? 14.03020  -15.55346 24.68572  1.000 33.43736 ? 9   ALY B CH3 1 
HETATM 1014 N NZ  . ALY B 2 9   ? 14.20895  -14.45630 22.47980  1.000 30.90302 ? 9   ALY B NZ  1 
HETATM 1015 C CE  . ALY B 2 9   ? 14.90570  -14.04176 21.29063  1.000 30.28474 ? 9   ALY B CE  1 
HETATM 1016 C CD  . ALY B 2 9   ? 13.99423  -13.57566 20.15881  1.000 19.78769 ? 9   ALY B CD  1 
HETATM 1017 C CG  . ALY B 2 9   ? 14.77582  -13.41736 18.87174  1.000 22.65302 ? 9   ALY B CG  1 
HETATM 1018 C CB  . ALY B 2 9   ? 14.35542  -12.10603 18.24274  1.000 18.95367 ? 9   ALY B CB  1 
HETATM 1019 C CA  . ALY B 2 9   ? 15.06672  -11.80353 16.91869  1.000 16.45652 ? 9   ALY B CA  1 
HETATM 1020 N N   . ALY B 2 9   ? 14.63979  -10.54008 16.35234  1.000 15.38446 ? 9   ALY B N   1 
HETATM 1021 C C   . ALY B 2 9   ? 14.82918  -12.99267 16.00628  1.000 19.06893 ? 9   ALY B C   1 
HETATM 1022 O O   . ALY B 2 9   ? 15.89008  -13.78706 15.72624  1.000 19.28587 ? 9   ALY B O   1 
ATOM   1023 N N   . TYR B 2 10  ? 13.86943  -12.91668 15.10113  1.000 17.13365 ? 10  TYR B N   1 
ATOM   1024 C CA  . TYR B 2 10  ? 13.61531  -14.05129 14.23018  1.000 20.84631 ? 10  TYR B CA  1 
ATOM   1025 C C   . TYR B 2 10  ? 13.64257  -13.68518 12.74834  1.000 19.56869 ? 10  TYR B C   1 
ATOM   1026 O O   . TYR B 2 10  ? 13.49447  -14.55582 11.89502  1.000 22.70988 ? 10  TYR B O   1 
ATOM   1027 C CB  . TYR B 2 10  ? 12.28980  -14.68978 14.61050  1.000 20.96819 ? 10  TYR B CB  1 
ATOM   1028 C CG  . TYR B 2 10  ? 12.35306  -15.27819 15.99744  1.000 23.83834 ? 10  TYR B CG  1 
ATOM   1029 C CD1 . TYR B 2 10  ? 13.23530  -16.31502 16.29994  1.000 26.02716 ? 10  TYR B CD1 1 
ATOM   1030 C CD2 . TYR B 2 10  ? 11.55623  -14.77651 17.01783  1.000 20.04899 ? 10  TYR B CD2 1 
ATOM   1031 C CE1 . TYR B 2 10  ? 13.31174  -16.84362 17.58414  1.000 26.30990 ? 10  TYR B CE1 1 
ATOM   1032 C CE2 . TYR B 2 10  ? 11.62138  -15.30105 18.29953  1.000 26.75235 ? 10  TYR B CE2 1 
ATOM   1033 C CZ  . TYR B 2 10  ? 12.50161  -16.33565 18.57756  1.000 29.07908 ? 10  TYR B CZ  1 
ATOM   1034 O OH  . TYR B 2 10  ? 12.57242  -16.86213 19.85078  1.000 27.74795 ? 10  TYR B OH  1 
ATOM   1035 N N   . GLY B 2 11  ? 13.85685  -12.40868 12.44244  1.000 16.04015 ? 11  GLY B N   1 
ATOM   1036 C CA  . GLY B 2 11  ? 14.01824  -12.00021 11.05956  1.000 16.40784 ? 11  GLY B CA  1 
ATOM   1037 C C   . GLY B 2 11  ? 12.75346  -12.20397 10.24159  1.000 17.50997 ? 11  GLY B C   1 
ATOM   1038 O O   . GLY B 2 11  ? 12.80269  -12.46107 9.02884   1.000 18.06489 ? 11  GLY B O   1 
HETATM 1039 O OH  . ALY B 2 12  ? 4.29498   -15.45669 11.66549  1.000 35.18392 ? 12  ALY B OH  1 
HETATM 1040 C CH  . ALY B 2 12  ? 5.49846   -15.11016 11.68026  1.000 30.62177 ? 12  ALY B CH  1 
HETATM 1041 C CH3 . ALY B 2 12  ? 5.99562   -14.24848 12.82762  1.000 23.63261 ? 12  ALY B CH3 1 
HETATM 1042 N NZ  . ALY B 2 12  ? 6.33031   -15.54951 10.65158  1.000 31.69056 ? 12  ALY B NZ  1 
HETATM 1043 C CE  . ALY B 2 12  ? 7.72536   -15.33395 10.32171  1.000 31.00990 ? 12  ALY B CE  1 
HETATM 1044 C CD  . ALY B 2 12  ? 8.83377   -15.47587 11.36495  1.000 31.63619 ? 12  ALY B CD  1 
HETATM 1045 C CG  . ALY B 2 12  ? 9.59613   -14.16141 11.45243  1.000 23.49446 ? 12  ALY B CG  1 
HETATM 1046 C CB  . ALY B 2 12  ? 9.64143   -13.45837 10.11651  1.000 22.98925 ? 12  ALY B CB  1 
HETATM 1047 C CA  . ALY B 2 12  ? 10.32433  -12.09502 10.23064  1.000 16.69656 ? 12  ALY B CA  1 
HETATM 1048 N N   . ALY B 2 12  ? 11.61092  -12.10173 10.91248  1.000 16.04163 ? 12  ALY B N   1 
HETATM 1049 C C   . ALY B 2 12  ? 9.38928   -11.18008 10.99432  1.000 16.23382 ? 12  ALY B C   1 
HETATM 1050 O O   . ALY B 2 12  ? 9.53964   -10.91743 12.18112  1.000 15.93907 ? 12  ALY B O   1 
HETATM 1051 O OH  . ALY B 2 13  ? 5.53920   -6.63138  4.56730   1.000 15.09607 ? 13  ALY B OH  1 
HETATM 1052 C CH  . ALY B 2 13  ? 5.24117   -5.71876  5.35917   1.000 13.51905 ? 13  ALY B CH  1 
HETATM 1053 C CH3 . ALY B 2 13  ? 4.26805   -4.62916  4.96322   1.000 13.99055 ? 13  ALY B CH3 1 
HETATM 1054 N NZ  . ALY B 2 13  ? 5.78566   -5.64483  6.62498   1.000 15.15815 ? 13  ALY B NZ  1 
HETATM 1055 C CE  . ALY B 2 13  ? 6.72399   -6.60195  7.14792   1.000 14.83154 ? 13  ALY B CE  1 
HETATM 1056 C CD  . ALY B 2 13  ? 6.06276   -7.57164  8.12365   1.000 11.89020 ? 13  ALY B CD  1 
HETATM 1057 C CG  . ALY B 2 13  ? 7.13478   -8.20115  8.99042   1.000 12.00164 ? 13  ALY B CG  1 
HETATM 1058 C CB  . ALY B 2 13  ? 6.46058   -9.07453  10.02398  1.000 11.33159 ? 13  ALY B CB  1 
HETATM 1059 C CA  . ALY B 2 13  ? 7.50800   -9.69439  10.95330  1.000 12.69745 ? 13  ALY B CA  1 
HETATM 1060 N N   . ALY B 2 13  ? 8.36806   -10.67454 10.31191  1.000 13.36199 ? 13  ALY B N   1 
HETATM 1061 C C   . ALY B 2 13  ? 6.73488   -10.29088 12.11118  1.000 13.74532 ? 13  ALY B C   1 
HETATM 1062 O O   . ALY B 2 13  ? 6.12779   -11.35474 12.02985  1.000 14.44215 ? 13  ALY B O   1 
ATOM   1063 N N   . LYS B 2 14  ? 6.77038   -9.57986  13.23835  1.000 12.08230 ? 14  LYS B N   1 
ATOM   1064 C CA  . LYS B 2 14  ? 5.95598   -9.92429  14.39807  1.000 12.81711 ? 14  LYS B CA  1 
ATOM   1065 C C   . LYS B 2 14  ? 5.16014   -8.71067  14.83800  1.000 14.41487 ? 14  LYS B C   1 
ATOM   1066 O O   . LYS B 2 14  ? 5.71853   -7.67234  15.18678  1.000 14.69757 ? 14  LYS B O   1 
ATOM   1067 C CB  . LYS B 2 14  ? 6.80683   -10.44617 15.56326  1.000 13.06863 ? 14  LYS B CB  1 
ATOM   1068 C CG  . LYS B 2 14  ? 6.02769   -10.56350 16.89417  1.000 14.11645 ? 14  LYS B CG  1 
ATOM   1069 C CD  . LYS B 2 14  ? 5.02273   -11.71313 16.88637  1.000 15.34528 ? 14  LYS B CD  1 
ATOM   1070 C CE  . LYS B 2 14  ? 4.15561   -11.71416 18.15896  1.000 17.00179 ? 14  LYS B CE  1 
ATOM   1071 N NZ  . LYS B 2 14  ? 3.39556   -12.99171 18.32257  1.000 17.37222 ? 14  LYS B NZ  1 
ATOM   1072 N N   . VAL B 2 15  ? 3.84128   -8.85699  14.79807  1.000 12.76053 ? 15  VAL B N   1 
ATOM   1073 C CA  . VAL B 2 15  ? 2.91889   -7.78002  15.13011  1.000 13.74799 ? 15  VAL B CA  1 
ATOM   1074 C C   . VAL B 2 15  ? 2.77759   -7.68408  16.64568  1.000 15.70364 ? 15  VAL B C   1 
ATOM   1075 O O   . VAL B 2 15  ? 2.61016   -8.70196  17.32395  1.000 16.36005 ? 15  VAL B O   1 
ATOM   1076 C CB  . VAL B 2 15  ? 1.55848   -8.03677  14.46463  1.000 16.86678 ? 15  VAL B CB  1 
ATOM   1077 C CG1 . VAL B 2 15  ? 0.52955   -7.11392  15.01593  1.000 17.16464 ? 15  VAL B CG1 1 
ATOM   1078 C CG2 . VAL B 2 15  ? 1.67075   -7.87732  12.95562  1.000 16.89468 ? 15  VAL B CG2 1 
ATOM   1079 N N   . ALA B 2 16  ? 2.81145   -6.45907  17.17808  1.000 12.80308 ? 16  ALA B N   1 
ATOM   1080 C CA  . ALA B 2 16  ? 2.68463   -6.23529  18.61606  1.000 14.37568 ? 16  ALA B CA  1 
ATOM   1081 C C   . ALA B 2 16  ? 1.27285   -5.88414  19.05676  1.000 18.22050 ? 16  ALA B C   1 
ATOM   1082 O O   . ALA B 2 16  ? 0.92152   -6.11575  20.22155  1.000 19.43205 ? 16  ALA B O   1 
ATOM   1083 C CB  . ALA B 2 16  ? 3.61381   -5.10464  19.06965  1.000 14.21183 ? 16  ALA B CB  1 
ATOM   1084 N N   . CYS B 2 17  ? 0.47259   -5.30545  18.16789  1.000 14.67601 ? 17  CYS B N   1 
ATOM   1085 C CA  . CYS B 2 17  ? -0.82779  -4.76573  18.53089  1.000 14.64929 ? 17  CYS B CA  1 
ATOM   1086 C C   . CYS B 2 17  ? -1.93770  -5.69024  18.08350  1.000 20.22462 ? 17  CYS B C   1 
ATOM   1087 O O   . CYS B 2 17  ? -3.09001  -5.52414  18.46238  1.000 25.77404 ? 17  CYS B O   1 
ATOM   1088 C CB  . CYS B 2 17  ? -1.02873  -3.39119  17.90917  1.000 14.34774 ? 17  CYS B CB  1 
ATOM   1089 S SG  . CYS B 2 17  ? -1.09910  -3.42510  16.10189  1.000 14.62224 ? 17  CYS B SG  1 
HETATM 1090 C C   . ACE C 3 .   ? 0.40665   -1.15292  15.53604  1.000 13.34726 ? 101 ACE B C   1 
HETATM 1091 O O   . ACE C 3 .   ? 0.60183   0.00409   15.18661  1.000 13.58273 ? 101 ACE B O   1 
HETATM 1092 C CH3 . ACE C 3 .   ? -0.95705  -1.69021  15.81077  1.000 13.96714 ? 101 ACE B CH3 1 
HETATM 1093 N N   . NH2 D 4 .   ? -1.77531  -6.63033  17.02530  1.000 18.56565 ? 102 NH2 B N   1 
HETATM 1094 O O   . HOH E 5 .   ? 3.99816   -14.76893 -2.45393  1.000 30.46697 ? 501 HOH A O   1 
HETATM 1095 O O   . HOH E 5 .   ? 8.47439   1.50798   10.97337  1.000 25.60369 ? 502 HOH A O   1 
HETATM 1096 O O   . HOH E 5 .   ? 14.30442  -15.28180 3.04536   1.000 28.05474 ? 503 HOH A O   1 
HETATM 1097 O O   . HOH E 5 .   ? 6.23953   -5.78466  2.00153   1.000 12.55545 ? 504 HOH A O   1 
HETATM 1098 O O   . HOH E 5 .   ? 9.52697   3.97171   7.46888   1.000 26.01920 ? 505 HOH A O   1 
HETATM 1099 O O   . HOH E 5 .   ? -10.78811 16.14421  -27.01796 1.000 17.41509 ? 506 HOH A O   1 
HETATM 1100 O O   . HOH E 5 .   ? -8.26305  -8.48582  -1.52458  1.000 15.59660 ? 507 HOH A O   1 
HETATM 1101 O O   . HOH E 5 .   ? -6.49535  3.25660   7.63868   1.000 16.77876 ? 508 HOH A O   1 
HETATM 1102 O O   . HOH E 5 .   ? -10.23563 -3.19654  -8.83587  1.000 14.78241 ? 509 HOH A O   1 
HETATM 1103 O O   . HOH E 5 .   ? 4.46915   1.02039   -9.81034  1.000 20.62391 ? 510 HOH A O   1 
HETATM 1104 O O   . HOH E 5 .   ? -9.28710  5.07258   -21.91664 1.000 31.74862 ? 511 HOH A O   1 
HETATM 1105 O O   . HOH E 5 .   ? 7.15312   11.98726  -4.05781  1.000 31.10918 ? 512 HOH A O   1 
HETATM 1106 O O   . HOH E 5 .   ? 4.36919   -1.58829  2.20558   1.000 19.38035 ? 513 HOH A O   1 
HETATM 1107 O O   . HOH E 5 .   ? 4.42880   -3.89090  1.16297   1.000 16.77044 ? 514 HOH A O   1 
HETATM 1108 O O   . HOH E 5 .   ? 8.24182   1.96855   0.49513   1.000 14.14067 ? 515 HOH A O   1 
HETATM 1109 O O   . HOH E 5 .   ? -10.12061 3.22119   -0.59365  1.000 63.90983 ? 516 HOH A O   1 
HETATM 1110 O O   . HOH E 5 .   ? 11.31410  -0.12776  2.52349   1.000 22.34712 ? 517 HOH A O   1 
HETATM 1111 O O   . HOH E 5 .   ? -9.94744  -0.65811  11.95463  1.000 26.04517 ? 518 HOH A O   1 
HETATM 1112 O O   . HOH E 5 .   ? 5.85424   -7.07045  -5.90243  1.000 17.97412 ? 519 HOH A O   1 
HETATM 1113 O O   . HOH E 5 .   ? -7.95155  9.61700   5.49284   1.000 21.94712 ? 520 HOH A O   1 
HETATM 1114 O O   . HOH E 5 .   ? -13.03704 -3.67186  5.45927   1.000 22.47249 ? 521 HOH A O   1 
HETATM 1115 O O   . HOH E 5 .   ? 4.93485   -0.92049  4.75925   1.000 16.87420 ? 522 HOH A O   1 
HETATM 1116 O O   . HOH E 5 .   ? 19.65247  -4.62936  10.09670  1.000 28.63683 ? 523 HOH A O   1 
HETATM 1117 O O   . HOH E 5 .   ? -12.86006 8.90980   0.37764   1.000 28.27224 ? 524 HOH A O   1 
HETATM 1118 O O   . HOH E 5 .   ? -10.05751 2.12194   14.05734  1.000 28.68110 ? 525 HOH A O   1 
HETATM 1119 O O   . HOH E 5 .   ? -16.99502 -2.35177  -6.98283  1.000 23.18881 ? 526 HOH A O   1 
HETATM 1120 O O   . HOH E 5 .   ? 4.14109   15.40410  -2.03295  1.000 27.95061 ? 527 HOH A O   1 
HETATM 1121 O O   . HOH E 5 .   ? 9.97287   1.61508   -5.35223  1.000 27.42448 ? 528 HOH A O   1 
HETATM 1122 O O   . HOH E 5 .   ? 15.88649  -1.49503  15.60918  1.000 19.11613 ? 529 HOH A O   1 
HETATM 1123 O O   . HOH E 5 .   ? 2.24817   -14.76640 0.98734   1.000 18.93185 ? 530 HOH A O   1 
HETATM 1124 O O   . HOH E 5 .   ? -11.98889 -5.11621  3.46908   1.000 21.07494 ? 531 HOH A O   1 
HETATM 1125 O O   . HOH E 5 .   ? 7.66698   -11.79764 7.76197   1.000 16.27884 ? 532 HOH A O   1 
HETATM 1126 O O   . HOH E 5 .   ? 16.07790  -4.92574  -3.89499  1.000 23.68795 ? 533 HOH A O   1 
HETATM 1127 O O   . HOH E 5 .   ? 7.15662   -2.53131  0.16829   1.000 13.94289 ? 534 HOH A O   1 
HETATM 1128 O O   . HOH E 5 .   ? 3.17020   3.43272   -10.99685 1.000 19.66883 ? 535 HOH A O   1 
HETATM 1129 O O   . HOH E 5 .   ? 2.14543   -3.13567  -9.62919  1.000 16.32613 ? 536 HOH A O   1 
HETATM 1130 O O   . HOH E 5 .   ? -3.38134  0.29652   -12.00749 1.000 20.72491 ? 537 HOH A O   1 
HETATM 1131 O O   . HOH E 5 .   ? 2.23284   2.32522   10.78160  1.000 19.67776 ? 538 HOH A O   1 
HETATM 1132 O O   . HOH E 5 .   ? -13.33812 -7.65972  2.57198   1.000 23.17729 ? 539 HOH A O   1 
HETATM 1133 O O   . HOH E 5 .   ? -5.72623  5.42858   -16.20011 1.000 22.55130 ? 540 HOH A O   1 
HETATM 1134 O O   . HOH E 5 .   ? 7.00852   3.21394   -8.35818  1.000 25.30550 ? 541 HOH A O   1 
HETATM 1135 O O   . HOH E 5 .   ? 10.96205  5.01747   10.25070  1.000 24.71826 ? 542 HOH A O   1 
HETATM 1136 O O   . HOH E 5 .   ? -2.49335  13.93090  -8.42302  1.000 28.34302 ? 543 HOH A O   1 
HETATM 1137 O O   . HOH E 5 .   ? 9.17139   -5.29852  -5.89469  1.000 14.30849 ? 544 HOH A O   1 
HETATM 1138 O O   . HOH E 5 .   ? -7.36310  6.12954   -18.83990 1.000 35.80806 ? 545 HOH A O   1 
HETATM 1139 O O   . HOH E 5 .   ? -1.14574  13.66314  -16.03213 1.000 21.27250 ? 546 HOH A O   1 
HETATM 1140 O O   . HOH E 5 .   ? 17.07438  -6.62505  3.17128   1.000 23.10434 ? 547 HOH A O   1 
HETATM 1141 O O   . HOH E 5 .   ? -4.53884  -0.86100  -9.13381  1.000 29.43225 ? 548 HOH A O   1 
HETATM 1142 O O   . HOH E 5 .   ? 3.72063   1.00258   8.29036   1.000 15.74389 ? 549 HOH A O   1 
HETATM 1143 O O   . HOH E 5 .   ? -2.81140  -14.69344 6.01355   1.000 19.45665 ? 550 HOH A O   1 
HETATM 1144 O O   . HOH E 5 .   ? 18.74473  -13.36797 2.49154   1.000 20.83344 ? 551 HOH A O   1 
HETATM 1145 O O   . HOH E 5 .   ? 4.52335   9.16647   6.87435   1.000 34.23971 ? 552 HOH A O   1 
HETATM 1146 O O   . HOH E 5 .   ? 2.06906   -5.72525  -8.55583  1.000 14.29641 ? 553 HOH A O   1 
HETATM 1147 O O   . HOH E 5 .   ? 8.36622   -0.43247  1.88724   1.000 14.32912 ? 554 HOH A O   1 
HETATM 1148 O O   . HOH E 5 .   ? 1.37706   -14.46448 11.62987  1.000 21.14628 ? 555 HOH A O   1 
HETATM 1149 O O   . HOH E 5 .   ? 2.69586   12.54871  -13.69086 1.000 21.94955 ? 556 HOH A O   1 
HETATM 1150 O O   . HOH E 5 .   ? 10.45312  -8.05376  -6.24288  1.000 23.89159 ? 557 HOH A O   1 
HETATM 1151 O O   . HOH E 5 .   ? 2.89128   11.27439  2.69027   1.000 24.48680 ? 558 HOH A O   1 
HETATM 1152 O O   . HOH E 5 .   ? -1.50367  -6.44668  -5.74596  1.000 11.38500 ? 559 HOH A O   1 
HETATM 1153 O O   . HOH E 5 .   ? 14.69248  -13.15892 -5.27787  1.000 27.81539 ? 560 HOH A O   1 
HETATM 1154 O O   . HOH E 5 .   ? 6.25661   11.56541  -12.18225 1.000 27.50230 ? 561 HOH A O   1 
HETATM 1155 O O   . HOH E 5 .   ? 8.30802   -0.28715  8.81162   1.000 25.20337 ? 562 HOH A O   1 
HETATM 1156 O O   . HOH E 5 .   ? 15.43311  0.75495   8.73600   1.000 21.21541 ? 563 HOH A O   1 
HETATM 1157 O O   . HOH E 5 .   ? 9.16609   -13.31940 5.79645   1.000 22.17634 ? 564 HOH A O   1 
HETATM 1158 O O   . HOH E 5 .   ? -7.62519  14.03365  -19.98477 1.000 41.01370 ? 565 HOH A O   1 
HETATM 1159 O O   . HOH E 5 .   ? -5.64421  11.37120  -0.43096  1.000 26.23758 ? 566 HOH A O   1 
HETATM 1160 O O   . HOH E 5 .   ? -10.33519 9.09880   9.49425   1.000 25.44002 ? 567 HOH A O   1 
HETATM 1161 O O   . HOH E 5 .   ? 7.25928   7.93382   2.50467   1.000 26.68254 ? 568 HOH A O   1 
HETATM 1162 O O   . HOH E 5 .   ? 12.44214  -12.35263 -5.37255  1.000 32.46430 ? 569 HOH A O   1 
HETATM 1163 O O   . HOH E 5 .   ? -2.01190  -2.02882  -11.79000 1.000 21.29574 ? 570 HOH A O   1 
HETATM 1164 O O   . HOH E 5 .   ? -3.72424  0.60516   14.42655  1.000 22.19907 ? 571 HOH A O   1 
HETATM 1165 O O   . HOH E 5 .   ? -0.65977  12.56654  -9.37266  1.000 17.94329 ? 572 HOH A O   1 
HETATM 1166 O O   . HOH E 5 .   ? -9.67895  14.04877  -21.94732 1.000 43.23173 ? 573 HOH A O   1 
HETATM 1167 O O   . HOH E 5 .   ? 4.95401   5.57942   -10.93214 1.000 24.28053 ? 574 HOH A O   1 
HETATM 1168 O O   . HOH E 5 .   ? -4.85691  10.81730  1.94998   1.000 26.70206 ? 575 HOH A O   1 
HETATM 1169 O O   . HOH E 5 .   ? 6.46531   2.81732   12.35153  1.000 22.22174 ? 576 HOH A O   1 
HETATM 1170 O O   . HOH E 5 .   ? 3.87258   17.90453  -3.01060  1.000 28.58439 ? 577 HOH A O   1 
HETATM 1171 O O   . HOH E 5 .   ? -10.58421 13.73363  -27.49140 1.000 28.50748 ? 578 HOH A O   1 
HETATM 1172 O O   . HOH E 5 .   ? 7.17069   4.12443   -11.16536 1.000 29.13943 ? 579 HOH A O   1 
HETATM 1173 O O   . HOH E 5 .   ? 10.43773  3.29233   -0.14378  1.000 24.86747 ? 580 HOH A O   1 
HETATM 1174 O O   . HOH E 5 .   ? 6.96937   7.98379   6.21984   1.000 32.72898 ? 581 HOH A O   1 
HETATM 1175 O O   . HOH E 5 .   ? 4.57707   0.89297   11.27129  1.000 24.26670 ? 582 HOH A O   1 
HETATM 1176 O O   . HOH E 5 .   ? 17.13072  -15.33418 2.68013   1.000 25.85841 ? 583 HOH A O   1 
HETATM 1177 O O   . HOH E 5 .   ? -17.84956 5.28526   9.11918   1.000 27.86401 ? 584 HOH A O   1 
HETATM 1178 O O   . HOH E 5 .   ? 5.33933   12.59426  -17.28385 1.000 29.85290 ? 585 HOH A O   1 
HETATM 1179 O O   . HOH E 5 .   ? 25.26443  1.15491   8.90646   1.000 42.53946 ? 586 HOH A O   1 
HETATM 1180 O O   . HOH E 5 .   ? 24.37226  0.09834   11.61989  1.000 36.95165 ? 587 HOH A O   1 
HETATM 1181 O O   . HOH F 5 .   ? 17.69801  -14.98651 16.97389  1.000 22.57777 ? 201 HOH B O   1 
HETATM 1182 O O   . HOH F 5 .   ? 11.76043  -13.47268 6.77387   1.000 20.44992 ? 202 HOH B O   1 
HETATM 1183 O O   . HOH F 5 .   ? 17.73976  -6.69616  18.48991  1.000 21.24962 ? 203 HOH B O   1 
HETATM 1184 O O   . HOH F 5 .   ? 9.06043   -5.87533  22.32135  1.000 18.57774 ? 204 HOH B O   1 
HETATM 1185 O O   . HOH F 5 .   ? 15.14234  -12.67465 7.63011   1.000 28.66639 ? 205 HOH B O   1 
HETATM 1186 O O   . HOH F 5 .   ? 17.24379  -10.31327 12.15241  1.000 18.78452 ? 206 HOH B O   1 
HETATM 1187 O O   . HOH F 5 .   ? 16.02813  -8.50628  19.15821  1.000 19.74306 ? 207 HOH B O   1 
HETATM 1188 O O   . HOH F 5 .   ? -1.43263  1.89113   14.80703  1.000 22.85699 ? 208 HOH B O   1 
HETATM 1189 O O   . HOH F 5 .   ? 10.74850  -3.96746  20.65210  1.000 18.62019 ? 209 HOH B O   1 
HETATM 1190 O O   . HOH F 5 .   ? 9.74215   -12.61925 14.41409  1.000 22.61789 ? 210 HOH B O   1 
HETATM 1191 O O   . HOH F 5 .   ? 8.20547   -2.82272  19.58867  1.000 17.23128 ? 211 HOH B O   1 
HETATM 1192 O O   . HOH F 5 .   ? 2.70413   -11.16453 13.50105  1.000 17.92603 ? 212 HOH B O   1 
HETATM 1193 O O   . HOH F 5 .   ? 1.48606   -12.13319 20.34533  1.000 24.59917 ? 213 HOH B O   1 
HETATM 1194 O O   . HOH F 5 .   ? 5.30816   -0.39336  13.77668  1.000 20.11832 ? 214 HOH B O   1 
HETATM 1195 O O   . HOH F 5 .   ? 19.70655  -2.03428  13.38746  1.000 27.58853 ? 215 HOH B O   1 
# 
loop_
_pdbx_poly_seq_scheme.asym_id 
_pdbx_poly_seq_scheme.entity_id 
_pdbx_poly_seq_scheme.seq_id 
_pdbx_poly_seq_scheme.mon_id 
_pdbx_poly_seq_scheme.ndb_seq_num 
_pdbx_poly_seq_scheme.pdb_seq_num 
_pdbx_poly_seq_scheme.auth_seq_num 
_pdbx_poly_seq_scheme.pdb_mon_id 
_pdbx_poly_seq_scheme.auth_mon_id 
_pdbx_poly_seq_scheme.pdb_strand_id 
_pdbx_poly_seq_scheme.pdb_ins_code 
_pdbx_poly_seq_scheme.hetero 
A 1 1   GLY 1   343 343 GLY GLY A . n 
A 1 2   PRO 2   344 344 PRO PRO A . n 
A 1 3   LEU 3   345 345 LEU LEU A . n 
A 1 4   GLY 4   346 346 GLY GLY A . n 
A 1 5   SER 5   347 347 SER SER A . n 
A 1 6   SER 6   348 348 SER SER A . n 
A 1 7   LYS 7   349 349 LYS LYS A . n 
A 1 8   VAL 8   350 350 VAL VAL A . n 
A 1 9   SER 9   351 351 SER SER A . n 
A 1 10  GLU 10  352 352 GLU GLU A . n 
A 1 11  GLN 11  353 353 GLN GLN A . n 
A 1 12  LEU 12  354 354 LEU LEU A . n 
A 1 13  LYS 13  355 355 LYS LYS A . n 
A 1 14  CYS 14  356 356 CYS CYS A . n 
A 1 15  CYS 15  357 357 CYS CYS A . n 
A 1 16  SER 16  358 358 SER SER A . n 
A 1 17  GLY 17  359 359 GLY GLY A . n 
A 1 18  ILE 18  360 360 ILE ILE A . n 
A 1 19  LEU 19  361 361 LEU LEU A . n 
A 1 20  LYS 20  362 362 LYS LYS A . n 
A 1 21  GLU 21  363 363 GLU GLU A . n 
A 1 22  MET 22  364 364 MET MET A . n 
A 1 23  PHE 23  365 365 PHE PHE A . n 
A 1 24  ALA 24  366 366 ALA ALA A . n 
A 1 25  LYS 25  367 367 LYS LYS A . n 
A 1 26  LYS 26  368 368 LYS LYS A . n 
A 1 27  HIS 27  369 369 HIS HIS A . n 
A 1 28  ALA 28  370 370 ALA ALA A . n 
A 1 29  ALA 29  371 371 ALA ALA A . n 
A 1 30  TYR 30  372 372 TYR TYR A . n 
A 1 31  ALA 31  373 373 ALA ALA A . n 
A 1 32  TRP 32  374 374 TRP TRP A . n 
A 1 33  PRO 33  375 375 PRO PRO A . n 
A 1 34  PHE 34  376 376 PHE PHE A . n 
A 1 35  TYR 35  377 377 TYR TYR A . n 
A 1 36  LYS 36  378 378 LYS LYS A . n 
A 1 37  PRO 37  379 379 PRO PRO A . n 
A 1 38  VAL 38  380 380 VAL VAL A . n 
A 1 39  ASP 39  381 381 ASP ASP A . n 
A 1 40  VAL 40  382 382 VAL VAL A . n 
A 1 41  GLU 41  383 383 GLU GLU A . n 
A 1 42  ALA 42  384 384 ALA ALA A . n 
A 1 43  LEU 43  385 385 LEU LEU A . n 
A 1 44  GLY 44  386 386 GLY GLY A . n 
A 1 45  LEU 45  387 387 LEU LEU A . n 
A 1 46  HIS 46  388 388 HIS HIS A . n 
A 1 47  ASP 47  389 389 ASP ASP A . n 
A 1 48  TYR 48  390 390 TYR TYR A . n 
A 1 49  CYS 49  391 391 CYS CYS A . n 
A 1 50  ASP 50  392 392 ASP ASP A . n 
A 1 51  ILE 51  393 393 ILE ILE A . n 
A 1 52  ILE 52  394 394 ILE ILE A . n 
A 1 53  LYS 53  395 395 LYS LYS A . n 
A 1 54  HIS 54  396 396 HIS HIS A . n 
A 1 55  PRO 55  397 397 PRO PRO A . n 
A 1 56  MET 56  398 398 MET MET A . n 
A 1 57  ASP 57  399 399 ASP ASP A . n 
A 1 58  MET 58  400 400 MET MET A . n 
A 1 59  SER 59  401 401 SER SER A . n 
A 1 60  THR 60  402 402 THR THR A . n 
A 1 61  ILE 61  403 403 ILE ILE A . n 
A 1 62  LYS 62  404 404 LYS LYS A . n 
A 1 63  SER 63  405 405 SER SER A . n 
A 1 64  LYS 64  406 406 LYS LYS A . n 
A 1 65  LEU 65  407 407 LEU LEU A . n 
A 1 66  GLU 66  408 408 GLU GLU A . n 
A 1 67  ALA 67  409 409 ALA ALA A . n 
A 1 68  ARG 68  410 410 ARG ARG A . n 
A 1 69  GLU 69  411 411 GLU GLU A . n 
A 1 70  TYR 70  412 412 TYR TYR A . n 
A 1 71  ARG 71  413 413 ARG ARG A . n 
A 1 72  ASP 72  414 414 ASP ASP A . n 
A 1 73  ALA 73  415 415 ALA ALA A . n 
A 1 74  GLN 74  416 416 GLN GLN A . n 
A 1 75  GLU 75  417 417 GLU GLU A . n 
A 1 76  PHE 76  418 418 PHE PHE A . n 
A 1 77  GLY 77  419 419 GLY GLY A . n 
A 1 78  ALA 78  420 420 ALA ALA A . n 
A 1 79  ASP 79  421 421 ASP ASP A . n 
A 1 80  VAL 80  422 422 VAL VAL A . n 
A 1 81  ARG 81  423 423 ARG ARG A . n 
A 1 82  LEU 82  424 424 LEU LEU A . n 
A 1 83  MET 83  425 425 MET MET A . n 
A 1 84  PHE 84  426 426 PHE PHE A . n 
A 1 85  SER 85  427 427 SER SER A . n 
A 1 86  ASN 86  428 428 ASN ASN A . n 
A 1 87  CYS 87  429 429 CYS CYS A . n 
A 1 88  TYR 88  430 430 TYR TYR A . n 
A 1 89  LYS 89  431 431 LYS LYS A . n 
A 1 90  TYR 90  432 432 TYR TYR A . n 
A 1 91  ASN 91  433 433 ASN ASN A . n 
A 1 92  PRO 92  434 434 PRO PRO A . n 
A 1 93  PRO 93  435 435 PRO PRO A . n 
A 1 94  ASP 94  436 436 ASP ASP A . n 
A 1 95  HIS 95  437 437 HIS HIS A . n 
A 1 96  GLU 96  438 438 GLU GLU A . n 
A 1 97  VAL 97  439 439 VAL VAL A . n 
A 1 98  VAL 98  440 440 VAL VAL A . n 
A 1 99  ALA 99  441 441 ALA ALA A . n 
A 1 100 MET 100 442 442 MET MET A . n 
A 1 101 ALA 101 443 443 ALA ALA A . n 
A 1 102 ARG 102 444 444 ARG ARG A . n 
A 1 103 LYS 103 445 445 LYS LYS A . n 
A 1 104 LEU 104 446 446 LEU LEU A . n 
A 1 105 GLN 105 447 447 GLN GLN A . n 
A 1 106 ASP 106 448 448 ASP ASP A . n 
A 1 107 VAL 107 449 449 VAL VAL A . n 
A 1 108 PHE 108 450 450 PHE PHE A . n 
A 1 109 GLU 109 451 451 GLU GLU A . n 
A 1 110 MET 110 452 452 MET MET A . n 
A 1 111 ARG 111 453 453 ARG ARG A . n 
A 1 112 PHE 112 454 454 PHE PHE A . n 
A 1 113 ALA 113 455 455 ALA ALA A . n 
A 1 114 LYS 114 456 456 LYS LYS A . n 
A 1 115 MET 115 457 457 MET MET A . n 
A 1 116 PRO 116 458 458 PRO PRO A . n 
A 1 117 ASP 117 459 ?   ?   ?   A . n 
A 1 118 GLU 118 460 ?   ?   ?   A . n 
A 1 119 PRO 119 461 ?   ?   ?   A . n 
A 1 120 GLU 120 462 ?   ?   ?   A . n 
A 1 121 GLU 121 463 ?   ?   ?   A . n 
A 1 122 PRO 122 464 ?   ?   ?   A . n 
B 2 1   TRP 1   1   1   TRP TRP B . n 
B 2 2   TYR 2   2   2   TYR TYR B . n 
B 2 3   ASP 3   3   3   ASP ASP B . n 
B 2 4   VAL 4   4   4   VAL VAL B . n 
B 2 5   PHE 5   5   5   PHE PHE B . n 
B 2 6   LEU 6   6   6   LEU LEU B . n 
B 2 7   THR 7   7   7   THR THR B . n 
B 2 8   ARG 8   8   8   ARG ARG B . n 
B 2 9   ALY 9   9   9   ALY ALY B . n 
B 2 10  TYR 10  10  10  TYR TYR B . n 
B 2 11  GLY 11  11  11  GLY GLY B . n 
B 2 12  ALY 12  12  12  ALY ALY B . n 
B 2 13  ALY 13  13  13  ALY ALY B . n 
B 2 14  LYS 14  14  14  LYS LYS B . n 
B 2 15  VAL 15  15  15  VAL VAL B . n 
B 2 16  ALA 16  16  16  ALA ALA B . n 
B 2 17  CYS 17  17  17  CYS CYS B . n 
# 
_pdbx_contact_author.id                 2 
_pdbx_contact_author.email              joel.mackay@sydney.edu.au 
_pdbx_contact_author.name_first         Joel 
_pdbx_contact_author.name_last          Mackay 
_pdbx_contact_author.name_mi            P 
_pdbx_contact_author.role               'principal investigator/group leader' 
_pdbx_contact_author.identifier_ORCID   0000-0001-7508-8033 
# 
loop_
_pdbx_nonpoly_scheme.asym_id 
_pdbx_nonpoly_scheme.entity_id 
_pdbx_nonpoly_scheme.mon_id 
_pdbx_nonpoly_scheme.ndb_seq_num 
_pdbx_nonpoly_scheme.pdb_seq_num 
_pdbx_nonpoly_scheme.auth_seq_num 
_pdbx_nonpoly_scheme.pdb_mon_id 
_pdbx_nonpoly_scheme.auth_mon_id 
_pdbx_nonpoly_scheme.pdb_strand_id 
_pdbx_nonpoly_scheme.pdb_ins_code 
C 3 ACE 1  101 0   ACE ACE B . 
D 4 NH2 1  102 18  NH2 NH2 B . 
E 5 HOH 1  501 76  HOH HOH A . 
E 5 HOH 2  502 44  HOH HOH A . 
E 5 HOH 3  503 107 HOH HOH A . 
E 5 HOH 4  504 112 HOH HOH A . 
E 5 HOH 5  505 75  HOH HOH A . 
E 5 HOH 6  506 10  HOH HOH A . 
E 5 HOH 7  507 24  HOH HOH A . 
E 5 HOH 8  508 3   HOH HOH A . 
E 5 HOH 9  509 13  HOH HOH A . 
E 5 HOH 10 510 79  HOH HOH A . 
E 5 HOH 11 511 102 HOH HOH A . 
E 5 HOH 12 512 105 HOH HOH A . 
E 5 HOH 13 513 35  HOH HOH A . 
E 5 HOH 14 514 9   HOH HOH A . 
E 5 HOH 15 515 2   HOH HOH A . 
E 5 HOH 16 516 108 HOH HOH A . 
E 5 HOH 17 517 73  HOH HOH A . 
E 5 HOH 18 518 57  HOH HOH A . 
E 5 HOH 19 519 113 HOH HOH A . 
E 5 HOH 20 520 8   HOH HOH A . 
E 5 HOH 21 521 59  HOH HOH A . 
E 5 HOH 22 522 21  HOH HOH A . 
E 5 HOH 23 523 67  HOH HOH A . 
E 5 HOH 24 524 49  HOH HOH A . 
E 5 HOH 25 525 82  HOH HOH A . 
E 5 HOH 26 526 20  HOH HOH A . 
E 5 HOH 27 527 45  HOH HOH A . 
E 5 HOH 28 528 100 HOH HOH A . 
E 5 HOH 29 529 31  HOH HOH A . 
E 5 HOH 30 530 34  HOH HOH A . 
E 5 HOH 31 531 48  HOH HOH A . 
E 5 HOH 32 532 19  HOH HOH A . 
E 5 HOH 33 533 56  HOH HOH A . 
E 5 HOH 34 534 22  HOH HOH A . 
E 5 HOH 35 535 12  HOH HOH A . 
E 5 HOH 36 536 58  HOH HOH A . 
E 5 HOH 37 537 30  HOH HOH A . 
E 5 HOH 38 538 64  HOH HOH A . 
E 5 HOH 39 539 43  HOH HOH A . 
E 5 HOH 40 540 33  HOH HOH A . 
E 5 HOH 41 541 46  HOH HOH A . 
E 5 HOH 42 542 86  HOH HOH A . 
E 5 HOH 43 543 42  HOH HOH A . 
E 5 HOH 44 544 14  HOH HOH A . 
E 5 HOH 45 545 106 HOH HOH A . 
E 5 HOH 46 546 66  HOH HOH A . 
E 5 HOH 47 547 87  HOH HOH A . 
E 5 HOH 48 548 80  HOH HOH A . 
E 5 HOH 49 549 17  HOH HOH A . 
E 5 HOH 50 550 16  HOH HOH A . 
E 5 HOH 51 551 15  HOH HOH A . 
E 5 HOH 52 552 94  HOH HOH A . 
E 5 HOH 53 553 4   HOH HOH A . 
E 5 HOH 54 554 7   HOH HOH A . 
E 5 HOH 55 555 41  HOH HOH A . 
E 5 HOH 56 556 18  HOH HOH A . 
E 5 HOH 57 557 71  HOH HOH A . 
E 5 HOH 58 558 74  HOH HOH A . 
E 5 HOH 59 559 6   HOH HOH A . 
E 5 HOH 60 560 93  HOH HOH A . 
E 5 HOH 61 561 99  HOH HOH A . 
E 5 HOH 62 562 51  HOH HOH A . 
E 5 HOH 63 563 29  HOH HOH A . 
E 5 HOH 64 564 54  HOH HOH A . 
E 5 HOH 65 565 92  HOH HOH A . 
E 5 HOH 66 566 70  HOH HOH A . 
E 5 HOH 67 567 47  HOH HOH A . 
E 5 HOH 68 568 78  HOH HOH A . 
E 5 HOH 69 569 103 HOH HOH A . 
E 5 HOH 70 570 60  HOH HOH A . 
E 5 HOH 71 571 89  HOH HOH A . 
E 5 HOH 72 572 27  HOH HOH A . 
E 5 HOH 73 573 53  HOH HOH A . 
E 5 HOH 74 574 37  HOH HOH A . 
E 5 HOH 75 575 72  HOH HOH A . 
E 5 HOH 76 576 65  HOH HOH A . 
E 5 HOH 77 577 77  HOH HOH A . 
E 5 HOH 78 578 62  HOH HOH A . 
E 5 HOH 79 579 81  HOH HOH A . 
E 5 HOH 80 580 55  HOH HOH A . 
E 5 HOH 81 581 111 HOH HOH A . 
E 5 HOH 82 582 84  HOH HOH A . 
E 5 HOH 83 583 32  HOH HOH A . 
E 5 HOH 84 584 61  HOH HOH A . 
E 5 HOH 85 585 95  HOH HOH A . 
E 5 HOH 86 586 110 HOH HOH A . 
E 5 HOH 87 587 97  HOH HOH A . 
F 5 HOH 1  201 28  HOH HOH B . 
F 5 HOH 2  202 52  HOH HOH B . 
F 5 HOH 3  203 68  HOH HOH B . 
F 5 HOH 4  204 11  HOH HOH B . 
F 5 HOH 5  205 88  HOH HOH B . 
F 5 HOH 6  206 38  HOH HOH B . 
F 5 HOH 7  207 39  HOH HOH B . 
F 5 HOH 8  208 25  HOH HOH B . 
F 5 HOH 9  209 23  HOH HOH B . 
F 5 HOH 10 210 96  HOH HOH B . 
F 5 HOH 11 211 50  HOH HOH B . 
F 5 HOH 12 212 5   HOH HOH B . 
F 5 HOH 13 213 101 HOH HOH B . 
F 5 HOH 14 214 36  HOH HOH B . 
F 5 HOH 15 215 90  HOH HOH B . 
# 
_pdbx_struct_assembly.id                   1 
_pdbx_struct_assembly.details              author_and_software_defined_assembly 
_pdbx_struct_assembly.method_details       PISA 
_pdbx_struct_assembly.oligomeric_details   dimeric 
_pdbx_struct_assembly.oligomeric_count     2 
# 
_pdbx_struct_assembly_gen.assembly_id       1 
_pdbx_struct_assembly_gen.oper_expression   1 
_pdbx_struct_assembly_gen.asym_id_list      A,B,C,D,E,F 
# 
loop_
_pdbx_struct_assembly_prop.biol_id 
_pdbx_struct_assembly_prop.type 
_pdbx_struct_assembly_prop.value 
_pdbx_struct_assembly_prop.details 
1 'ABSA (A^2)' 1540 ? 
1 MORE         -13  ? 
1 'SSA (A^2)'  8540 ? 
# 
_pdbx_struct_oper_list.id                   1 
_pdbx_struct_oper_list.type                 'identity operation' 
_pdbx_struct_oper_list.name                 1_555 
_pdbx_struct_oper_list.symmetry_operation   x,y,z 
_pdbx_struct_oper_list.matrix[1][1]         1.0000000000 
_pdbx_struct_oper_list.matrix[1][2]         0.0000000000 
_pdbx_struct_oper_list.matrix[1][3]         0.0000000000 
_pdbx_struct_oper_list.vector[1]            0.0000000000 
_pdbx_struct_oper_list.matrix[2][1]         0.0000000000 
_pdbx_struct_oper_list.matrix[2][2]         1.0000000000 
_pdbx_struct_oper_list.matrix[2][3]         0.0000000000 
_pdbx_struct_oper_list.vector[2]            0.0000000000 
_pdbx_struct_oper_list.matrix[3][1]         0.0000000000 
_pdbx_struct_oper_list.matrix[3][2]         0.0000000000 
_pdbx_struct_oper_list.matrix[3][3]         1.0000000000 
_pdbx_struct_oper_list.vector[3]            0.0000000000 
# 
loop_
_pdbx_audit_revision_history.ordinal 
_pdbx_audit_revision_history.data_content_type 
_pdbx_audit_revision_history.major_revision 
_pdbx_audit_revision_history.minor_revision 
_pdbx_audit_revision_history.revision_date 
1 'Structure model' 1 0 2023-05-24 
2 'Structure model' 1 1 2023-10-25 
3 'Structure model' 1 2 2023-11-15 
4 'Structure model' 1 3 2023-12-06 
# 
_pdbx_audit_revision_details.ordinal             1 
_pdbx_audit_revision_details.revision_ordinal    1 
_pdbx_audit_revision_details.data_content_type   'Structure model' 
_pdbx_audit_revision_details.provider            repository 
_pdbx_audit_revision_details.type                'Initial release' 
_pdbx_audit_revision_details.description         ? 
_pdbx_audit_revision_details.details             ? 
# 
loop_
_pdbx_audit_revision_group.ordinal 
_pdbx_audit_revision_group.revision_ordinal 
_pdbx_audit_revision_group.data_content_type 
_pdbx_audit_revision_group.group 
1 2 'Structure model' 'Data collection'        
2 2 'Structure model' 'Refinement description' 
3 3 'Structure model' 'Data collection'        
4 4 'Structure model' 'Database references'    
# 
loop_
_pdbx_audit_revision_category.ordinal 
_pdbx_audit_revision_category.revision_ordinal 
_pdbx_audit_revision_category.data_content_type 
_pdbx_audit_revision_category.category 
1 2 'Structure model' chem_comp_atom                
2 2 'Structure model' chem_comp_bond                
3 2 'Structure model' pdbx_initial_refinement_model 
4 3 'Structure model' chem_comp_atom                
5 3 'Structure model' chem_comp_bond                
6 4 'Structure model' citation                      
7 4 'Structure model' citation_author               
# 
loop_
_pdbx_audit_revision_item.ordinal 
_pdbx_audit_revision_item.revision_ordinal 
_pdbx_audit_revision_item.data_content_type 
_pdbx_audit_revision_item.item 
1  3 'Structure model' '_chem_comp_atom.atom_id'           
2  3 'Structure model' '_chem_comp_bond.atom_id_2'         
3  4 'Structure model' '_citation.country'                 
4  4 'Structure model' '_citation.journal_abbrev'          
5  4 'Structure model' '_citation.journal_id_ASTM'         
6  4 'Structure model' '_citation.journal_id_CSD'          
7  4 'Structure model' '_citation.journal_id_ISSN'         
8  4 'Structure model' '_citation.journal_volume'          
9  4 'Structure model' '_citation.page_first'              
10 4 'Structure model' '_citation.page_last'               
11 4 'Structure model' '_citation.pdbx_database_id_DOI'    
12 4 'Structure model' '_citation.pdbx_database_id_PubMed' 
13 4 'Structure model' '_citation.title'                   
14 4 'Structure model' '_citation.year'                    
# 
loop_
_space_group_symop.id 
_space_group_symop.operation_xyz 
1 x,y,z       
2 -x,y+1/2,-z 
# 
loop_
_software.citation_id 
_software.classification 
_software.compiler_name 
_software.compiler_version 
_software.contact_author 
_software.contact_author_email 
_software.date 
_software.description 
_software.dependencies 
_software.hardware 
_software.language 
_software.location 
_software.mods 
_software.name 
_software.os 
_software.os_version 
_software.type 
_software.version 
_software.pdbx_ordinal 
? refinement       ? ? ? ? ? ? ? ? ? ? ? PHENIX  ? ? ? 1.19.2_4158 1 
? refinement       ? ? ? ? ? ? ? ? ? ? ? PHENIX  ? ? ? 1.19.2_4158 2 
? 'data reduction' ? ? ? ? ? ? ? ? ? ? ? XDS     ? ? ? .           3 
? 'data scaling'   ? ? ? ? ? ? ? ? ? ? ? Aimless ? ? ? .           4 
? phasing          ? ? ? ? ? ? ? ? ? ? ? PHASER  ? ? ? .           5 
# 
_pdbx_entry_details.entry_id                 8CV6 
_pdbx_entry_details.has_ligand_of_interest   Y 
_pdbx_entry_details.compound_details         ? 
_pdbx_entry_details.source_details           ? 
_pdbx_entry_details.nonpolymer_details       ? 
_pdbx_entry_details.sequence_details         ? 
# 
_pdbx_validate_torsion.id              1 
_pdbx_validate_torsion.PDB_model_num   1 
_pdbx_validate_torsion.auth_comp_id    SER 
_pdbx_validate_torsion.auth_asym_id    A 
_pdbx_validate_torsion.auth_seq_id     347 
_pdbx_validate_torsion.PDB_ins_code    ? 
_pdbx_validate_torsion.label_alt_id    ? 
_pdbx_validate_torsion.phi             -149.67 
_pdbx_validate_torsion.psi             14.53 
# 
_pdbx_validate_main_chain_plane.id                       1 
_pdbx_validate_main_chain_plane.PDB_model_num            1 
_pdbx_validate_main_chain_plane.auth_comp_id             ALY 
_pdbx_validate_main_chain_plane.auth_asym_id             B 
_pdbx_validate_main_chain_plane.auth_seq_id              9 
_pdbx_validate_main_chain_plane.PDB_ins_code             ? 
_pdbx_validate_main_chain_plane.label_alt_id             ? 
_pdbx_validate_main_chain_plane.improper_torsion_angle   -16.54 
# 
loop_
_pdbx_unobs_or_zero_occ_atoms.id 
_pdbx_unobs_or_zero_occ_atoms.PDB_model_num 
_pdbx_unobs_or_zero_occ_atoms.polymer_flag 
_pdbx_unobs_or_zero_occ_atoms.occupancy_flag 
_pdbx_unobs_or_zero_occ_atoms.auth_asym_id 
_pdbx_unobs_or_zero_occ_atoms.auth_comp_id 
_pdbx_unobs_or_zero_occ_atoms.auth_seq_id 
_pdbx_unobs_or_zero_occ_atoms.PDB_ins_code 
_pdbx_unobs_or_zero_occ_atoms.auth_atom_id 
_pdbx_unobs_or_zero_occ_atoms.label_alt_id 
_pdbx_unobs_or_zero_occ_atoms.label_asym_id 
_pdbx_unobs_or_zero_occ_atoms.label_comp_id 
_pdbx_unobs_or_zero_occ_atoms.label_seq_id 
_pdbx_unobs_or_zero_occ_atoms.label_atom_id 
1  1 Y 0 A LYS 349 ? N   ? A LYS 7   N   
2  1 Y 0 A GLN 353 ? NE2 ? A GLN 11  NE2 
3  1 Y 0 A LYS 362 ? CE  ? A LYS 20  CE  
4  1 Y 0 A LYS 362 ? NZ  ? A LYS 20  NZ  
5  1 Y 0 A LYS 367 ? CD  ? A LYS 25  CD  
6  1 Y 0 A LYS 367 ? CE  ? A LYS 25  CE  
7  1 Y 0 A LYS 367 ? NZ  ? A LYS 25  NZ  
8  1 Y 0 A LYS 368 ? CG  ? A LYS 26  CG  
9  1 Y 0 A LYS 368 ? CD  ? A LYS 26  CD  
10 1 Y 0 A LYS 368 ? CE  ? A LYS 26  CE  
11 1 Y 0 A LYS 368 ? NZ  ? A LYS 26  NZ  
12 1 Y 0 A GLU 383 ? CD  ? A GLU 41  CD  
13 1 Y 0 A GLU 383 ? OE1 ? A GLU 41  OE1 
14 1 Y 0 A GLU 383 ? OE2 ? A GLU 41  OE2 
15 1 Y 0 A LYS 395 ? CD  ? A LYS 53  CD  
16 1 Y 0 A LYS 395 ? CE  ? A LYS 53  CE  
17 1 Y 0 A LYS 395 ? NZ  ? A LYS 53  NZ  
18 1 Y 0 A GLN 416 ? OE1 ? A GLN 74  OE1 
19 1 Y 0 A LYS 445 ? NZ  ? A LYS 103 NZ  
20 1 Y 0 A LYS 456 ? NZ  ? A LYS 114 NZ  
# 
loop_
_pdbx_unobs_or_zero_occ_residues.id 
_pdbx_unobs_or_zero_occ_residues.PDB_model_num 
_pdbx_unobs_or_zero_occ_residues.polymer_flag 
_pdbx_unobs_or_zero_occ_residues.occupancy_flag 
_pdbx_unobs_or_zero_occ_residues.auth_asym_id 
_pdbx_unobs_or_zero_occ_residues.auth_comp_id 
_pdbx_unobs_or_zero_occ_residues.auth_seq_id 
_pdbx_unobs_or_zero_occ_residues.PDB_ins_code 
_pdbx_unobs_or_zero_occ_residues.label_asym_id 
_pdbx_unobs_or_zero_occ_residues.label_comp_id 
_pdbx_unobs_or_zero_occ_residues.label_seq_id 
1 1 Y 1 A ASP 459 ? A ASP 117 
2 1 Y 1 A GLU 460 ? A GLU 118 
3 1 Y 1 A PRO 461 ? A PRO 119 
4 1 Y 1 A GLU 462 ? A GLU 120 
5 1 Y 1 A GLU 463 ? A GLU 121 
6 1 Y 1 A PRO 464 ? A PRO 122 
# 
loop_
_chem_comp_atom.comp_id 
_chem_comp_atom.atom_id 
_chem_comp_atom.type_symbol 
_chem_comp_atom.pdbx_aromatic_flag 
_chem_comp_atom.pdbx_stereo_config 
_chem_comp_atom.pdbx_ordinal 
ACE C    C N N 1   
ACE O    O N N 2   
ACE CH3  C N N 3   
ACE H    H N N 4   
ACE H1   H N N 5   
ACE H2   H N N 6   
ACE H3   H N N 7   
ALA N    N N N 8   
ALA CA   C N S 9   
ALA C    C N N 10  
ALA O    O N N 11  
ALA CB   C N N 12  
ALA OXT  O N N 13  
ALA H    H N N 14  
ALA H2   H N N 15  
ALA HA   H N N 16  
ALA HB1  H N N 17  
ALA HB2  H N N 18  
ALA HB3  H N N 19  
ALA HXT  H N N 20  
ALY OH   O N N 21  
ALY CH   C N N 22  
ALY CH3  C N N 23  
ALY NZ   N N N 24  
ALY CE   C N N 25  
ALY CD   C N N 26  
ALY CG   C N N 27  
ALY CB   C N N 28  
ALY CA   C N S 29  
ALY N    N N N 30  
ALY C    C N N 31  
ALY O    O N N 32  
ALY OXT  O N N 33  
ALY HH31 H N N 34  
ALY HH32 H N N 35  
ALY HH33 H N N 36  
ALY HZ   H N N 37  
ALY HE3  H N N 38  
ALY HE2  H N N 39  
ALY HD3  H N N 40  
ALY HD2  H N N 41  
ALY HG3  H N N 42  
ALY HG2  H N N 43  
ALY HB3  H N N 44  
ALY HB2  H N N 45  
ALY HA   H N N 46  
ALY H    H N N 47  
ALY H2   H N N 48  
ALY HXT  H N N 49  
ARG N    N N N 50  
ARG CA   C N S 51  
ARG C    C N N 52  
ARG O    O N N 53  
ARG CB   C N N 54  
ARG CG   C N N 55  
ARG CD   C N N 56  
ARG NE   N N N 57  
ARG CZ   C N N 58  
ARG NH1  N N N 59  
ARG NH2  N N N 60  
ARG OXT  O N N 61  
ARG H    H N N 62  
ARG H2   H N N 63  
ARG HA   H N N 64  
ARG HB2  H N N 65  
ARG HB3  H N N 66  
ARG HG2  H N N 67  
ARG HG3  H N N 68  
ARG HD2  H N N 69  
ARG HD3  H N N 70  
ARG HE   H N N 71  
ARG HH11 H N N 72  
ARG HH12 H N N 73  
ARG HH21 H N N 74  
ARG HH22 H N N 75  
ARG HXT  H N N 76  
ASN N    N N N 77  
ASN CA   C N S 78  
ASN C    C N N 79  
ASN O    O N N 80  
ASN CB   C N N 81  
ASN CG   C N N 82  
ASN OD1  O N N 83  
ASN ND2  N N N 84  
ASN OXT  O N N 85  
ASN H    H N N 86  
ASN H2   H N N 87  
ASN HA   H N N 88  
ASN HB2  H N N 89  
ASN HB3  H N N 90  
ASN HD21 H N N 91  
ASN HD22 H N N 92  
ASN HXT  H N N 93  
ASP N    N N N 94  
ASP CA   C N S 95  
ASP C    C N N 96  
ASP O    O N N 97  
ASP CB   C N N 98  
ASP CG   C N N 99  
ASP OD1  O N N 100 
ASP OD2  O N N 101 
ASP OXT  O N N 102 
ASP H    H N N 103 
ASP H2   H N N 104 
ASP HA   H N N 105 
ASP HB2  H N N 106 
ASP HB3  H N N 107 
ASP HD2  H N N 108 
ASP HXT  H N N 109 
CYS N    N N N 110 
CYS CA   C N R 111 
CYS C    C N N 112 
CYS O    O N N 113 
CYS CB   C N N 114 
CYS SG   S N N 115 
CYS OXT  O N N 116 
CYS H    H N N 117 
CYS H2   H N N 118 
CYS HA   H N N 119 
CYS HB2  H N N 120 
CYS HB3  H N N 121 
CYS HG   H N N 122 
CYS HXT  H N N 123 
GLN N    N N N 124 
GLN CA   C N S 125 
GLN C    C N N 126 
GLN O    O N N 127 
GLN CB   C N N 128 
GLN CG   C N N 129 
GLN CD   C N N 130 
GLN OE1  O N N 131 
GLN NE2  N N N 132 
GLN OXT  O N N 133 
GLN H    H N N 134 
GLN H2   H N N 135 
GLN HA   H N N 136 
GLN HB2  H N N 137 
GLN HB3  H N N 138 
GLN HG2  H N N 139 
GLN HG3  H N N 140 
GLN HE21 H N N 141 
GLN HE22 H N N 142 
GLN HXT  H N N 143 
GLU N    N N N 144 
GLU CA   C N S 145 
GLU C    C N N 146 
GLU O    O N N 147 
GLU CB   C N N 148 
GLU CG   C N N 149 
GLU CD   C N N 150 
GLU OE1  O N N 151 
GLU OE2  O N N 152 
GLU OXT  O N N 153 
GLU H    H N N 154 
GLU H2   H N N 155 
GLU HA   H N N 156 
GLU HB2  H N N 157 
GLU HB3  H N N 158 
GLU HG2  H N N 159 
GLU HG3  H N N 160 
GLU HE2  H N N 161 
GLU HXT  H N N 162 
GLY N    N N N 163 
GLY CA   C N N 164 
GLY C    C N N 165 
GLY O    O N N 166 
GLY OXT  O N N 167 
GLY H    H N N 168 
GLY H2   H N N 169 
GLY HA2  H N N 170 
GLY HA3  H N N 171 
GLY HXT  H N N 172 
HIS N    N N N 173 
HIS CA   C N S 174 
HIS C    C N N 175 
HIS O    O N N 176 
HIS CB   C N N 177 
HIS CG   C Y N 178 
HIS ND1  N Y N 179 
HIS CD2  C Y N 180 
HIS CE1  C Y N 181 
HIS NE2  N Y N 182 
HIS OXT  O N N 183 
HIS H    H N N 184 
HIS H2   H N N 185 
HIS HA   H N N 186 
HIS HB2  H N N 187 
HIS HB3  H N N 188 
HIS HD1  H N N 189 
HIS HD2  H N N 190 
HIS HE1  H N N 191 
HIS HE2  H N N 192 
HIS HXT  H N N 193 
HOH O    O N N 194 
HOH H1   H N N 195 
HOH H2   H N N 196 
ILE N    N N N 197 
ILE CA   C N S 198 
ILE C    C N N 199 
ILE O    O N N 200 
ILE CB   C N S 201 
ILE CG1  C N N 202 
ILE CG2  C N N 203 
ILE CD1  C N N 204 
ILE OXT  O N N 205 
ILE H    H N N 206 
ILE H2   H N N 207 
ILE HA   H N N 208 
ILE HB   H N N 209 
ILE HG12 H N N 210 
ILE HG13 H N N 211 
ILE HG21 H N N 212 
ILE HG22 H N N 213 
ILE HG23 H N N 214 
ILE HD11 H N N 215 
ILE HD12 H N N 216 
ILE HD13 H N N 217 
ILE HXT  H N N 218 
LEU N    N N N 219 
LEU CA   C N S 220 
LEU C    C N N 221 
LEU O    O N N 222 
LEU CB   C N N 223 
LEU CG   C N N 224 
LEU CD1  C N N 225 
LEU CD2  C N N 226 
LEU OXT  O N N 227 
LEU H    H N N 228 
LEU H2   H N N 229 
LEU HA   H N N 230 
LEU HB2  H N N 231 
LEU HB3  H N N 232 
LEU HG   H N N 233 
LEU HD11 H N N 234 
LEU HD12 H N N 235 
LEU HD13 H N N 236 
LEU HD21 H N N 237 
LEU HD22 H N N 238 
LEU HD23 H N N 239 
LEU HXT  H N N 240 
LYS N    N N N 241 
LYS CA   C N S 242 
LYS C    C N N 243 
LYS O    O N N 244 
LYS CB   C N N 245 
LYS CG   C N N 246 
LYS CD   C N N 247 
LYS CE   C N N 248 
LYS NZ   N N N 249 
LYS OXT  O N N 250 
LYS H    H N N 251 
LYS H2   H N N 252 
LYS HA   H N N 253 
LYS HB2  H N N 254 
LYS HB3  H N N 255 
LYS HG2  H N N 256 
LYS HG3  H N N 257 
LYS HD2  H N N 258 
LYS HD3  H N N 259 
LYS HE2  H N N 260 
LYS HE3  H N N 261 
LYS HZ1  H N N 262 
LYS HZ2  H N N 263 
LYS HZ3  H N N 264 
LYS HXT  H N N 265 
MET N    N N N 266 
MET CA   C N S 267 
MET C    C N N 268 
MET O    O N N 269 
MET CB   C N N 270 
MET CG   C N N 271 
MET SD   S N N 272 
MET CE   C N N 273 
MET OXT  O N N 274 
MET H    H N N 275 
MET H2   H N N 276 
MET HA   H N N 277 
MET HB2  H N N 278 
MET HB3  H N N 279 
MET HG2  H N N 280 
MET HG3  H N N 281 
MET HE1  H N N 282 
MET HE2  H N N 283 
MET HE3  H N N 284 
MET HXT  H N N 285 
NH2 N    N N N 286 
NH2 HN1  H N N 287 
NH2 HN2  H N N 288 
PHE N    N N N 289 
PHE CA   C N S 290 
PHE C    C N N 291 
PHE O    O N N 292 
PHE CB   C N N 293 
PHE CG   C Y N 294 
PHE CD1  C Y N 295 
PHE CD2  C Y N 296 
PHE CE1  C Y N 297 
PHE CE2  C Y N 298 
PHE CZ   C Y N 299 
PHE OXT  O N N 300 
PHE H    H N N 301 
PHE H2   H N N 302 
PHE HA   H N N 303 
PHE HB2  H N N 304 
PHE HB3  H N N 305 
PHE HD1  H N N 306 
PHE HD2  H N N 307 
PHE HE1  H N N 308 
PHE HE2  H N N 309 
PHE HZ   H N N 310 
PHE HXT  H N N 311 
PRO N    N N N 312 
PRO CA   C N S 313 
PRO C    C N N 314 
PRO O    O N N 315 
PRO CB   C N N 316 
PRO CG   C N N 317 
PRO CD   C N N 318 
PRO OXT  O N N 319 
PRO H    H N N 320 
PRO HA   H N N 321 
PRO HB2  H N N 322 
PRO HB3  H N N 323 
PRO HG2  H N N 324 
PRO HG3  H N N 325 
PRO HD2  H N N 326 
PRO HD3  H N N 327 
PRO HXT  H N N 328 
SER N    N N N 329 
SER CA   C N S 330 
SER C    C N N 331 
SER O    O N N 332 
SER CB   C N N 333 
SER OG   O N N 334 
SER OXT  O N N 335 
SER H    H N N 336 
SER H2   H N N 337 
SER HA   H N N 338 
SER HB2  H N N 339 
SER HB3  H N N 340 
SER HG   H N N 341 
SER HXT  H N N 342 
THR N    N N N 343 
THR CA   C N S 344 
THR C    C N N 345 
THR O    O N N 346 
THR CB   C N R 347 
THR OG1  O N N 348 
THR CG2  C N N 349 
THR OXT  O N N 350 
THR H    H N N 351 
THR H2   H N N 352 
THR HA   H N N 353 
THR HB   H N N 354 
THR HG1  H N N 355 
THR HG21 H N N 356 
THR HG22 H N N 357 
THR HG23 H N N 358 
THR HXT  H N N 359 
TRP N    N N N 360 
TRP CA   C N S 361 
TRP C    C N N 362 
TRP O    O N N 363 
TRP CB   C N N 364 
TRP CG   C Y N 365 
TRP CD1  C Y N 366 
TRP CD2  C Y N 367 
TRP NE1  N Y N 368 
TRP CE2  C Y N 369 
TRP CE3  C Y N 370 
TRP CZ2  C Y N 371 
TRP CZ3  C Y N 372 
TRP CH2  C Y N 373 
TRP OXT  O N N 374 
TRP H    H N N 375 
TRP H2   H N N 376 
TRP HA   H N N 377 
TRP HB2  H N N 378 
TRP HB3  H N N 379 
TRP HD1  H N N 380 
TRP HE1  H N N 381 
TRP HE3  H N N 382 
TRP HZ2  H N N 383 
TRP HZ3  H N N 384 
TRP HH2  H N N 385 
TRP HXT  H N N 386 
TYR N    N N N 387 
TYR CA   C N S 388 
TYR C    C N N 389 
TYR O    O N N 390 
TYR CB   C N N 391 
TYR CG   C Y N 392 
TYR CD1  C Y N 393 
TYR CD2  C Y N 394 
TYR CE1  C Y N 395 
TYR CE2  C Y N 396 
TYR CZ   C Y N 397 
TYR OH   O N N 398 
TYR OXT  O N N 399 
TYR H    H N N 400 
TYR H2   H N N 401 
TYR HA   H N N 402 
TYR HB2  H N N 403 
TYR HB3  H N N 404 
TYR HD1  H N N 405 
TYR HD2  H N N 406 
TYR HE1  H N N 407 
TYR HE2  H N N 408 
TYR HH   H N N 409 
TYR HXT  H N N 410 
VAL N    N N N 411 
VAL CA   C N S 412 
VAL C    C N N 413 
VAL O    O N N 414 
VAL CB   C N N 415 
VAL CG1  C N N 416 
VAL CG2  C N N 417 
VAL OXT  O N N 418 
VAL H    H N N 419 
VAL H2   H N N 420 
VAL HA   H N N 421 
VAL HB   H N N 422 
VAL HG11 H N N 423 
VAL HG12 H N N 424 
VAL HG13 H N N 425 
VAL HG21 H N N 426 
VAL HG22 H N N 427 
VAL HG23 H N N 428 
VAL HXT  H N N 429 
# 
loop_
_chem_comp_bond.comp_id 
_chem_comp_bond.atom_id_1 
_chem_comp_bond.atom_id_2 
_chem_comp_bond.value_order 
_chem_comp_bond.pdbx_aromatic_flag 
_chem_comp_bond.pdbx_stereo_config 
_chem_comp_bond.pdbx_ordinal 
ACE C   O    doub N N 1   
ACE C   CH3  sing N N 2   
ACE C   H    sing N N 3   
ACE CH3 H1   sing N N 4   
ACE CH3 H2   sing N N 5   
ACE CH3 H3   sing N N 6   
ALA N   CA   sing N N 7   
ALA N   H    sing N N 8   
ALA N   H2   sing N N 9   
ALA CA  C    sing N N 10  
ALA CA  CB   sing N N 11  
ALA CA  HA   sing N N 12  
ALA C   O    doub N N 13  
ALA C   OXT  sing N N 14  
ALA CB  HB1  sing N N 15  
ALA CB  HB2  sing N N 16  
ALA CB  HB3  sing N N 17  
ALA OXT HXT  sing N N 18  
ALY OH  CH   doub N N 19  
ALY CH  CH3  sing N N 20  
ALY CH  NZ   sing N N 21  
ALY CH3 HH31 sing N N 22  
ALY CH3 HH32 sing N N 23  
ALY CH3 HH33 sing N N 24  
ALY NZ  CE   sing N N 25  
ALY NZ  HZ   sing N N 26  
ALY CE  CD   sing N N 27  
ALY CE  HE3  sing N N 28  
ALY CE  HE2  sing N N 29  
ALY CD  CG   sing N N 30  
ALY CD  HD3  sing N N 31  
ALY CD  HD2  sing N N 32  
ALY CG  CB   sing N N 33  
ALY CG  HG3  sing N N 34  
ALY CG  HG2  sing N N 35  
ALY CB  CA   sing N N 36  
ALY CB  HB3  sing N N 37  
ALY CB  HB2  sing N N 38  
ALY CA  N    sing N N 39  
ALY CA  C    sing N N 40  
ALY CA  HA   sing N N 41  
ALY N   H    sing N N 42  
ALY N   H2   sing N N 43  
ALY C   O    doub N N 44  
ALY C   OXT  sing N N 45  
ALY OXT HXT  sing N N 46  
ARG N   CA   sing N N 47  
ARG N   H    sing N N 48  
ARG N   H2   sing N N 49  
ARG CA  C    sing N N 50  
ARG CA  CB   sing N N 51  
ARG CA  HA   sing N N 52  
ARG C   O    doub N N 53  
ARG C   OXT  sing N N 54  
ARG CB  CG   sing N N 55  
ARG CB  HB2  sing N N 56  
ARG CB  HB3  sing N N 57  
ARG CG  CD   sing N N 58  
ARG CG  HG2  sing N N 59  
ARG CG  HG3  sing N N 60  
ARG CD  NE   sing N N 61  
ARG CD  HD2  sing N N 62  
ARG CD  HD3  sing N N 63  
ARG NE  CZ   sing N N 64  
ARG NE  HE   sing N N 65  
ARG CZ  NH1  sing N N 66  
ARG CZ  NH2  doub N N 67  
ARG NH1 HH11 sing N N 68  
ARG NH1 HH12 sing N N 69  
ARG NH2 HH21 sing N N 70  
ARG NH2 HH22 sing N N 71  
ARG OXT HXT  sing N N 72  
ASN N   CA   sing N N 73  
ASN N   H    sing N N 74  
ASN N   H2   sing N N 75  
ASN CA  C    sing N N 76  
ASN CA  CB   sing N N 77  
ASN CA  HA   sing N N 78  
ASN C   O    doub N N 79  
ASN C   OXT  sing N N 80  
ASN CB  CG   sing N N 81  
ASN CB  HB2  sing N N 82  
ASN CB  HB3  sing N N 83  
ASN CG  OD1  doub N N 84  
ASN CG  ND2  sing N N 85  
ASN ND2 HD21 sing N N 86  
ASN ND2 HD22 sing N N 87  
ASN OXT HXT  sing N N 88  
ASP N   CA   sing N N 89  
ASP N   H    sing N N 90  
ASP N   H2   sing N N 91  
ASP CA  C    sing N N 92  
ASP CA  CB   sing N N 93  
ASP CA  HA   sing N N 94  
ASP C   O    doub N N 95  
ASP C   OXT  sing N N 96  
ASP CB  CG   sing N N 97  
ASP CB  HB2  sing N N 98  
ASP CB  HB3  sing N N 99  
ASP CG  OD1  doub N N 100 
ASP CG  OD2  sing N N 101 
ASP OD2 HD2  sing N N 102 
ASP OXT HXT  sing N N 103 
CYS N   CA   sing N N 104 
CYS N   H    sing N N 105 
CYS N   H2   sing N N 106 
CYS CA  C    sing N N 107 
CYS CA  CB   sing N N 108 
CYS CA  HA   sing N N 109 
CYS C   O    doub N N 110 
CYS C   OXT  sing N N 111 
CYS CB  SG   sing N N 112 
CYS CB  HB2  sing N N 113 
CYS CB  HB3  sing N N 114 
CYS SG  HG   sing N N 115 
CYS OXT HXT  sing N N 116 
GLN N   CA   sing N N 117 
GLN N   H    sing N N 118 
GLN N   H2   sing N N 119 
GLN CA  C    sing N N 120 
GLN CA  CB   sing N N 121 
GLN CA  HA   sing N N 122 
GLN C   O    doub N N 123 
GLN C   OXT  sing N N 124 
GLN CB  CG   sing N N 125 
GLN CB  HB2  sing N N 126 
GLN CB  HB3  sing N N 127 
GLN CG  CD   sing N N 128 
GLN CG  HG2  sing N N 129 
GLN CG  HG3  sing N N 130 
GLN CD  OE1  doub N N 131 
GLN CD  NE2  sing N N 132 
GLN NE2 HE21 sing N N 133 
GLN NE2 HE22 sing N N 134 
GLN OXT HXT  sing N N 135 
GLU N   CA   sing N N 136 
GLU N   H    sing N N 137 
GLU N   H2   sing N N 138 
GLU CA  C    sing N N 139 
GLU CA  CB   sing N N 140 
GLU CA  HA   sing N N 141 
GLU C   O    doub N N 142 
GLU C   OXT  sing N N 143 
GLU CB  CG   sing N N 144 
GLU CB  HB2  sing N N 145 
GLU CB  HB3  sing N N 146 
GLU CG  CD   sing N N 147 
GLU CG  HG2  sing N N 148 
GLU CG  HG3  sing N N 149 
GLU CD  OE1  doub N N 150 
GLU CD  OE2  sing N N 151 
GLU OE2 HE2  sing N N 152 
GLU OXT HXT  sing N N 153 
GLY N   CA   sing N N 154 
GLY N   H    sing N N 155 
GLY N   H2   sing N N 156 
GLY CA  C    sing N N 157 
GLY CA  HA2  sing N N 158 
GLY CA  HA3  sing N N 159 
GLY C   O    doub N N 160 
GLY C   OXT  sing N N 161 
GLY OXT HXT  sing N N 162 
HIS N   CA   sing N N 163 
HIS N   H    sing N N 164 
HIS N   H2   sing N N 165 
HIS CA  C    sing N N 166 
HIS CA  CB   sing N N 167 
HIS CA  HA   sing N N 168 
HIS C   O    doub N N 169 
HIS C   OXT  sing N N 170 
HIS CB  CG   sing N N 171 
HIS CB  HB2  sing N N 172 
HIS CB  HB3  sing N N 173 
HIS CG  ND1  sing Y N 174 
HIS CG  CD2  doub Y N 175 
HIS ND1 CE1  doub Y N 176 
HIS ND1 HD1  sing N N 177 
HIS CD2 NE2  sing Y N 178 
HIS CD2 HD2  sing N N 179 
HIS CE1 NE2  sing Y N 180 
HIS CE1 HE1  sing N N 181 
HIS NE2 HE2  sing N N 182 
HIS OXT HXT  sing N N 183 
HOH O   H1   sing N N 184 
HOH O   H2   sing N N 185 
ILE N   CA   sing N N 186 
ILE N   H    sing N N 187 
ILE N   H2   sing N N 188 
ILE CA  C    sing N N 189 
ILE CA  CB   sing N N 190 
ILE CA  HA   sing N N 191 
ILE C   O    doub N N 192 
ILE C   OXT  sing N N 193 
ILE CB  CG1  sing N N 194 
ILE CB  CG2  sing N N 195 
ILE CB  HB   sing N N 196 
ILE CG1 CD1  sing N N 197 
ILE CG1 HG12 sing N N 198 
ILE CG1 HG13 sing N N 199 
ILE CG2 HG21 sing N N 200 
ILE CG2 HG22 sing N N 201 
ILE CG2 HG23 sing N N 202 
ILE CD1 HD11 sing N N 203 
ILE CD1 HD12 sing N N 204 
ILE CD1 HD13 sing N N 205 
ILE OXT HXT  sing N N 206 
LEU N   CA   sing N N 207 
LEU N   H    sing N N 208 
LEU N   H2   sing N N 209 
LEU CA  C    sing N N 210 
LEU CA  CB   sing N N 211 
LEU CA  HA   sing N N 212 
LEU C   O    doub N N 213 
LEU C   OXT  sing N N 214 
LEU CB  CG   sing N N 215 
LEU CB  HB2  sing N N 216 
LEU CB  HB3  sing N N 217 
LEU CG  CD1  sing N N 218 
LEU CG  CD2  sing N N 219 
LEU CG  HG   sing N N 220 
LEU CD1 HD11 sing N N 221 
LEU CD1 HD12 sing N N 222 
LEU CD1 HD13 sing N N 223 
LEU CD2 HD21 sing N N 224 
LEU CD2 HD22 sing N N 225 
LEU CD2 HD23 sing N N 226 
LEU OXT HXT  sing N N 227 
LYS N   CA   sing N N 228 
LYS N   H    sing N N 229 
LYS N   H2   sing N N 230 
LYS CA  C    sing N N 231 
LYS CA  CB   sing N N 232 
LYS CA  HA   sing N N 233 
LYS C   O    doub N N 234 
LYS C   OXT  sing N N 235 
LYS CB  CG   sing N N 236 
LYS CB  HB2  sing N N 237 
LYS CB  HB3  sing N N 238 
LYS CG  CD   sing N N 239 
LYS CG  HG2  sing N N 240 
LYS CG  HG3  sing N N 241 
LYS CD  CE   sing N N 242 
LYS CD  HD2  sing N N 243 
LYS CD  HD3  sing N N 244 
LYS CE  NZ   sing N N 245 
LYS CE  HE2  sing N N 246 
LYS CE  HE3  sing N N 247 
LYS NZ  HZ1  sing N N 248 
LYS NZ  HZ2  sing N N 249 
LYS NZ  HZ3  sing N N 250 
LYS OXT HXT  sing N N 251 
MET N   CA   sing N N 252 
MET N   H    sing N N 253 
MET N   H2   sing N N 254 
MET CA  C    sing N N 255 
MET CA  CB   sing N N 256 
MET CA  HA   sing N N 257 
MET C   O    doub N N 258 
MET C   OXT  sing N N 259 
MET CB  CG   sing N N 260 
MET CB  HB2  sing N N 261 
MET CB  HB3  sing N N 262 
MET CG  SD   sing N N 263 
MET CG  HG2  sing N N 264 
MET CG  HG3  sing N N 265 
MET SD  CE   sing N N 266 
MET CE  HE1  sing N N 267 
MET CE  HE2  sing N N 268 
MET CE  HE3  sing N N 269 
MET OXT HXT  sing N N 270 
NH2 N   HN1  sing N N 271 
NH2 N   HN2  sing N N 272 
PHE N   CA   sing N N 273 
PHE N   H    sing N N 274 
PHE N   H2   sing N N 275 
PHE CA  C    sing N N 276 
PHE CA  CB   sing N N 277 
PHE CA  HA   sing N N 278 
PHE C   O    doub N N 279 
PHE C   OXT  sing N N 280 
PHE CB  CG   sing N N 281 
PHE CB  HB2  sing N N 282 
PHE CB  HB3  sing N N 283 
PHE CG  CD1  doub Y N 284 
PHE CG  CD2  sing Y N 285 
PHE CD1 CE1  sing Y N 286 
PHE CD1 HD1  sing N N 287 
PHE CD2 CE2  doub Y N 288 
PHE CD2 HD2  sing N N 289 
PHE CE1 CZ   doub Y N 290 
PHE CE1 HE1  sing N N 291 
PHE CE2 CZ   sing Y N 292 
PHE CE2 HE2  sing N N 293 
PHE CZ  HZ   sing N N 294 
PHE OXT HXT  sing N N 295 
PRO N   CA   sing N N 296 
PRO N   CD   sing N N 297 
PRO N   H    sing N N 298 
PRO CA  C    sing N N 299 
PRO CA  CB   sing N N 300 
PRO CA  HA   sing N N 301 
PRO C   O    doub N N 302 
PRO C   OXT  sing N N 303 
PRO CB  CG   sing N N 304 
PRO CB  HB2  sing N N 305 
PRO CB  HB3  sing N N 306 
PRO CG  CD   sing N N 307 
PRO CG  HG2  sing N N 308 
PRO CG  HG3  sing N N 309 
PRO CD  HD2  sing N N 310 
PRO CD  HD3  sing N N 311 
PRO OXT HXT  sing N N 312 
SER N   CA   sing N N 313 
SER N   H    sing N N 314 
SER N   H2   sing N N 315 
SER CA  C    sing N N 316 
SER CA  CB   sing N N 317 
SER CA  HA   sing N N 318 
SER C   O    doub N N 319 
SER C   OXT  sing N N 320 
SER CB  OG   sing N N 321 
SER CB  HB2  sing N N 322 
SER CB  HB3  sing N N 323 
SER OG  HG   sing N N 324 
SER OXT HXT  sing N N 325 
THR N   CA   sing N N 326 
THR N   H    sing N N 327 
THR N   H2   sing N N 328 
THR CA  C    sing N N 329 
THR CA  CB   sing N N 330 
THR CA  HA   sing N N 331 
THR C   O    doub N N 332 
THR C   OXT  sing N N 333 
THR CB  OG1  sing N N 334 
THR CB  CG2  sing N N 335 
THR CB  HB   sing N N 336 
THR OG1 HG1  sing N N 337 
THR CG2 HG21 sing N N 338 
THR CG2 HG22 sing N N 339 
THR CG2 HG23 sing N N 340 
THR OXT HXT  sing N N 341 
TRP N   CA   sing N N 342 
TRP N   H    sing N N 343 
TRP N   H2   sing N N 344 
TRP CA  C    sing N N 345 
TRP CA  CB   sing N N 346 
TRP CA  HA   sing N N 347 
TRP C   O    doub N N 348 
TRP C   OXT  sing N N 349 
TRP CB  CG   sing N N 350 
TRP CB  HB2  sing N N 351 
TRP CB  HB3  sing N N 352 
TRP CG  CD1  doub Y N 353 
TRP CG  CD2  sing Y N 354 
TRP CD1 NE1  sing Y N 355 
TRP CD1 HD1  sing N N 356 
TRP CD2 CE2  doub Y N 357 
TRP CD2 CE3  sing Y N 358 
TRP NE1 CE2  sing Y N 359 
TRP NE1 HE1  sing N N 360 
TRP CE2 CZ2  sing Y N 361 
TRP CE3 CZ3  doub Y N 362 
TRP CE3 HE3  sing N N 363 
TRP CZ2 CH2  doub Y N 364 
TRP CZ2 HZ2  sing N N 365 
TRP CZ3 CH2  sing Y N 366 
TRP CZ3 HZ3  sing N N 367 
TRP CH2 HH2  sing N N 368 
TRP OXT HXT  sing N N 369 
TYR N   CA   sing N N 370 
TYR N   H    sing N N 371 
TYR N   H2   sing N N 372 
TYR CA  C    sing N N 373 
TYR CA  CB   sing N N 374 
TYR CA  HA   sing N N 375 
TYR C   O    doub N N 376 
TYR C   OXT  sing N N 377 
TYR CB  CG   sing N N 378 
TYR CB  HB2  sing N N 379 
TYR CB  HB3  sing N N 380 
TYR CG  CD1  doub Y N 381 
TYR CG  CD2  sing Y N 382 
TYR CD1 CE1  sing Y N 383 
TYR CD1 HD1  sing N N 384 
TYR CD2 CE2  doub Y N 385 
TYR CD2 HD2  sing N N 386 
TYR CE1 CZ   doub Y N 387 
TYR CE1 HE1  sing N N 388 
TYR CE2 CZ   sing Y N 389 
TYR CE2 HE2  sing N N 390 
TYR CZ  OH   sing N N 391 
TYR OH  HH   sing N N 392 
TYR OXT HXT  sing N N 393 
VAL N   CA   sing N N 394 
VAL N   H    sing N N 395 
VAL N   H2   sing N N 396 
VAL CA  C    sing N N 397 
VAL CA  CB   sing N N 398 
VAL CA  HA   sing N N 399 
VAL C   O    doub N N 400 
VAL C   OXT  sing N N 401 
VAL CB  CG1  sing N N 402 
VAL CB  CG2  sing N N 403 
VAL CB  HB   sing N N 404 
VAL CG1 HG11 sing N N 405 
VAL CG1 HG12 sing N N 406 
VAL CG1 HG13 sing N N 407 
VAL CG2 HG21 sing N N 408 
VAL CG2 HG22 sing N N 409 
VAL CG2 HG23 sing N N 410 
VAL OXT HXT  sing N N 411 
# 
_pdbx_audit_support.funding_organization   'National Health and Medical Research Council (NHMRC, Australia)' 
_pdbx_audit_support.country                Australia 
_pdbx_audit_support.grant_number           ? 
_pdbx_audit_support.ordinal                1 
# 
_pdbx_entity_instance_feature.ordinal        1 
_pdbx_entity_instance_feature.comp_id        ALY 
_pdbx_entity_instance_feature.asym_id        ? 
_pdbx_entity_instance_feature.seq_num        ? 
_pdbx_entity_instance_feature.auth_comp_id   ALY 
_pdbx_entity_instance_feature.auth_asym_id   ? 
_pdbx_entity_instance_feature.auth_seq_num   ? 
_pdbx_entity_instance_feature.feature_type   'SUBJECT OF INVESTIGATION' 
_pdbx_entity_instance_feature.details        ? 
# 
loop_
_pdbx_entity_nonpoly.entity_id 
_pdbx_entity_nonpoly.name 
_pdbx_entity_nonpoly.comp_id 
3 'ACETYL GROUP' ACE 
4 'AMINO GROUP'  NH2 
5 water          HOH 
# 
_pdbx_initial_refinement_model.id               1 
_pdbx_initial_refinement_model.entity_id_list   ? 
_pdbx_initial_refinement_model.type             'experimental model' 
_pdbx_initial_refinement_model.source_name      PDB 
_pdbx_initial_refinement_model.accession_code   3UVV 
_pdbx_initial_refinement_model.details          'PDB entry 3UVV' 
# 
_pdbx_struct_assembly_auth_evidence.id                     1 
_pdbx_struct_assembly_auth_evidence.assembly_id            1 
_pdbx_struct_assembly_auth_evidence.experimental_support   'surface plasmon resonance' 
_pdbx_struct_assembly_auth_evidence.details                ? 
# 
_space_group.name_H-M_alt     'P 1 21 1' 
_space_group.name_Hall        'P 2yb' 
_space_group.IT_number        4 
_space_group.crystal_system   monoclinic 
_space_group.id               1 
# 
